data_4F8U
# 
_entry.id   4F8U 
# 
_audit_conform.dict_name       mmcif_pdbx.dic 
_audit_conform.dict_version    5.388 
_audit_conform.dict_location   http://mmcif.pdb.org/dictionaries/ascii/mmcif_pdbx.dic 
# 
loop_
_database_2.database_id 
_database_2.database_code 
_database_2.pdbx_database_accession 
_database_2.pdbx_DOI 
PDB   4F8U         pdb_00004f8u 10.2210/pdb4f8u/pdb 
NDB   NA1817       ?            ?                   
RCSB  RCSB072600   ?            ?                   
WWPDB D_1000072600 ?            ?                   
# 
loop_
_pdbx_audit_revision_history.ordinal 
_pdbx_audit_revision_history.data_content_type 
_pdbx_audit_revision_history.major_revision 
_pdbx_audit_revision_history.minor_revision 
_pdbx_audit_revision_history.revision_date 
1 'Structure model' 1 0 2012-08-15 
2 'Structure model' 1 1 2012-09-05 
3 'Structure model' 1 2 2019-12-25 
4 'Structure model' 1 3 2024-03-20 
# 
_pdbx_audit_revision_details.ordinal             1 
_pdbx_audit_revision_details.revision_ordinal    1 
_pdbx_audit_revision_details.data_content_type   'Structure model' 
_pdbx_audit_revision_details.provider            repository 
_pdbx_audit_revision_details.type                'Initial release' 
_pdbx_audit_revision_details.description         ? 
_pdbx_audit_revision_details.details             ? 
# 
loop_
_pdbx_audit_revision_group.ordinal 
_pdbx_audit_revision_group.revision_ordinal 
_pdbx_audit_revision_group.data_content_type 
_pdbx_audit_revision_group.group 
1 2 'Structure model' 'Structure summary'    
2 3 'Structure model' 'Database references'  
3 4 'Structure model' 'Data collection'      
4 4 'Structure model' 'Database references'  
5 4 'Structure model' 'Derived calculations' 
# 
loop_
_pdbx_audit_revision_category.ordinal 
_pdbx_audit_revision_category.revision_ordinal 
_pdbx_audit_revision_category.data_content_type 
_pdbx_audit_revision_category.category 
1 3 'Structure model' citation       
2 4 'Structure model' chem_comp_atom 
3 4 'Structure model' chem_comp_bond 
4 4 'Structure model' database_2     
5 4 'Structure model' struct_site    
# 
loop_
_pdbx_audit_revision_item.ordinal 
_pdbx_audit_revision_item.revision_ordinal 
_pdbx_audit_revision_item.data_content_type 
_pdbx_audit_revision_item.item 
1  3 'Structure model' '_citation.journal_abbrev'            
2  3 'Structure model' '_citation.journal_volume'            
3  3 'Structure model' '_citation.page_first'                
4  3 'Structure model' '_citation.page_last'                 
5  3 'Structure model' '_citation.pdbx_database_id_PubMed'   
6  3 'Structure model' '_citation.title'                     
7  4 'Structure model' '_database_2.pdbx_DOI'                
8  4 'Structure model' '_database_2.pdbx_database_accession' 
9  4 'Structure model' '_struct_site.pdbx_auth_asym_id'      
10 4 'Structure model' '_struct_site.pdbx_auth_comp_id'      
11 4 'Structure model' '_struct_site.pdbx_auth_seq_id'       
# 
_pdbx_database_status.status_code                     REL 
_pdbx_database_status.entry_id                        4F8U 
_pdbx_database_status.recvd_initial_deposition_date   2012-05-18 
_pdbx_database_status.deposit_site                    RCSB 
_pdbx_database_status.process_site                    PDBJ 
_pdbx_database_status.methods_development_category    ? 
_pdbx_database_status.status_code_sf                  REL 
_pdbx_database_status.status_code_mr                  ? 
_pdbx_database_status.SG_entry                        ? 
_pdbx_database_status.status_code_cs                  ? 
_pdbx_database_status.pdb_format_compatible           Y 
_pdbx_database_status.status_code_nmr_data            ? 
# 
_pdbx_database_related.db_name        PDB 
_pdbx_database_related.db_id          4F8V 
_pdbx_database_related.details        . 
_pdbx_database_related.content_type   unspecified 
# 
loop_
_audit_author.name 
_audit_author.pdbx_ordinal 
'Kondo, J.'    1 
'Koganei, M.'  2 
'Kasahara, T.' 3 
# 
_citation.id                        primary 
_citation.title                     
'Crystal structure and specific binding mode of sisomicin to the bacterial ribosomal decoding site.' 
_citation.journal_abbrev            'Acs Med.Chem.Lett.' 
_citation.journal_volume            3 
_citation.page_first                741 
_citation.page_last                 744 
_citation.year                      2012 
_citation.journal_id_ASTM           ? 
_citation.country                   US 
_citation.journal_id_ISSN           1948-5875 
_citation.journal_id_CSD            ? 
_citation.book_publisher            ? 
_citation.pdbx_database_id_PubMed   24900542 
_citation.pdbx_database_id_DOI      10.1021/ml300145y 
# 
loop_
_citation_author.citation_id 
_citation_author.name 
_citation_author.ordinal 
_citation_author.identifier_ORCID 
primary 'Kondo, J.'    1 ? 
primary 'Koganei, M.'  2 ? 
primary 'Kasahara, T.' 3 ? 
# 
loop_
_entity.id 
_entity.type 
_entity.src_method 
_entity.pdbx_description 
_entity.formula_weight 
_entity.pdbx_number_of_molecules 
_entity.pdbx_ec 
_entity.pdbx_mutation 
_entity.pdbx_fragment 
_entity.details 
1 polymer     syn 
;RNA (5'-R(P*UP*GP*CP*GP*UP*CP*AP*CP*AP*CP*CP*GP*GP*UP*GP*AP*AP*GP*UP*CP*GP*C)-3')
;
7049.243 1  ? ? ? ? 
2 polymer     syn 
;RNA (5'-R(P*GP*CP*GP*UP*CP*AP*CP*AP*CP*CP*GP*GP*UP*GP*AP*AP*GP*UP*CP*GP*C)-3')
;
6743.077 1  ? ? ? ? 
3 non-polymer syn 
;(1S,2S,3R,4S,6R)-4,6-diamino-3-{[(2S,3R)-3-amino-6-(aminomethyl)-3,4-dihydro-2H-pyran-2-yl]oxy}-2-hydroxycyclohexyl 3-deoxy-4-C-methyl-3-(methylamino)-beta-L-arabinopyranoside
;
447.526  2  ? ? ? ? 
4 water       nat water 18.015   63 ? ? ? ? 
# 
loop_
_entity_poly.entity_id 
_entity_poly.type 
_entity_poly.nstd_linkage 
_entity_poly.nstd_monomer 
_entity_poly.pdbx_seq_one_letter_code 
_entity_poly.pdbx_seq_one_letter_code_can 
_entity_poly.pdbx_strand_id 
_entity_poly.pdbx_target_identifier 
1 polyribonucleotide no no UGCGUCACACCGGUGAAGUCGC UGCGUCACACCGGUGAAGUCGC A ? 
2 polyribonucleotide no no GCGUCACACCGGUGAAGUCGC  GCGUCACACCGGUGAAGUCGC  B ? 
# 
loop_
_pdbx_entity_nonpoly.entity_id 
_pdbx_entity_nonpoly.name 
_pdbx_entity_nonpoly.comp_id 
3 
;(1S,2S,3R,4S,6R)-4,6-diamino-3-{[(2S,3R)-3-amino-6-(aminomethyl)-3,4-dihydro-2H-pyran-2-yl]oxy}-2-hydroxycyclohexyl 3-deoxy-4-C-methyl-3-(methylamino)-beta-L-arabinopyranoside
;
SIS 
4 water HOH 
# 
loop_
_entity_poly_seq.entity_id 
_entity_poly_seq.num 
_entity_poly_seq.mon_id 
_entity_poly_seq.hetero 
1 1  U n 
1 2  G n 
1 3  C n 
1 4  G n 
1 5  U n 
1 6  C n 
1 7  A n 
1 8  C n 
1 9  A n 
1 10 C n 
1 11 C n 
1 12 G n 
1 13 G n 
1 14 U n 
1 15 G n 
1 16 A n 
1 17 A n 
1 18 G n 
1 19 U n 
1 20 C n 
1 21 G n 
1 22 C n 
2 1  G n 
2 2  C n 
2 3  G n 
2 4  U n 
2 5  C n 
2 6  A n 
2 7  C n 
2 8  A n 
2 9  C n 
2 10 C n 
2 11 G n 
2 12 G n 
2 13 U n 
2 14 G n 
2 15 A n 
2 16 A n 
2 17 G n 
2 18 U n 
2 19 C n 
2 20 G n 
2 21 C n 
# 
loop_
_chem_comp.id 
_chem_comp.type 
_chem_comp.mon_nstd_flag 
_chem_comp.name 
_chem_comp.pdbx_synonyms 
_chem_comp.formula 
_chem_comp.formula_weight 
A   'RNA linking' y "ADENOSINE-5'-MONOPHOSPHATE" ?         'C10 H14 N5 O7 P' 347.221 
C   'RNA linking' y "CYTIDINE-5'-MONOPHOSPHATE" ?         'C9 H14 N3 O8 P'  323.197 
G   'RNA linking' y "GUANOSINE-5'-MONOPHOSPHATE" ?         'C10 H14 N5 O8 P' 363.221 
HOH non-polymer   . WATER ?         'H2 O'            18.015  
SIS non-polymer   . 
;(1S,2S,3R,4S,6R)-4,6-diamino-3-{[(2S,3R)-3-amino-6-(aminomethyl)-3,4-dihydro-2H-pyran-2-yl]oxy}-2-hydroxycyclohexyl 3-deoxy-4-C-methyl-3-(methylamino)-beta-L-arabinopyranoside
;
Sisomicin 'C19 H37 N5 O7'   447.526 
U   'RNA linking' y "URIDINE-5'-MONOPHOSPHATE" ?         'C9 H13 N2 O9 P'  324.181 
# 
loop_
_pdbx_poly_seq_scheme.asym_id 
_pdbx_poly_seq_scheme.entity_id 
_pdbx_poly_seq_scheme.seq_id 
_pdbx_poly_seq_scheme.mon_id 
_pdbx_poly_seq_scheme.ndb_seq_num 
_pdbx_poly_seq_scheme.pdb_seq_num 
_pdbx_poly_seq_scheme.auth_seq_num 
_pdbx_poly_seq_scheme.pdb_mon_id 
_pdbx_poly_seq_scheme.auth_mon_id 
_pdbx_poly_seq_scheme.pdb_strand_id 
_pdbx_poly_seq_scheme.pdb_ins_code 
_pdbx_poly_seq_scheme.hetero 
A 1 1  U 1  2  2  U U A . n 
A 1 2  G 2  3  3  G G A . n 
A 1 3  C 3  4  4  C C A . n 
A 1 4  G 4  5  5  G G A . n 
A 1 5  U 5  6  6  U U A . n 
A 1 6  C 6  7  7  C C A . n 
A 1 7  A 7  8  8  A A A . n 
A 1 8  C 8  9  9  C C A . n 
A 1 9  A 9  10 10 A A A . n 
A 1 10 C 10 11 11 C C A . n 
A 1 11 C 11 12 12 C C A . n 
A 1 12 G 12 13 13 G G A . n 
A 1 13 G 13 14 14 G G A . n 
A 1 14 U 14 15 15 U U A . n 
A 1 15 G 15 16 16 G G A . n 
A 1 16 A 16 17 17 A A A . n 
A 1 17 A 17 18 18 A A A . n 
A 1 18 G 18 19 19 G G A . n 
A 1 19 U 19 20 20 U U A . n 
A 1 20 C 20 21 21 C C A . n 
A 1 21 G 21 22 22 G G A . n 
A 1 22 C 22 23 23 C C A . n 
B 2 1  G 1  26 26 G G B . n 
B 2 2  C 2  27 27 C C B . n 
B 2 3  G 3  28 28 G G B . n 
B 2 4  U 4  29 29 U U B . n 
B 2 5  C 5  30 30 C C B . n 
B 2 6  A 6  31 31 A A B . n 
B 2 7  C 7  32 32 C C B . n 
B 2 8  A 8  33 33 A A B . n 
B 2 9  C 9  34 34 C C B . n 
B 2 10 C 10 35 35 C C B . n 
B 2 11 G 11 36 36 G G B . n 
B 2 12 G 12 37 37 G G B . n 
B 2 13 U 13 38 38 U U B . n 
B 2 14 G 14 39 39 G G B . n 
B 2 15 A 15 40 40 A A B . n 
B 2 16 A 16 41 41 A A B . n 
B 2 17 G 17 42 42 G G B . n 
B 2 18 U 18 43 43 U U B . n 
B 2 19 C 19 44 44 C C B . n 
B 2 20 G 20 45 45 G G B . n 
B 2 21 C 21 46 46 C C B . n 
# 
loop_
_pdbx_nonpoly_scheme.asym_id 
_pdbx_nonpoly_scheme.entity_id 
_pdbx_nonpoly_scheme.mon_id 
_pdbx_nonpoly_scheme.ndb_seq_num 
_pdbx_nonpoly_scheme.pdb_seq_num 
_pdbx_nonpoly_scheme.auth_seq_num 
_pdbx_nonpoly_scheme.pdb_mon_id 
_pdbx_nonpoly_scheme.auth_mon_id 
_pdbx_nonpoly_scheme.pdb_strand_id 
_pdbx_nonpoly_scheme.pdb_ins_code 
C 3 SIS 1  101 51  SIS SIS A . 
D 3 SIS 1  101 52  SIS SIS B . 
E 4 HOH 1  201 105 HOH HOH A . 
E 4 HOH 2  202 108 HOH HOH A . 
E 4 HOH 3  203 109 HOH HOH A . 
E 4 HOH 4  204 111 HOH HOH A . 
E 4 HOH 5  205 112 HOH HOH A . 
E 4 HOH 6  206 114 HOH HOH A . 
E 4 HOH 7  207 115 HOH HOH A . 
E 4 HOH 8  208 116 HOH HOH A . 
E 4 HOH 9  209 118 HOH HOH A . 
E 4 HOH 10 210 119 HOH HOH A . 
E 4 HOH 11 211 123 HOH HOH A . 
E 4 HOH 12 212 124 HOH HOH A . 
E 4 HOH 13 213 130 HOH HOH A . 
E 4 HOH 14 214 131 HOH HOH A . 
E 4 HOH 15 215 132 HOH HOH A . 
E 4 HOH 16 216 137 HOH HOH A . 
E 4 HOH 17 217 139 HOH HOH A . 
E 4 HOH 18 218 140 HOH HOH A . 
E 4 HOH 19 219 142 HOH HOH A . 
E 4 HOH 20 220 143 HOH HOH A . 
E 4 HOH 21 221 144 HOH HOH A . 
E 4 HOH 22 222 146 HOH HOH A . 
E 4 HOH 23 223 147 HOH HOH A . 
E 4 HOH 24 224 149 HOH HOH A . 
E 4 HOH 25 225 151 HOH HOH A . 
E 4 HOH 26 226 155 HOH HOH A . 
E 4 HOH 27 227 156 HOH HOH A . 
E 4 HOH 28 228 157 HOH HOH A . 
E 4 HOH 29 229 158 HOH HOH A . 
E 4 HOH 30 230 162 HOH HOH A . 
E 4 HOH 31 231 163 HOH HOH A . 
F 4 HOH 1  201 104 HOH HOH B . 
F 4 HOH 2  202 101 HOH HOH B . 
F 4 HOH 3  203 102 HOH HOH B . 
F 4 HOH 4  204 103 HOH HOH B . 
F 4 HOH 5  205 106 HOH HOH B . 
F 4 HOH 6  206 107 HOH HOH B . 
F 4 HOH 7  207 110 HOH HOH B . 
F 4 HOH 8  208 113 HOH HOH B . 
F 4 HOH 9  209 117 HOH HOH B . 
F 4 HOH 10 210 120 HOH HOH B . 
F 4 HOH 11 211 121 HOH HOH B . 
F 4 HOH 12 212 122 HOH HOH B . 
F 4 HOH 13 213 125 HOH HOH B . 
F 4 HOH 14 214 126 HOH HOH B . 
F 4 HOH 15 215 127 HOH HOH B . 
F 4 HOH 16 216 128 HOH HOH B . 
F 4 HOH 17 217 129 HOH HOH B . 
F 4 HOH 18 218 133 HOH HOH B . 
F 4 HOH 19 219 134 HOH HOH B . 
F 4 HOH 20 220 135 HOH HOH B . 
F 4 HOH 21 221 136 HOH HOH B . 
F 4 HOH 22 222 138 HOH HOH B . 
F 4 HOH 23 223 141 HOH HOH B . 
F 4 HOH 24 224 145 HOH HOH B . 
F 4 HOH 25 225 148 HOH HOH B . 
F 4 HOH 26 226 150 HOH HOH B . 
F 4 HOH 27 227 152 HOH HOH B . 
F 4 HOH 28 228 153 HOH HOH B . 
F 4 HOH 29 229 154 HOH HOH B . 
F 4 HOH 30 230 159 HOH HOH B . 
F 4 HOH 31 231 160 HOH HOH B . 
F 4 HOH 32 232 161 HOH HOH B . 
# 
loop_
_software.name 
_software.classification 
_software.version 
_software.citation_id 
_software.pdbx_ordinal 
ADSC         'data collection' Quantum ? 1 
PHENIX       'model building'  .       ? 2 
CNS          refinement        1.3     ? 3 
CrystalClear 'data reduction'  .       ? 4 
CrystalClear 'data scaling'    .       ? 5 
PHENIX       phasing           .       ? 6 
# 
_cell.entry_id           4F8U 
_cell.length_a           115.110 
_cell.length_b           28.750 
_cell.length_c           43.740 
_cell.angle_alpha        90.00 
_cell.angle_beta         97.17 
_cell.angle_gamma        90.00 
_cell.Z_PDB              4 
_cell.pdbx_unique_axis   ? 
_cell.length_a_esd       ? 
_cell.length_b_esd       ? 
_cell.length_c_esd       ? 
_cell.angle_alpha_esd    ? 
_cell.angle_beta_esd     ? 
_cell.angle_gamma_esd    ? 
# 
_symmetry.entry_id                         4F8U 
_symmetry.space_group_name_H-M             'C 1 2 1' 
_symmetry.pdbx_full_space_group_name_H-M   ? 
_symmetry.cell_setting                     ? 
_symmetry.Int_Tables_number                5 
_symmetry.space_group_name_Hall            ? 
# 
_exptl.entry_id          4F8U 
_exptl.method            'X-RAY DIFFRACTION' 
_exptl.crystals_number   1 
# 
_exptl_crystal.id                    1 
_exptl_crystal.density_meas          ? 
_exptl_crystal.density_Matthews      2.60 
_exptl_crystal.density_percent_sol   52.75 
_exptl_crystal.description           ? 
_exptl_crystal.F_000                 ? 
_exptl_crystal.preparation           ? 
# 
_exptl_crystal_grow.crystal_id      1 
_exptl_crystal_grow.method          'VAPOR DIFFUSION, HANGING DROP' 
_exptl_crystal_grow.temp            293 
_exptl_crystal_grow.temp_details    ? 
_exptl_crystal_grow.pH              7 
_exptl_crystal_grow.pdbx_details    'Na Cacodylate, Spermine, NH4Cl, MPD, pH 7, VAPOR DIFFUSION, HANGING DROP, temperature 293K' 
_exptl_crystal_grow.pdbx_pH_range   ? 
# 
_diffrn.id                     1 
_diffrn.ambient_temp           100 
_diffrn.ambient_temp_details   ? 
_diffrn.crystal_id             1 
# 
_diffrn_detector.diffrn_id              1 
_diffrn_detector.detector               CCD 
_diffrn_detector.type                   'ADSC QUANTUM 210r' 
_diffrn_detector.pdbx_collection_date   2010-10-30 
_diffrn_detector.details                ? 
# 
_diffrn_radiation.diffrn_id                        1 
_diffrn_radiation.wavelength_id                    1 
_diffrn_radiation.pdbx_monochromatic_or_laue_m_l   M 
_diffrn_radiation.monochromator                    ? 
_diffrn_radiation.pdbx_diffrn_protocol             'SINGLE WAVELENGTH' 
_diffrn_radiation.pdbx_scattering_type             x-ray 
# 
_diffrn_radiation_wavelength.id           1 
_diffrn_radiation_wavelength.wavelength   1.0 
_diffrn_radiation_wavelength.wt           1.0 
# 
_diffrn_source.diffrn_id                   1 
_diffrn_source.source                      SYNCHROTRON 
_diffrn_source.type                        'PHOTON FACTORY BEAMLINE AR-NW12A' 
_diffrn_source.pdbx_synchrotron_site       'Photon Factory' 
_diffrn_source.pdbx_synchrotron_beamline   AR-NW12A 
_diffrn_source.pdbx_wavelength             ? 
_diffrn_source.pdbx_wavelength_list        1.0 
# 
_reflns.entry_id                     4F8U 
_reflns.observed_criterion_sigma_I   ? 
_reflns.observed_criterion_sigma_F   ? 
_reflns.d_resolution_low             18.3 
_reflns.d_resolution_high            2.0 
_reflns.number_obs                   9679 
_reflns.number_all                   ? 
_reflns.percent_possible_obs         ? 
_reflns.pdbx_Rmerge_I_obs            ? 
_reflns.pdbx_Rsym_value              ? 
_reflns.pdbx_netI_over_sigmaI        ? 
_reflns.B_iso_Wilson_estimate        ? 
_reflns.pdbx_redundancy              ? 
_reflns.R_free_details               ? 
_reflns.limit_h_max                  ? 
_reflns.limit_h_min                  ? 
_reflns.limit_k_max                  ? 
_reflns.limit_k_min                  ? 
_reflns.limit_l_max                  ? 
_reflns.limit_l_min                  ? 
_reflns.observed_criterion_F_max     ? 
_reflns.observed_criterion_F_min     ? 
_reflns.pdbx_chi_squared             ? 
_reflns.pdbx_scaling_rejects         ? 
_reflns.pdbx_ordinal                 1 
_reflns.pdbx_diffrn_id               1 
# 
_refine.entry_id                                 4F8U 
_refine.ls_number_reflns_obs                     9679 
_refine.ls_number_reflns_all                     ? 
_refine.pdbx_ls_sigma_I                          ? 
_refine.pdbx_ls_sigma_F                          ? 
_refine.pdbx_data_cutoff_high_absF               ? 
_refine.pdbx_data_cutoff_low_absF                ? 
_refine.pdbx_data_cutoff_high_rms_absF           ? 
_refine.ls_d_res_low                             18.3 
_refine.ls_d_res_high                            2.0 
_refine.ls_percent_reflns_obs                    97.9000 
_refine.ls_R_factor_obs                          ? 
_refine.ls_R_factor_all                          ? 
_refine.ls_R_factor_R_work                       0.258 
_refine.ls_percent_reflns_R_free                 10.1000 
_refine.ls_R_factor_R_free                       0.268 
_refine.ls_R_factor_R_free_error                 ? 
_refine.ls_R_factor_R_free_error_details         ? 
_refine.ls_number_reflns_R_free                  ? 
_refine.ls_number_parameters                     ? 
_refine.ls_number_restraints                     ? 
_refine.correlation_coeff_Fo_to_Fc               ? 
_refine.correlation_coeff_Fo_to_Fc_free          ? 
_refine.B_iso_mean                               54.7982 
_refine.solvent_model_param_bsol                 45.7548 
_refine.solvent_model_param_ksol                 ? 
_refine.pdbx_isotropic_thermal_model             ? 
_refine.aniso_B[1][1]                            -16.0360 
_refine.aniso_B[2][2]                            28.8450 
_refine.aniso_B[3][3]                            -12.8090 
_refine.aniso_B[1][2]                            0.0000 
_refine.aniso_B[1][3]                            -1.9930 
_refine.aniso_B[2][3]                            0.0000 
_refine.pdbx_solvent_vdw_probe_radii             ? 
_refine.pdbx_solvent_ion_probe_radii             ? 
_refine.pdbx_solvent_shrinkage_radii             ? 
_refine.pdbx_ls_cross_valid_method               ? 
_refine.details                                  ? 
_refine.pdbx_starting_model                      ? 
_refine.pdbx_method_to_determine_struct          'MOLECULAR REPLACEMENT' 
_refine.pdbx_stereochemistry_target_values       ? 
_refine.pdbx_stereochem_target_val_spec_case     ? 
_refine.pdbx_R_Free_selection_details            ? 
_refine.pdbx_overall_ESU_R                       ? 
_refine.pdbx_overall_ESU_R_Free                  ? 
_refine.overall_SU_ML                            ? 
_refine.B_iso_max                                88.550 
_refine.B_iso_min                                32.350 
_refine.pdbx_overall_phase_error                 ? 
_refine.occupancy_max                            1.000 
_refine.occupancy_min                            1.000 
_refine.ls_redundancy_reflns_obs                 ? 
_refine.solvent_model_details                    ? 
_refine.overall_SU_B                             ? 
_refine.overall_SU_R_Cruickshank_DPI             ? 
_refine.overall_SU_R_free                        ? 
_refine.ls_wR_factor_R_free                      ? 
_refine.ls_wR_factor_R_work                      ? 
_refine.overall_FOM_free_R_set                   ? 
_refine.overall_FOM_work_R_set                   ? 
_refine.pdbx_diffrn_id                           1 
_refine.pdbx_refine_id                           'X-RAY DIFFRACTION' 
_refine.pdbx_TLS_residual_ADP_flag               ? 
_refine.pdbx_overall_SU_R_free_Cruickshank_DPI   ? 
_refine.pdbx_overall_SU_R_Blow_DPI               ? 
_refine.pdbx_overall_SU_R_free_Blow_DPI          ? 
# 
_refine_hist.pdbx_refine_id                   'X-RAY DIFFRACTION' 
_refine_hist.cycle_id                         LAST 
_refine_hist.pdbx_number_atoms_protein        0 
_refine_hist.pdbx_number_atoms_nucleic_acid   920 
_refine_hist.pdbx_number_atoms_ligand         62 
_refine_hist.number_atoms_solvent             63 
_refine_hist.number_atoms_total               1045 
_refine_hist.d_res_high                       2.0 
_refine_hist.d_res_low                        18.3 
# 
loop_
_refine_ls_restr.pdbx_refine_id 
_refine_ls_restr.type 
_refine_ls_restr.number 
_refine_ls_restr.dev_ideal 
_refine_ls_restr.dev_ideal_target 
_refine_ls_restr.weight 
_refine_ls_restr.pdbx_restraint_function 
'X-RAY DIFFRACTION' c_bond_d     ? 0.005 ?     ? ? 
'X-RAY DIFFRACTION' c_angle_d    ? 0.947 ?     ? ? 
'X-RAY DIFFRACTION' c_mcbond_it  ? 0.000 1.500 ? ? 
'X-RAY DIFFRACTION' c_scbond_it  ? 1.627 2.000 ? ? 
'X-RAY DIFFRACTION' c_mcangle_it ? 0.000 2.000 ? ? 
'X-RAY DIFFRACTION' c_scangle_it ? 2.363 2.500 ? ? 
# 
loop_
_refine_ls_shell.d_res_high 
_refine_ls_shell.d_res_low 
_refine_ls_shell.pdbx_total_number_of_bins_used 
_refine_ls_shell.percent_reflns_obs 
_refine_ls_shell.number_reflns_R_work 
_refine_ls_shell.R_factor_all 
_refine_ls_shell.R_factor_R_work 
_refine_ls_shell.R_factor_R_free 
_refine_ls_shell.percent_reflns_R_free 
_refine_ls_shell.number_reflns_R_free 
_refine_ls_shell.R_factor_R_free_error 
_refine_ls_shell.number_reflns_all 
_refine_ls_shell.number_reflns_obs 
_refine_ls_shell.pdbx_refine_id 
_refine_ls_shell.redundancy_reflns_obs 
2.0000 2.0700   10 97.7000  855 . 0.5090 0.5046 . 95  . 950  . 'X-RAY DIFFRACTION' . 
2.0700 2.1500   10 98.3000  845 . 0.4578 0.4755 . 96  . 941  . 'X-RAY DIFFRACTION' . 
2.1500 2.2500   10 98.2000  859 . 0.4438 0.3944 . 112 . 971  . 'X-RAY DIFFRACTION' . 
2.2500 2.3700   10 97.8000  868 . 0.3691 0.3551 . 99  . 967  . 'X-RAY DIFFRACTION' . 
2.3700 2.5200   10 98.0000  833 . 0.3309 0.3327 . 110 . 943  . 'X-RAY DIFFRACTION' . 
2.5200 2.7100   10 98.2000  871 . 0.3322 0.3345 . 90  . 961  . 'X-RAY DIFFRACTION' . 
2.7100 2.9900   10 99.1000  886 . 0.3319 0.3293 . 104 . 990  . 'X-RAY DIFFRACTION' . 
2.9900 3.4200   10 99.8000  891 . 0.2687 0.3260 . 98  . 989  . 'X-RAY DIFFRACTION' . 
3.4200 4.3100   10 100.0000 921 . 0.2176 0.2179 . 82  . 1003 . 'X-RAY DIFFRACTION' . 
4.3100 100.0000 10 91.9000  850 . 0.1635 0.1674 . 114 . 964  . 'X-RAY DIFFRACTION' . 
# 
loop_
_pdbx_xplor_file.pdbx_refine_id 
_pdbx_xplor_file.serial_no 
_pdbx_xplor_file.param_file 
_pdbx_xplor_file.topol_file 
'X-RAY DIFFRACTION' 1 dna-rna_rep.param ? 
'X-RAY DIFFRACTION' 2 water_rep.param   ? 
'X-RAY DIFFRACTION' 3 ion.param         ? 
'X-RAY DIFFRACTION' 4 sis_xplor.param   ? 
# 
_struct.entry_id                  4F8U 
_struct.title                     'Crystal structure of the bacterial ribosomal decoding site in complex with sisomicin (C2 form)' 
_struct.pdbx_model_details        ? 
_struct.pdbx_CASP_flag            ? 
_struct.pdbx_model_type_details   ? 
# 
_struct_keywords.entry_id        4F8U 
_struct_keywords.pdbx_keywords   RNA/ANTIBIOTIC 
_struct_keywords.text            'decoding, ribosome, RNA-ANTIBIOTIC complex' 
# 
loop_
_struct_asym.id 
_struct_asym.pdbx_blank_PDB_chainid_flag 
_struct_asym.pdbx_modified 
_struct_asym.entity_id 
_struct_asym.details 
A N N 1 ? 
B N N 2 ? 
C N N 3 ? 
D N N 3 ? 
E N N 4 ? 
F N N 4 ? 
# 
loop_
_struct_ref.id 
_struct_ref.db_name 
_struct_ref.db_code 
_struct_ref.pdbx_db_accession 
_struct_ref.entity_id 
_struct_ref.pdbx_align_begin 
_struct_ref.pdbx_seq_one_letter_code 
_struct_ref.pdbx_db_isoform 
1 PDB 4F8U 4F8U 1 ? ? ? 
2 PDB 4F8U 4F8U 2 ? ? ? 
# 
loop_
_struct_ref_seq.align_id 
_struct_ref_seq.ref_id 
_struct_ref_seq.pdbx_PDB_id_code 
_struct_ref_seq.pdbx_strand_id 
_struct_ref_seq.seq_align_beg 
_struct_ref_seq.pdbx_seq_align_beg_ins_code 
_struct_ref_seq.seq_align_end 
_struct_ref_seq.pdbx_seq_align_end_ins_code 
_struct_ref_seq.pdbx_db_accession 
_struct_ref_seq.db_align_beg 
_struct_ref_seq.pdbx_db_align_beg_ins_code 
_struct_ref_seq.db_align_end 
_struct_ref_seq.pdbx_db_align_end_ins_code 
_struct_ref_seq.pdbx_auth_seq_align_beg 
_struct_ref_seq.pdbx_auth_seq_align_end 
1 1 4F8U A 1 ? 22 ? 4F8U 2  ? 23 ? 2  23 
2 2 4F8U B 1 ? 21 ? 4F8U 26 ? 46 ? 26 46 
# 
_pdbx_struct_assembly.id                   1 
_pdbx_struct_assembly.details              author_and_software_defined_assembly 
_pdbx_struct_assembly.method_details       PISA 
_pdbx_struct_assembly.oligomeric_details   dimeric 
_pdbx_struct_assembly.oligomeric_count     2 
# 
loop_
_pdbx_struct_assembly_prop.biol_id 
_pdbx_struct_assembly_prop.type 
_pdbx_struct_assembly_prop.value 
_pdbx_struct_assembly_prop.details 
1 'ABSA (A^2)' 2570 ? 
1 MORE         -17  ? 
1 'SSA (A^2)'  8290 ? 
# 
_pdbx_struct_assembly_gen.assembly_id       1 
_pdbx_struct_assembly_gen.oper_expression   1 
_pdbx_struct_assembly_gen.asym_id_list      A,B,C,D,E,F 
# 
_pdbx_struct_oper_list.id                   1 
_pdbx_struct_oper_list.type                 'identity operation' 
_pdbx_struct_oper_list.name                 1_555 
_pdbx_struct_oper_list.symmetry_operation   x,y,z 
_pdbx_struct_oper_list.matrix[1][1]         1.0000000000 
_pdbx_struct_oper_list.matrix[1][2]         0.0000000000 
_pdbx_struct_oper_list.matrix[1][3]         0.0000000000 
_pdbx_struct_oper_list.vector[1]            0.0000000000 
_pdbx_struct_oper_list.matrix[2][1]         0.0000000000 
_pdbx_struct_oper_list.matrix[2][2]         1.0000000000 
_pdbx_struct_oper_list.matrix[2][3]         0.0000000000 
_pdbx_struct_oper_list.vector[2]            0.0000000000 
_pdbx_struct_oper_list.matrix[3][1]         0.0000000000 
_pdbx_struct_oper_list.matrix[3][2]         0.0000000000 
_pdbx_struct_oper_list.matrix[3][3]         1.0000000000 
_pdbx_struct_oper_list.vector[3]            0.0000000000 
# 
_struct_biol.id        1 
_struct_biol.details   ? 
# 
loop_
_struct_conn.id 
_struct_conn.conn_type_id 
_struct_conn.pdbx_leaving_atom_flag 
_struct_conn.pdbx_PDB_id 
_struct_conn.ptnr1_label_asym_id 
_struct_conn.ptnr1_label_comp_id 
_struct_conn.ptnr1_label_seq_id 
_struct_conn.ptnr1_label_atom_id 
_struct_conn.pdbx_ptnr1_label_alt_id 
_struct_conn.pdbx_ptnr1_PDB_ins_code 
_struct_conn.pdbx_ptnr1_standard_comp_id 
_struct_conn.ptnr1_symmetry 
_struct_conn.ptnr2_label_asym_id 
_struct_conn.ptnr2_label_comp_id 
_struct_conn.ptnr2_label_seq_id 
_struct_conn.ptnr2_label_atom_id 
_struct_conn.pdbx_ptnr2_label_alt_id 
_struct_conn.pdbx_ptnr2_PDB_ins_code 
_struct_conn.ptnr1_auth_asym_id 
_struct_conn.ptnr1_auth_comp_id 
_struct_conn.ptnr1_auth_seq_id 
_struct_conn.ptnr2_auth_asym_id 
_struct_conn.ptnr2_auth_comp_id 
_struct_conn.ptnr2_auth_seq_id 
_struct_conn.ptnr2_symmetry 
_struct_conn.pdbx_ptnr3_label_atom_id 
_struct_conn.pdbx_ptnr3_label_seq_id 
_struct_conn.pdbx_ptnr3_label_comp_id 
_struct_conn.pdbx_ptnr3_label_asym_id 
_struct_conn.pdbx_ptnr3_label_alt_id 
_struct_conn.pdbx_ptnr3_PDB_ins_code 
_struct_conn.details 
_struct_conn.pdbx_dist_value 
_struct_conn.pdbx_value_order 
_struct_conn.pdbx_role 
hydrog1  hydrog ? ? A G 2  N1 ? ? ? 1_555 B C 21 N3 ? ? A G 3  B C 46 1_555 ? ? ? ? ? ? WATSON-CRICK  ? ? ? 
hydrog2  hydrog ? ? A G 2  N2 ? ? ? 1_555 B C 21 O2 ? ? A G 3  B C 46 1_555 ? ? ? ? ? ? WATSON-CRICK  ? ? ? 
hydrog3  hydrog ? ? A G 2  O6 ? ? ? 1_555 B C 21 N4 ? ? A G 3  B C 46 1_555 ? ? ? ? ? ? WATSON-CRICK  ? ? ? 
hydrog4  hydrog ? ? A C 3  N3 ? ? ? 1_555 B G 20 N1 ? ? A C 4  B G 45 1_555 ? ? ? ? ? ? WATSON-CRICK  ? ? ? 
hydrog5  hydrog ? ? A C 3  N4 ? ? ? 1_555 B G 20 O6 ? ? A C 4  B G 45 1_555 ? ? ? ? ? ? WATSON-CRICK  ? ? ? 
hydrog6  hydrog ? ? A C 3  O2 ? ? ? 1_555 B G 20 N2 ? ? A C 4  B G 45 1_555 ? ? ? ? ? ? WATSON-CRICK  ? ? ? 
hydrog7  hydrog ? ? A G 4  N1 ? ? ? 1_555 B C 19 N3 ? ? A G 5  B C 44 1_555 ? ? ? ? ? ? WATSON-CRICK  ? ? ? 
hydrog8  hydrog ? ? A G 4  N2 ? ? ? 1_555 B C 19 O2 ? ? A G 5  B C 44 1_555 ? ? ? ? ? ? WATSON-CRICK  ? ? ? 
hydrog9  hydrog ? ? A G 4  O6 ? ? ? 1_555 B C 19 N4 ? ? A G 5  B C 44 1_555 ? ? ? ? ? ? WATSON-CRICK  ? ? ? 
hydrog10 hydrog ? ? A U 5  O4 ? ? ? 1_555 B U 18 N3 ? ? A U 6  B U 43 1_555 ? ? ? ? ? ? 'U-U MISPAIR' ? ? ? 
hydrog11 hydrog ? ? A C 6  N3 ? ? ? 1_555 B G 17 N1 ? ? A C 7  B G 42 1_555 ? ? ? ? ? ? WATSON-CRICK  ? ? ? 
hydrog12 hydrog ? ? A C 6  N4 ? ? ? 1_555 B G 17 O6 ? ? A C 7  B G 42 1_555 ? ? ? ? ? ? WATSON-CRICK  ? ? ? 
hydrog13 hydrog ? ? A C 6  O2 ? ? ? 1_555 B G 17 N2 ? ? A C 7  B G 42 1_555 ? ? ? ? ? ? WATSON-CRICK  ? ? ? 
hydrog14 hydrog ? ? A C 8  N3 ? ? ? 1_555 B G 14 N1 ? ? A C 9  B G 39 1_555 ? ? ? ? ? ? WATSON-CRICK  ? ? ? 
hydrog15 hydrog ? ? A C 8  N4 ? ? ? 1_555 B G 14 O6 ? ? A C 9  B G 39 1_555 ? ? ? ? ? ? WATSON-CRICK  ? ? ? 
hydrog16 hydrog ? ? A C 8  O2 ? ? ? 1_555 B G 14 N2 ? ? A C 9  B G 39 1_555 ? ? ? ? ? ? WATSON-CRICK  ? ? ? 
hydrog17 hydrog ? ? A A 9  N1 ? ? ? 1_555 B U 13 N3 ? ? A A 10 B U 38 1_555 ? ? ? ? ? ? WATSON-CRICK  ? ? ? 
hydrog18 hydrog ? ? A A 9  N6 ? ? ? 1_555 B U 13 O4 ? ? A A 10 B U 38 1_555 ? ? ? ? ? ? WATSON-CRICK  ? ? ? 
hydrog19 hydrog ? ? A C 10 N3 ? ? ? 1_555 B G 12 N1 ? ? A C 11 B G 37 1_555 ? ? ? ? ? ? WATSON-CRICK  ? ? ? 
hydrog20 hydrog ? ? A C 10 N4 ? ? ? 1_555 B G 12 O6 ? ? A C 11 B G 37 1_555 ? ? ? ? ? ? WATSON-CRICK  ? ? ? 
hydrog21 hydrog ? ? A C 10 O2 ? ? ? 1_555 B G 12 N2 ? ? A C 11 B G 37 1_555 ? ? ? ? ? ? WATSON-CRICK  ? ? ? 
hydrog22 hydrog ? ? A C 11 N3 ? ? ? 1_555 B G 11 N1 ? ? A C 12 B G 36 1_555 ? ? ? ? ? ? WATSON-CRICK  ? ? ? 
hydrog23 hydrog ? ? A C 11 N4 ? ? ? 1_555 B G 11 O6 ? ? A C 12 B G 36 1_555 ? ? ? ? ? ? WATSON-CRICK  ? ? ? 
hydrog24 hydrog ? ? A C 11 O2 ? ? ? 1_555 B G 11 N2 ? ? A C 12 B G 36 1_555 ? ? ? ? ? ? WATSON-CRICK  ? ? ? 
hydrog25 hydrog ? ? A G 12 N1 ? ? ? 1_555 B C 10 N3 ? ? A G 13 B C 35 1_555 ? ? ? ? ? ? WATSON-CRICK  ? ? ? 
hydrog26 hydrog ? ? A G 12 N2 ? ? ? 1_555 B C 10 O2 ? ? A G 13 B C 35 1_555 ? ? ? ? ? ? WATSON-CRICK  ? ? ? 
hydrog27 hydrog ? ? A G 12 O6 ? ? ? 1_555 B C 10 N4 ? ? A G 13 B C 35 1_555 ? ? ? ? ? ? WATSON-CRICK  ? ? ? 
hydrog28 hydrog ? ? A G 13 N1 ? ? ? 1_555 B C 9  N3 ? ? A G 14 B C 34 1_555 ? ? ? ? ? ? WATSON-CRICK  ? ? ? 
hydrog29 hydrog ? ? A G 13 N2 ? ? ? 1_555 B C 9  O2 ? ? A G 14 B C 34 1_555 ? ? ? ? ? ? WATSON-CRICK  ? ? ? 
hydrog30 hydrog ? ? A G 13 O6 ? ? ? 1_555 B C 9  N4 ? ? A G 14 B C 34 1_555 ? ? ? ? ? ? WATSON-CRICK  ? ? ? 
hydrog31 hydrog ? ? A U 14 N3 ? ? ? 1_555 B A 8  N1 ? ? A U 15 B A 33 1_555 ? ? ? ? ? ? WATSON-CRICK  ? ? ? 
hydrog32 hydrog ? ? A U 14 O4 ? ? ? 1_555 B A 8  N6 ? ? A U 15 B A 33 1_555 ? ? ? ? ? ? WATSON-CRICK  ? ? ? 
hydrog33 hydrog ? ? A G 15 N1 ? ? ? 1_555 B C 7  N3 ? ? A G 16 B C 32 1_555 ? ? ? ? ? ? WATSON-CRICK  ? ? ? 
hydrog34 hydrog ? ? A G 15 N2 ? ? ? 1_555 B C 7  O2 ? ? A G 16 B C 32 1_555 ? ? ? ? ? ? WATSON-CRICK  ? ? ? 
hydrog35 hydrog ? ? A G 15 O6 ? ? ? 1_555 B C 7  N4 ? ? A G 16 B C 32 1_555 ? ? ? ? ? ? WATSON-CRICK  ? ? ? 
hydrog36 hydrog ? ? A G 18 N1 ? ? ? 1_555 B C 5  N3 ? ? A G 19 B C 30 1_555 ? ? ? ? ? ? WATSON-CRICK  ? ? ? 
hydrog37 hydrog ? ? A G 18 N2 ? ? ? 1_555 B C 5  O2 ? ? A G 19 B C 30 1_555 ? ? ? ? ? ? WATSON-CRICK  ? ? ? 
hydrog38 hydrog ? ? A G 18 O6 ? ? ? 1_555 B C 5  N4 ? ? A G 19 B C 30 1_555 ? ? ? ? ? ? WATSON-CRICK  ? ? ? 
hydrog39 hydrog ? ? A U 19 N3 ? ? ? 1_555 B U 4  O4 ? ? A U 20 B U 29 1_555 ? ? ? ? ? ? 'U-U MISPAIR' ? ? ? 
hydrog40 hydrog ? ? A C 20 N3 ? ? ? 1_555 B G 3  N1 ? ? A C 21 B G 28 1_555 ? ? ? ? ? ? WATSON-CRICK  ? ? ? 
hydrog41 hydrog ? ? A C 20 N4 ? ? ? 1_555 B G 3  O6 ? ? A C 21 B G 28 1_555 ? ? ? ? ? ? WATSON-CRICK  ? ? ? 
hydrog42 hydrog ? ? A C 20 O2 ? ? ? 1_555 B G 3  N2 ? ? A C 21 B G 28 1_555 ? ? ? ? ? ? WATSON-CRICK  ? ? ? 
hydrog43 hydrog ? ? A G 21 N1 ? ? ? 1_555 B C 2  N3 ? ? A G 22 B C 27 1_555 ? ? ? ? ? ? WATSON-CRICK  ? ? ? 
hydrog44 hydrog ? ? A G 21 N2 ? ? ? 1_555 B C 2  O2 ? ? A G 22 B C 27 1_555 ? ? ? ? ? ? WATSON-CRICK  ? ? ? 
hydrog45 hydrog ? ? A G 21 O6 ? ? ? 1_555 B C 2  N4 ? ? A G 22 B C 27 1_555 ? ? ? ? ? ? WATSON-CRICK  ? ? ? 
hydrog46 hydrog ? ? A C 22 N3 ? ? ? 1_555 B G 1  N1 ? ? A C 23 B G 26 1_555 ? ? ? ? ? ? WATSON-CRICK  ? ? ? 
hydrog47 hydrog ? ? A C 22 N4 ? ? ? 1_555 B G 1  O6 ? ? A C 23 B G 26 1_555 ? ? ? ? ? ? WATSON-CRICK  ? ? ? 
hydrog48 hydrog ? ? A C 22 O2 ? ? ? 1_555 B G 1  N2 ? ? A C 23 B G 26 1_555 ? ? ? ? ? ? WATSON-CRICK  ? ? ? 
# 
_struct_conn_type.id          hydrog 
_struct_conn_type.criteria    ? 
_struct_conn_type.reference   ? 
# 
loop_
_struct_site.id 
_struct_site.pdbx_evidence_code 
_struct_site.pdbx_auth_asym_id 
_struct_site.pdbx_auth_comp_id 
_struct_site.pdbx_auth_seq_id 
_struct_site.pdbx_auth_ins_code 
_struct_site.pdbx_num_residues 
_struct_site.details 
AC1 Software A SIS 101 ? 15 'BINDING SITE FOR RESIDUE SIS A 101' 
AC2 Software B SIS 101 ? 14 'BINDING SITE FOR RESIDUE SIS B 101' 
1   ?        ? ?   ?   ? ?  ?                                    
# 
loop_
_struct_site_gen.id 
_struct_site_gen.site_id 
_struct_site_gen.pdbx_num_res 
_struct_site_gen.label_comp_id 
_struct_site_gen.label_asym_id 
_struct_site_gen.label_seq_id 
_struct_site_gen.pdbx_auth_ins_code 
_struct_site_gen.auth_comp_id 
_struct_site_gen.auth_asym_id 
_struct_site_gen.auth_seq_id 
_struct_site_gen.label_atom_id 
_struct_site_gen.label_alt_id 
_struct_site_gen.symmetry 
_struct_site_gen.details 
1  AC1 15 C   A 3  ? C   A 4   . ? 1_555 ? 
2  AC1 15 G   A 4  ? G   A 5   . ? 1_555 ? 
3  AC1 15 U   A 5  ? U   A 6   . ? 1_555 ? 
4  AC1 15 C   A 6  ? C   A 7   . ? 1_555 ? 
5  AC1 15 A   A 7  ? A   A 8   . ? 1_555 ? 
6  AC1 15 C   A 8  ? C   A 9   . ? 1_555 ? 
7  AC1 15 HOH E .  ? HOH A 203 . ? 1_555 ? 
8  AC1 15 HOH E .  ? HOH A 209 . ? 1_555 ? 
9  AC1 15 G   B 14 ? G   B 39  . ? 1_555 ? 
10 AC1 15 A   B 16 ? A   B 41  . ? 1_555 ? 
11 AC1 15 G   B 17 ? G   B 42  . ? 1_555 ? 
12 AC1 15 U   B 18 ? U   B 43  . ? 1_555 ? 
13 AC1 15 HOH F .  ? HOH B 201 . ? 1_555 ? 
14 AC1 15 HOH F .  ? HOH B 203 . ? 1_555 ? 
15 AC1 15 HOH F .  ? HOH B 208 . ? 1_555 ? 
16 AC2 14 G   A 15 ? G   A 16  . ? 1_555 ? 
17 AC2 14 A   A 17 ? A   A 18  . ? 1_555 ? 
18 AC2 14 G   A 18 ? G   A 19  . ? 1_555 ? 
19 AC2 14 U   A 19 ? U   A 20  . ? 1_555 ? 
20 AC2 14 C   B 2  ? C   B 27  . ? 1_555 ? 
21 AC2 14 G   B 3  ? G   B 28  . ? 1_555 ? 
22 AC2 14 U   B 4  ? U   B 29  . ? 1_555 ? 
23 AC2 14 C   B 5  ? C   B 30  . ? 1_555 ? 
24 AC2 14 A   B 6  ? A   B 31  . ? 1_555 ? 
25 AC2 14 C   B 7  ? C   B 32  . ? 1_555 ? 
26 AC2 14 C   B 21 ? C   B 46  . ? 4_444 ? 
27 AC2 14 HOH F .  ? HOH B 210 . ? 1_555 ? 
28 AC2 14 HOH F .  ? HOH B 211 . ? 1_555 ? 
29 AC2 14 HOH F .  ? HOH B 218 . ? 1_555 ? 
# 
loop_
_pdbx_validate_rmsd_bond.id 
_pdbx_validate_rmsd_bond.PDB_model_num 
_pdbx_validate_rmsd_bond.auth_atom_id_1 
_pdbx_validate_rmsd_bond.auth_asym_id_1 
_pdbx_validate_rmsd_bond.auth_comp_id_1 
_pdbx_validate_rmsd_bond.auth_seq_id_1 
_pdbx_validate_rmsd_bond.PDB_ins_code_1 
_pdbx_validate_rmsd_bond.label_alt_id_1 
_pdbx_validate_rmsd_bond.auth_atom_id_2 
_pdbx_validate_rmsd_bond.auth_asym_id_2 
_pdbx_validate_rmsd_bond.auth_comp_id_2 
_pdbx_validate_rmsd_bond.auth_seq_id_2 
_pdbx_validate_rmsd_bond.PDB_ins_code_2 
_pdbx_validate_rmsd_bond.label_alt_id_2 
_pdbx_validate_rmsd_bond.bond_value 
_pdbx_validate_rmsd_bond.bond_target_value 
_pdbx_validate_rmsd_bond.bond_deviation 
_pdbx_validate_rmsd_bond.bond_standard_deviation 
_pdbx_validate_rmsd_bond.linker_flag 
1 1 P A U 2  ? ? OP3 A U 2  ? ? 1.527 1.607 -0.080 0.012 N 
2 1 P B G 26 ? ? OP3 B G 26 ? ? 1.524 1.607 -0.083 0.012 N 
# 
_struct_site_keywords.site_id   1 
_struct_site_keywords.text      'MAJOR GROOVE BINDER' 
# 
loop_
_chem_comp_atom.comp_id 
_chem_comp_atom.atom_id 
_chem_comp_atom.type_symbol 
_chem_comp_atom.pdbx_aromatic_flag 
_chem_comp_atom.pdbx_stereo_config 
_chem_comp_atom.pdbx_ordinal 
A   OP3    O N N 1   
A   P      P N N 2   
A   OP1    O N N 3   
A   OP2    O N N 4   
A   "O5'"  O N N 5   
A   "C5'"  C N N 6   
A   "C4'"  C N R 7   
A   "O4'"  O N N 8   
A   "C3'"  C N S 9   
A   "O3'"  O N N 10  
A   "C2'"  C N R 11  
A   "O2'"  O N N 12  
A   "C1'"  C N R 13  
A   N9     N Y N 14  
A   C8     C Y N 15  
A   N7     N Y N 16  
A   C5     C Y N 17  
A   C6     C Y N 18  
A   N6     N N N 19  
A   N1     N Y N 20  
A   C2     C Y N 21  
A   N3     N Y N 22  
A   C4     C Y N 23  
A   HOP3   H N N 24  
A   HOP2   H N N 25  
A   "H5'"  H N N 26  
A   "H5''" H N N 27  
A   "H4'"  H N N 28  
A   "H3'"  H N N 29  
A   "HO3'" H N N 30  
A   "H2'"  H N N 31  
A   "HO2'" H N N 32  
A   "H1'"  H N N 33  
A   H8     H N N 34  
A   H61    H N N 35  
A   H62    H N N 36  
A   H2     H N N 37  
C   OP3    O N N 38  
C   P      P N N 39  
C   OP1    O N N 40  
C   OP2    O N N 41  
C   "O5'"  O N N 42  
C   "C5'"  C N N 43  
C   "C4'"  C N R 44  
C   "O4'"  O N N 45  
C   "C3'"  C N S 46  
C   "O3'"  O N N 47  
C   "C2'"  C N R 48  
C   "O2'"  O N N 49  
C   "C1'"  C N R 50  
C   N1     N N N 51  
C   C2     C N N 52  
C   O2     O N N 53  
C   N3     N N N 54  
C   C4     C N N 55  
C   N4     N N N 56  
C   C5     C N N 57  
C   C6     C N N 58  
C   HOP3   H N N 59  
C   HOP2   H N N 60  
C   "H5'"  H N N 61  
C   "H5''" H N N 62  
C   "H4'"  H N N 63  
C   "H3'"  H N N 64  
C   "HO3'" H N N 65  
C   "H2'"  H N N 66  
C   "HO2'" H N N 67  
C   "H1'"  H N N 68  
C   H41    H N N 69  
C   H42    H N N 70  
C   H5     H N N 71  
C   H6     H N N 72  
G   OP3    O N N 73  
G   P      P N N 74  
G   OP1    O N N 75  
G   OP2    O N N 76  
G   "O5'"  O N N 77  
G   "C5'"  C N N 78  
G   "C4'"  C N R 79  
G   "O4'"  O N N 80  
G   "C3'"  C N S 81  
G   "O3'"  O N N 82  
G   "C2'"  C N R 83  
G   "O2'"  O N N 84  
G   "C1'"  C N R 85  
G   N9     N Y N 86  
G   C8     C Y N 87  
G   N7     N Y N 88  
G   C5     C Y N 89  
G   C6     C N N 90  
G   O6     O N N 91  
G   N1     N N N 92  
G   C2     C N N 93  
G   N2     N N N 94  
G   N3     N N N 95  
G   C4     C Y N 96  
G   HOP3   H N N 97  
G   HOP2   H N N 98  
G   "H5'"  H N N 99  
G   "H5''" H N N 100 
G   "H4'"  H N N 101 
G   "H3'"  H N N 102 
G   "HO3'" H N N 103 
G   "H2'"  H N N 104 
G   "HO2'" H N N 105 
G   "H1'"  H N N 106 
G   H8     H N N 107 
G   H1     H N N 108 
G   H21    H N N 109 
G   H22    H N N 110 
HOH O      O N N 111 
HOH H1     H N N 112 
HOH H2     H N N 113 
SIS C11    C N S 114 
SIS C12    C N R 115 
SIS C13    C N R 116 
SIS C21    C N R 117 
SIS C22    C N N 118 
SIS C23    C N R 119 
SIS C31    C N N 120 
SIS C32    C N S 121 
SIS C33    C N R 122 
SIS C41    C N N 123 
SIS C42    C N R 124 
SIS C43    C N R 125 
SIS C51    C N N 126 
SIS C52    C N S 127 
SIS C53    C N N 128 
SIS C61    C N N 129 
SIS C62    C N S 130 
SIS C83    C N N 131 
SIS C93    C N N 132 
SIS N12    N N N 133 
SIS N21    N N N 134 
SIS N32    N N N 135 
SIS N33    N N N 136 
SIS N61    N N N 137 
SIS O11    O N N 138 
SIS O23    O N N 139 
SIS O43    O N N 140 
SIS O51    O N N 141 
SIS O52    O N N 142 
SIS O53    O N N 143 
SIS O62    O N N 144 
SIS H1     H N N 145 
SIS H2     H N N 146 
SIS H3     H N N 147 
SIS H4     H N N 148 
SIS H5     H N N 149 
SIS H6     H N N 150 
SIS H7     H N N 151 
SIS H8     H N N 152 
SIS H9     H N N 153 
SIS H10    H N N 154 
SIS H11    H N N 155 
SIS H12    H N N 156 
SIS H13    H N N 157 
SIS H14    H N N 158 
SIS H15    H N N 159 
SIS H16    H N N 160 
SIS H17    H N N 161 
SIS H18    H N N 162 
SIS H19    H N N 163 
SIS H20    H N N 164 
SIS H21    H N N 165 
SIS H22    H N N 166 
SIS H23    H N N 167 
SIS H24    H N N 168 
SIS H25    H N N 169 
SIS H26    H N N 170 
SIS H27    H N N 171 
SIS H29    H N N 172 
SIS H30    H N N 173 
SIS H32    H N N 174 
SIS H33    H N N 175 
SIS H35    H N N 176 
SIS H37    H N N 177 
SIS H38    H N N 178 
SIS H40    H N N 179 
SIS H41    H N N 180 
SIS H42    H N N 181 
U   OP3    O N N 182 
U   P      P N N 183 
U   OP1    O N N 184 
U   OP2    O N N 185 
U   "O5'"  O N N 186 
U   "C5'"  C N N 187 
U   "C4'"  C N R 188 
U   "O4'"  O N N 189 
U   "C3'"  C N S 190 
U   "O3'"  O N N 191 
U   "C2'"  C N R 192 
U   "O2'"  O N N 193 
U   "C1'"  C N R 194 
U   N1     N N N 195 
U   C2     C N N 196 
U   O2     O N N 197 
U   N3     N N N 198 
U   C4     C N N 199 
U   O4     O N N 200 
U   C5     C N N 201 
U   C6     C N N 202 
U   HOP3   H N N 203 
U   HOP2   H N N 204 
U   "H5'"  H N N 205 
U   "H5''" H N N 206 
U   "H4'"  H N N 207 
U   "H3'"  H N N 208 
U   "HO3'" H N N 209 
U   "H2'"  H N N 210 
U   "HO2'" H N N 211 
U   "H1'"  H N N 212 
U   H3     H N N 213 
U   H5     H N N 214 
U   H6     H N N 215 
# 
loop_
_chem_comp_bond.comp_id 
_chem_comp_bond.atom_id_1 
_chem_comp_bond.atom_id_2 
_chem_comp_bond.value_order 
_chem_comp_bond.pdbx_aromatic_flag 
_chem_comp_bond.pdbx_stereo_config 
_chem_comp_bond.pdbx_ordinal 
A   OP3   P      sing N N 1   
A   OP3   HOP3   sing N N 2   
A   P     OP1    doub N N 3   
A   P     OP2    sing N N 4   
A   P     "O5'"  sing N N 5   
A   OP2   HOP2   sing N N 6   
A   "O5'" "C5'"  sing N N 7   
A   "C5'" "C4'"  sing N N 8   
A   "C5'" "H5'"  sing N N 9   
A   "C5'" "H5''" sing N N 10  
A   "C4'" "O4'"  sing N N 11  
A   "C4'" "C3'"  sing N N 12  
A   "C4'" "H4'"  sing N N 13  
A   "O4'" "C1'"  sing N N 14  
A   "C3'" "O3'"  sing N N 15  
A   "C3'" "C2'"  sing N N 16  
A   "C3'" "H3'"  sing N N 17  
A   "O3'" "HO3'" sing N N 18  
A   "C2'" "O2'"  sing N N 19  
A   "C2'" "C1'"  sing N N 20  
A   "C2'" "H2'"  sing N N 21  
A   "O2'" "HO2'" sing N N 22  
A   "C1'" N9     sing N N 23  
A   "C1'" "H1'"  sing N N 24  
A   N9    C8     sing Y N 25  
A   N9    C4     sing Y N 26  
A   C8    N7     doub Y N 27  
A   C8    H8     sing N N 28  
A   N7    C5     sing Y N 29  
A   C5    C6     sing Y N 30  
A   C5    C4     doub Y N 31  
A   C6    N6     sing N N 32  
A   C6    N1     doub Y N 33  
A   N6    H61    sing N N 34  
A   N6    H62    sing N N 35  
A   N1    C2     sing Y N 36  
A   C2    N3     doub Y N 37  
A   C2    H2     sing N N 38  
A   N3    C4     sing Y N 39  
C   OP3   P      sing N N 40  
C   OP3   HOP3   sing N N 41  
C   P     OP1    doub N N 42  
C   P     OP2    sing N N 43  
C   P     "O5'"  sing N N 44  
C   OP2   HOP2   sing N N 45  
C   "O5'" "C5'"  sing N N 46  
C   "C5'" "C4'"  sing N N 47  
C   "C5'" "H5'"  sing N N 48  
C   "C5'" "H5''" sing N N 49  
C   "C4'" "O4'"  sing N N 50  
C   "C4'" "C3'"  sing N N 51  
C   "C4'" "H4'"  sing N N 52  
C   "O4'" "C1'"  sing N N 53  
C   "C3'" "O3'"  sing N N 54  
C   "C3'" "C2'"  sing N N 55  
C   "C3'" "H3'"  sing N N 56  
C   "O3'" "HO3'" sing N N 57  
C   "C2'" "O2'"  sing N N 58  
C   "C2'" "C1'"  sing N N 59  
C   "C2'" "H2'"  sing N N 60  
C   "O2'" "HO2'" sing N N 61  
C   "C1'" N1     sing N N 62  
C   "C1'" "H1'"  sing N N 63  
C   N1    C2     sing N N 64  
C   N1    C6     sing N N 65  
C   C2    O2     doub N N 66  
C   C2    N3     sing N N 67  
C   N3    C4     doub N N 68  
C   C4    N4     sing N N 69  
C   C4    C5     sing N N 70  
C   N4    H41    sing N N 71  
C   N4    H42    sing N N 72  
C   C5    C6     doub N N 73  
C   C5    H5     sing N N 74  
C   C6    H6     sing N N 75  
G   OP3   P      sing N N 76  
G   OP3   HOP3   sing N N 77  
G   P     OP1    doub N N 78  
G   P     OP2    sing N N 79  
G   P     "O5'"  sing N N 80  
G   OP2   HOP2   sing N N 81  
G   "O5'" "C5'"  sing N N 82  
G   "C5'" "C4'"  sing N N 83  
G   "C5'" "H5'"  sing N N 84  
G   "C5'" "H5''" sing N N 85  
G   "C4'" "O4'"  sing N N 86  
G   "C4'" "C3'"  sing N N 87  
G   "C4'" "H4'"  sing N N 88  
G   "O4'" "C1'"  sing N N 89  
G   "C3'" "O3'"  sing N N 90  
G   "C3'" "C2'"  sing N N 91  
G   "C3'" "H3'"  sing N N 92  
G   "O3'" "HO3'" sing N N 93  
G   "C2'" "O2'"  sing N N 94  
G   "C2'" "C1'"  sing N N 95  
G   "C2'" "H2'"  sing N N 96  
G   "O2'" "HO2'" sing N N 97  
G   "C1'" N9     sing N N 98  
G   "C1'" "H1'"  sing N N 99  
G   N9    C8     sing Y N 100 
G   N9    C4     sing Y N 101 
G   C8    N7     doub Y N 102 
G   C8    H8     sing N N 103 
G   N7    C5     sing Y N 104 
G   C5    C6     sing N N 105 
G   C5    C4     doub Y N 106 
G   C6    O6     doub N N 107 
G   C6    N1     sing N N 108 
G   N1    C2     sing N N 109 
G   N1    H1     sing N N 110 
G   C2    N2     sing N N 111 
G   C2    N3     doub N N 112 
G   N2    H21    sing N N 113 
G   N2    H22    sing N N 114 
G   N3    C4     sing N N 115 
HOH O     H1     sing N N 116 
HOH O     H2     sing N N 117 
SIS O43   C43    sing N N 118 
SIS C83   C43    sing N N 119 
SIS C43   C53    sing N N 120 
SIS C43   C33    sing N N 121 
SIS N33   C33    sing N N 122 
SIS N33   C93    sing N N 123 
SIS C53   O53    sing N N 124 
SIS C33   C23    sing N N 125 
SIS O53   C13    sing N N 126 
SIS C23   C13    sing N N 127 
SIS C23   O23    sing N N 128 
SIS C13   O62    sing N N 129 
SIS O62   C62    sing N N 130 
SIS O52   C52    sing N N 131 
SIS C62   C52    sing N N 132 
SIS C62   C12    sing N N 133 
SIS N12   C12    sing N N 134 
SIS C52   C42    sing N N 135 
SIS C12   C22    sing N N 136 
SIS C42   O11    sing N N 137 
SIS C42   C32    sing N N 138 
SIS C22   C32    sing N N 139 
SIS C11   O11    sing N N 140 
SIS C11   O51    sing N N 141 
SIS C11   C21    sing N N 142 
SIS N21   C21    sing N N 143 
SIS O51   C51    sing N N 144 
SIS C32   N32    sing N N 145 
SIS C21   C31    sing N N 146 
SIS C51   C61    sing N N 147 
SIS C51   C41    doub N N 148 
SIS N61   C61    sing N N 149 
SIS C31   C41    sing N N 150 
SIS C11   H1     sing N N 151 
SIS C12   H2     sing N N 152 
SIS C13   H3     sing N N 153 
SIS C21   H4     sing N N 154 
SIS C22   H5     sing N N 155 
SIS C22   H6     sing N N 156 
SIS C23   H7     sing N N 157 
SIS C31   H8     sing N N 158 
SIS C31   H9     sing N N 159 
SIS C32   H10    sing N N 160 
SIS C33   H11    sing N N 161 
SIS C41   H12    sing N N 162 
SIS C42   H13    sing N N 163 
SIS C52   H14    sing N N 164 
SIS C53   H15    sing N N 165 
SIS C53   H16    sing N N 166 
SIS C61   H17    sing N N 167 
SIS C61   H18    sing N N 168 
SIS C62   H19    sing N N 169 
SIS C83   H20    sing N N 170 
SIS C83   H21    sing N N 171 
SIS C83   H22    sing N N 172 
SIS C93   H23    sing N N 173 
SIS C93   H24    sing N N 174 
SIS C93   H25    sing N N 175 
SIS N12   H26    sing N N 176 
SIS N12   H27    sing N N 177 
SIS N21   H29    sing N N 178 
SIS N21   H30    sing N N 179 
SIS N32   H32    sing N N 180 
SIS N32   H33    sing N N 181 
SIS N33   H35    sing N N 182 
SIS N61   H37    sing N N 183 
SIS N61   H38    sing N N 184 
SIS O23   H40    sing N N 185 
SIS O43   H41    sing N N 186 
SIS O52   H42    sing N N 187 
U   OP3   P      sing N N 188 
U   OP3   HOP3   sing N N 189 
U   P     OP1    doub N N 190 
U   P     OP2    sing N N 191 
U   P     "O5'"  sing N N 192 
U   OP2   HOP2   sing N N 193 
U   "O5'" "C5'"  sing N N 194 
U   "C5'" "C4'"  sing N N 195 
U   "C5'" "H5'"  sing N N 196 
U   "C5'" "H5''" sing N N 197 
U   "C4'" "O4'"  sing N N 198 
U   "C4'" "C3'"  sing N N 199 
U   "C4'" "H4'"  sing N N 200 
U   "O4'" "C1'"  sing N N 201 
U   "C3'" "O3'"  sing N N 202 
U   "C3'" "C2'"  sing N N 203 
U   "C3'" "H3'"  sing N N 204 
U   "O3'" "HO3'" sing N N 205 
U   "C2'" "O2'"  sing N N 206 
U   "C2'" "C1'"  sing N N 207 
U   "C2'" "H2'"  sing N N 208 
U   "O2'" "HO2'" sing N N 209 
U   "C1'" N1     sing N N 210 
U   "C1'" "H1'"  sing N N 211 
U   N1    C2     sing N N 212 
U   N1    C6     sing N N 213 
U   C2    O2     doub N N 214 
U   C2    N3     sing N N 215 
U   N3    C4     sing N N 216 
U   N3    H3     sing N N 217 
U   C4    O4     doub N N 218 
U   C4    C5     sing N N 219 
U   C5    C6     doub N N 220 
U   C5    H5     sing N N 221 
U   C6    H6     sing N N 222 
# 
loop_
_ndb_struct_conf_na.entry_id 
_ndb_struct_conf_na.feature 
4F8U 'a-form double helix'  
4F8U 'mismatched base pair' 
4F8U 'internal loop'        
# 
loop_
_ndb_struct_na_base_pair.model_number 
_ndb_struct_na_base_pair.i_label_asym_id 
_ndb_struct_na_base_pair.i_label_comp_id 
_ndb_struct_na_base_pair.i_label_seq_id 
_ndb_struct_na_base_pair.i_symmetry 
_ndb_struct_na_base_pair.j_label_asym_id 
_ndb_struct_na_base_pair.j_label_comp_id 
_ndb_struct_na_base_pair.j_label_seq_id 
_ndb_struct_na_base_pair.j_symmetry 
_ndb_struct_na_base_pair.shear 
_ndb_struct_na_base_pair.stretch 
_ndb_struct_na_base_pair.stagger 
_ndb_struct_na_base_pair.buckle 
_ndb_struct_na_base_pair.propeller 
_ndb_struct_na_base_pair.opening 
_ndb_struct_na_base_pair.pair_number 
_ndb_struct_na_base_pair.pair_name 
_ndb_struct_na_base_pair.i_auth_asym_id 
_ndb_struct_na_base_pair.i_auth_seq_id 
_ndb_struct_na_base_pair.i_PDB_ins_code 
_ndb_struct_na_base_pair.j_auth_asym_id 
_ndb_struct_na_base_pair.j_auth_seq_id 
_ndb_struct_na_base_pair.j_PDB_ins_code 
_ndb_struct_na_base_pair.hbond_type_28 
_ndb_struct_na_base_pair.hbond_type_12 
1 A G 2  1_555 B C 21 1_555 -0.148 -0.287 0.154  4.673  -6.717  -0.681  1  A_G3:C46_B  A 3  ? B 46 ? 19 1 
1 A C 3  1_555 B G 20 1_555 0.210  -0.006 0.018  -0.742 -4.135  7.224   2  A_C4:G45_B  A 4  ? B 45 ? 19 1 
1 A G 4  1_555 B C 19 1_555 -0.207 -0.167 -0.081 -2.420 -4.577  2.123   3  A_G5:C44_B  A 5  ? B 44 ? 19 1 
1 A U 5  1_555 B U 18 1_555 -2.217 -1.362 -0.532 11.492 -11.283 -5.189  4  A_U6:U43_B  A 6  ? B 43 ? ?  ? 
1 A C 6  1_555 B G 17 1_555 0.322  -0.161 -0.337 8.660  -1.147  -1.429  5  A_C7:G42_B  A 7  ? B 42 ? 19 1 
1 A C 8  1_555 B G 14 1_555 0.153  -0.210 -0.012 1.741  -14.259 1.113   6  A_C9:G39_B  A 9  ? B 39 ? 19 1 
1 A A 9  1_555 B U 13 1_555 -0.257 0.024  0.010  -3.297 -18.508 6.829   7  A_A10:U38_B A 10 ? B 38 ? 20 1 
1 A C 10 1_555 B G 12 1_555 0.377  -0.145 -0.121 3.018  -17.529 1.610   8  A_C11:G37_B A 11 ? B 37 ? 19 1 
1 A C 11 1_555 B G 11 1_555 0.223  -0.073 0.239  -0.949 -7.514  2.915   9  A_C12:G36_B A 12 ? B 36 ? 19 1 
1 A G 12 1_555 B C 10 1_555 0.094  -0.052 -0.120 -1.188 -6.482  2.740   10 A_G13:C35_B A 13 ? B 35 ? 19 1 
1 A G 13 1_555 B C 9  1_555 -0.207 0.034  -0.173 -5.764 -7.685  3.195   11 A_G14:C34_B A 14 ? B 34 ? 19 1 
1 A U 14 1_555 B A 8  1_555 0.003  0.018  0.168  -2.373 -11.669 3.055   12 A_U15:A33_B A 15 ? B 33 ? 20 1 
1 A G 15 1_555 B C 7  1_555 -0.249 -0.151 -0.021 -3.348 -21.257 0.817   13 A_G16:C32_B A 16 ? B 32 ? 19 1 
1 A G 18 1_555 B C 5  1_555 -0.625 -0.119 -0.163 -1.355 4.467   2.488   14 A_G19:C30_B A 19 ? B 30 ? 19 1 
1 A U 19 1_555 B U 4  1_555 1.369  -1.068 -0.360 -7.249 -1.222  -16.617 15 A_U20:U29_B A 20 ? B 29 ? ?  ? 
1 A C 20 1_555 B G 3  1_555 0.002  -0.201 -0.344 4.719  -4.378  -0.892  16 A_C21:G28_B A 21 ? B 28 ? 19 1 
1 A G 21 1_555 B C 2  1_555 0.011  -0.098 0.109  -6.256 -9.742  5.376   17 A_G22:C27_B A 22 ? B 27 ? 19 1 
1 A C 22 1_555 B G 1  1_555 -0.339 -0.428 0.427  1.500  -2.706  -0.161  18 A_C23:G26_B A 23 ? B 26 ? 19 1 
# 
loop_
_ndb_struct_na_base_pair_step.model_number 
_ndb_struct_na_base_pair_step.i_label_asym_id_1 
_ndb_struct_na_base_pair_step.i_label_comp_id_1 
_ndb_struct_na_base_pair_step.i_label_seq_id_1 
_ndb_struct_na_base_pair_step.i_symmetry_1 
_ndb_struct_na_base_pair_step.j_label_asym_id_1 
_ndb_struct_na_base_pair_step.j_label_comp_id_1 
_ndb_struct_na_base_pair_step.j_label_seq_id_1 
_ndb_struct_na_base_pair_step.j_symmetry_1 
_ndb_struct_na_base_pair_step.i_label_asym_id_2 
_ndb_struct_na_base_pair_step.i_label_comp_id_2 
_ndb_struct_na_base_pair_step.i_label_seq_id_2 
_ndb_struct_na_base_pair_step.i_symmetry_2 
_ndb_struct_na_base_pair_step.j_label_asym_id_2 
_ndb_struct_na_base_pair_step.j_label_comp_id_2 
_ndb_struct_na_base_pair_step.j_label_seq_id_2 
_ndb_struct_na_base_pair_step.j_symmetry_2 
_ndb_struct_na_base_pair_step.shift 
_ndb_struct_na_base_pair_step.slide 
_ndb_struct_na_base_pair_step.rise 
_ndb_struct_na_base_pair_step.tilt 
_ndb_struct_na_base_pair_step.roll 
_ndb_struct_na_base_pair_step.twist 
_ndb_struct_na_base_pair_step.x_displacement 
_ndb_struct_na_base_pair_step.y_displacement 
_ndb_struct_na_base_pair_step.helical_rise 
_ndb_struct_na_base_pair_step.inclination 
_ndb_struct_na_base_pair_step.tip 
_ndb_struct_na_base_pair_step.helical_twist 
_ndb_struct_na_base_pair_step.step_number 
_ndb_struct_na_base_pair_step.step_name 
_ndb_struct_na_base_pair_step.i_auth_asym_id_1 
_ndb_struct_na_base_pair_step.i_auth_seq_id_1 
_ndb_struct_na_base_pair_step.i_PDB_ins_code_1 
_ndb_struct_na_base_pair_step.j_auth_asym_id_1 
_ndb_struct_na_base_pair_step.j_auth_seq_id_1 
_ndb_struct_na_base_pair_step.j_PDB_ins_code_1 
_ndb_struct_na_base_pair_step.i_auth_asym_id_2 
_ndb_struct_na_base_pair_step.i_auth_seq_id_2 
_ndb_struct_na_base_pair_step.i_PDB_ins_code_2 
_ndb_struct_na_base_pair_step.j_auth_asym_id_2 
_ndb_struct_na_base_pair_step.j_auth_seq_id_2 
_ndb_struct_na_base_pair_step.j_PDB_ins_code_2 
1 A G 2  1_555 B C 21 1_555 A C 3  1_555 B G 20 1_555 0.433  -2.101 3.478 -0.553 1.566  36.412 -3.587 -0.773 3.382 2.505  0.884  
36.449 1  AA_G3C4:G45C46_BB   A 3  ? B 46 ? A 4  ? B 45 ? 
1 A C 3  1_555 B G 20 1_555 A G 4  1_555 B C 19 1_555 -1.316 -2.274 3.271 -1.055 7.185  20.894 -8.385 3.071  2.425 19.083 2.803  
22.107 2  AA_C4G5:C44G45_BB   A 4  ? B 45 ? A 5  ? B 44 ? 
1 A G 4  1_555 B C 19 1_555 A U 5  1_555 B U 18 1_555 -0.253 -1.863 3.049 0.409  3.200  24.111 -5.322 0.716  2.777 7.616  -0.973 
24.322 3  AA_G5U6:U43C44_BB   A 5  ? B 44 ? A 6  ? B 43 ? 
1 A U 5  1_555 B U 18 1_555 A C 6  1_555 B G 17 1_555 0.793  -2.160 3.612 -2.829 3.145  41.458 -3.393 -1.435 3.388 4.429  3.983  
41.664 4  AA_U6C7:G42U43_BB   A 6  ? B 43 ? A 7  ? B 42 ? 
1 A C 8  1_555 B G 14 1_555 A A 9  1_555 B U 13 1_555 0.441  -1.394 3.260 0.474  14.372 31.715 -4.338 -0.672 2.427 24.769 -0.817 
34.746 5  AA_C9A10:U38G39_BB  A 9  ? B 39 ? A 10 ? B 38 ? 
1 A A 9  1_555 B U 13 1_555 A C 10 1_555 B G 12 1_555 0.368  -1.746 3.169 1.636  0.396  34.258 -3.021 -0.375 3.162 0.672  -2.775 
34.298 6  AA_A10C11:G37U38_BB A 10 ? B 38 ? A 11 ? B 37 ? 
1 A C 10 1_555 B G 12 1_555 A C 11 1_555 B G 11 1_555 -0.794 -2.174 3.401 -4.534 5.008  27.333 -5.645 0.570  3.052 10.397 9.413  
28.140 7  AA_C11C12:G36G37_BB A 11 ? B 37 ? A 12 ? B 36 ? 
1 A C 11 1_555 B G 11 1_555 A G 12 1_555 B C 10 1_555 0.106  -1.782 3.126 1.138  8.480  29.447 -4.848 -0.003 2.529 16.255 -2.182 
30.639 8  AA_C12G13:C35G36_BB A 12 ? B 36 ? A 13 ? B 35 ? 
1 A G 12 1_555 B C 10 1_555 A G 13 1_555 B C 9  1_555 0.743  -2.163 3.405 3.567  5.516  28.615 -5.450 -0.703 3.013 10.978 -7.099 
29.344 9  AA_G13G14:C34C35_BB A 13 ? B 35 ? A 14 ? B 34 ? 
1 A G 13 1_555 B C 9  1_555 A U 14 1_555 B A 8  1_555 -1.059 -2.206 3.139 -2.640 7.885  23.961 -7.018 1.749  2.403 18.301 6.127  
25.342 10 AA_G14U15:A33C34_BB A 14 ? B 34 ? A 15 ? B 33 ? 
1 A U 14 1_555 B A 8  1_555 A G 15 1_555 B C 7  1_555 0.676  -1.241 3.211 2.184  14.090 37.506 -3.305 -0.756 2.631 21.007 -3.256 
40.033 11 AA_U15G16:C32A33_BB A 15 ? B 33 ? A 16 ? B 32 ? 
1 A G 18 1_555 B C 5  1_555 A U 19 1_555 B U 4  1_555 -1.341 -2.361 3.625 1.437  0.454  40.013 -3.506 2.138  3.551 0.663  -2.099 
40.040 12 AA_G19U20:U29C30_BB A 19 ? B 30 ? A 20 ? B 29 ? 
1 A U 19 1_555 B U 4  1_555 A C 20 1_555 B G 3  1_555 0.731  -1.795 2.989 2.845  0.258  28.078 -3.737 -0.888 3.030 0.531  -5.844 
28.220 13 AA_U20C21:G28U29_BB A 20 ? B 29 ? A 21 ? B 28 ? 
1 A C 20 1_555 B G 3  1_555 A G 21 1_555 B C 2  1_555 0.387  -1.080 3.431 -1.470 13.475 32.451 -3.782 -0.859 2.760 22.906 2.498  
35.098 14 AA_C21G22:C27G28_BB A 21 ? B 28 ? A 22 ? B 27 ? 
1 A G 21 1_555 B C 2  1_555 A C 22 1_555 B G 1  1_555 -0.242 -1.399 3.107 -1.150 7.765  32.155 -3.642 0.249  2.711 13.764 2.039  
33.074 15 AA_G22C23:G26C27_BB A 22 ? B 27 ? A 23 ? B 26 ? 
# 
_atom_sites.entry_id                    4F8U 
_atom_sites.fract_transf_matrix[1][1]   -0.00464367 
_atom_sites.fract_transf_matrix[1][2]   0.00741387 
_atom_sites.fract_transf_matrix[1][3]   -0.00035990 
_atom_sites.fract_transf_matrix[2][1]   0.00204592 
_atom_sites.fract_transf_matrix[2][2]   0.00296092 
_atom_sites.fract_transf_matrix[2][3]   0.03459630 
_atom_sites.fract_transf_matrix[3][1]   0.01780986 
_atom_sites.fract_transf_matrix[3][2]   0.01444121 
_atom_sites.fract_transf_matrix[3][3]   -0.00228917 
_atom_sites.fract_transf_vector[1]      -0.182654 
_atom_sites.fract_transf_vector[2]      -0.146473 
_atom_sites.fract_transf_vector[3]      -0.267929 
# 
loop_
_atom_type.symbol 
C 
N 
O 
P 
# 
loop_
_atom_site.group_PDB 
_atom_site.id 
_atom_site.type_symbol 
_atom_site.label_atom_id 
_atom_site.label_alt_id 
_atom_site.label_comp_id 
_atom_site.label_asym_id 
_atom_site.label_entity_id 
_atom_site.label_seq_id 
_atom_site.pdbx_PDB_ins_code 
_atom_site.Cartn_x 
_atom_site.Cartn_y 
_atom_site.Cartn_z 
_atom_site.occupancy 
_atom_site.B_iso_or_equiv 
_atom_site.pdbx_formal_charge 
_atom_site.auth_seq_id 
_atom_site.auth_comp_id 
_atom_site.auth_asym_id 
_atom_site.auth_atom_id 
_atom_site.pdbx_PDB_model_num 
ATOM   1    O OP3   . U   A 1 1  ? 21.880  -15.482 4.409   1.00 83.17 ? 2   U   A OP3   1 
ATOM   2    P P     . U   A 1 1  ? 23.383  -15.219 4.350   1.00 83.38 ? 2   U   A P     1 
ATOM   3    O OP1   . U   A 1 1  ? 23.723  -14.008 3.490   1.00 83.76 ? 2   U   A OP1   1 
ATOM   4    O OP2   . U   A 1 1  ? 24.035  -15.177 5.727   1.00 82.27 ? 2   U   A OP2   1 
ATOM   5    O "O5'" . U   A 1 1  ? 24.061  -16.493 3.586   1.00 78.19 ? 2   U   A "O5'" 1 
ATOM   6    C "C5'" . U   A 1 1  ? 24.181  -16.522 2.152   1.00 72.25 ? 2   U   A "C5'" 1 
ATOM   7    C "C4'" . U   A 1 1  ? 23.454  -17.722 1.591   1.00 67.63 ? 2   U   A "C4'" 1 
ATOM   8    O "O4'" . U   A 1 1  ? 23.727  -18.885 2.423   1.00 67.27 ? 2   U   A "O4'" 1 
ATOM   9    C "C3'" . U   A 1 1  ? 21.940  -17.624 1.585   1.00 64.97 ? 2   U   A "C3'" 1 
ATOM   10   O "O3'" . U   A 1 1  ? 21.484  -16.926 0.434   1.00 62.92 ? 2   U   A "O3'" 1 
ATOM   11   C "C2'" . U   A 1 1  ? 21.537  -19.091 1.554   1.00 65.56 ? 2   U   A "C2'" 1 
ATOM   12   O "O2'" . U   A 1 1  ? 21.687  -19.673 0.276   1.00 65.78 ? 2   U   A "O2'" 1 
ATOM   13   C "C1'" . U   A 1 1  ? 22.565  -19.698 2.508   1.00 64.51 ? 2   U   A "C1'" 1 
ATOM   14   N N1    . U   A 1 1  ? 22.088  -19.690 3.900   1.00 62.79 ? 2   U   A N1    1 
ATOM   15   C C2    . U   A 1 1  ? 21.142  -20.639 4.258   1.00 61.07 ? 2   U   A C2    1 
ATOM   16   O O2    . U   A 1 1  ? 20.711  -21.474 3.477   1.00 60.80 ? 2   U   A O2    1 
ATOM   17   N N3    . U   A 1 1  ? 20.720  -20.571 5.562   1.00 58.67 ? 2   U   A N3    1 
ATOM   18   C C4    . U   A 1 1  ? 21.132  -19.671 6.525   1.00 60.76 ? 2   U   A C4    1 
ATOM   19   O O4    . U   A 1 1  ? 20.647  -19.732 7.657   1.00 59.16 ? 2   U   A O4    1 
ATOM   20   C C5    . U   A 1 1  ? 22.117  -18.724 6.080   1.00 60.37 ? 2   U   A C5    1 
ATOM   21   C C6    . U   A 1 1  ? 22.552  -18.767 4.815   1.00 61.24 ? 2   U   A C6    1 
ATOM   22   P P     . G   A 1 2  ? 20.085  -16.134 0.484   1.00 62.67 ? 3   G   A P     1 
ATOM   23   O OP1   . G   A 1 2  ? 19.854  -15.504 -0.839  1.00 63.96 ? 3   G   A OP1   1 
ATOM   24   O OP2   . G   A 1 2  ? 20.083  -15.291 1.706   1.00 62.80 ? 3   G   A OP2   1 
ATOM   25   O "O5'" . G   A 1 2  ? 18.996  -17.281 0.657   1.00 60.31 ? 3   G   A "O5'" 1 
ATOM   26   C "C5'" . G   A 1 2  ? 18.828  -18.272 -0.346  1.00 57.35 ? 3   G   A "C5'" 1 
ATOM   27   C "C4'" . G   A 1 2  ? 17.880  -19.341 0.132   1.00 55.94 ? 3   G   A "C4'" 1 
ATOM   28   O "O4'" . G   A 1 2  ? 18.432  -19.979 1.317   1.00 54.96 ? 3   G   A "O4'" 1 
ATOM   29   C "C3'" . G   A 1 2  ? 16.531  -18.838 0.609   1.00 55.01 ? 3   G   A "C3'" 1 
ATOM   30   O "O3'" . G   A 1 2  ? 15.646  -18.571 -0.473  1.00 54.00 ? 3   G   A "O3'" 1 
ATOM   31   C "C2'" . G   A 1 2  ? 16.063  -19.986 1.497   1.00 53.19 ? 3   G   A "C2'" 1 
ATOM   32   O "O2'" . G   A 1 2  ? 15.532  -21.083 0.781   1.00 51.71 ? 3   G   A "O2'" 1 
ATOM   33   C "C1'" . G   A 1 2  ? 17.373  -20.392 2.171   1.00 52.71 ? 3   G   A "C1'" 1 
ATOM   34   N N9    . G   A 1 2  ? 17.535  -19.740 3.466   1.00 50.01 ? 3   G   A N9    1 
ATOM   35   C C8    . G   A 1 2  ? 18.437  -18.757 3.802   1.00 51.35 ? 3   G   A C8    1 
ATOM   36   N N7    . G   A 1 2  ? 18.313  -18.349 5.037   1.00 51.61 ? 3   G   A N7    1 
ATOM   37   C C5    . G   A 1 2  ? 17.269  -19.112 5.548   1.00 49.74 ? 3   G   A C5    1 
ATOM   38   C C6    . G   A 1 2  ? 16.667  -19.111 6.840   1.00 49.07 ? 3   G   A C6    1 
ATOM   39   O O6    . G   A 1 2  ? 16.936  -18.401 7.820   1.00 47.12 ? 3   G   A O6    1 
ATOM   40   N N1    . G   A 1 2  ? 15.646  -20.054 6.929   1.00 47.57 ? 3   G   A N1    1 
ATOM   41   C C2    . G   A 1 2  ? 15.249  -20.889 5.912   1.00 48.14 ? 3   G   A C2    1 
ATOM   42   N N2    . G   A 1 2  ? 14.255  -21.756 6.209   1.00 45.16 ? 3   G   A N2    1 
ATOM   43   N N3    . G   A 1 2  ? 15.785  -20.886 4.700   1.00 47.82 ? 3   G   A N3    1 
ATOM   44   C C4    . G   A 1 2  ? 16.785  -19.982 4.592   1.00 49.59 ? 3   G   A C4    1 
ATOM   45   P P     . C   A 1 3  ? 14.495  -17.462 -0.292  1.00 56.15 ? 4   C   A P     1 
ATOM   46   O OP1   . C   A 1 3  ? 13.756  -17.379 -1.578  1.00 57.08 ? 4   C   A OP1   1 
ATOM   47   O OP2   . C   A 1 3  ? 15.109  -16.234 0.284   1.00 56.52 ? 4   C   A OP2   1 
ATOM   48   O "O5'" . C   A 1 3  ? 13.520  -18.118 0.786   1.00 54.24 ? 4   C   A "O5'" 1 
ATOM   49   C "C5'" . C   A 1 3  ? 12.744  -19.261 0.444   1.00 49.99 ? 4   C   A "C5'" 1 
ATOM   50   C "C4'" . C   A 1 3  ? 11.792  -19.610 1.559   1.00 47.75 ? 4   C   A "C4'" 1 
ATOM   51   O "O4'" . C   A 1 3  ? 12.530  -20.146 2.691   1.00 47.98 ? 4   C   A "O4'" 1 
ATOM   52   C "C3'" . C   A 1 3  ? 11.017  -18.459 2.171   1.00 46.80 ? 4   C   A "C3'" 1 
ATOM   53   O "O3'" . C   A 1 3  ? 9.920   -18.023 1.398   1.00 43.77 ? 4   C   A "O3'" 1 
ATOM   54   C "C2'" . C   A 1 3  ? 10.592  -19.072 3.490   1.00 47.50 ? 4   C   A "C2'" 1 
ATOM   55   O "O2'" . C   A 1 3  ? 9.580   -20.047 3.343   1.00 46.96 ? 4   C   A "O2'" 1 
ATOM   56   C "C1'" . C   A 1 3  ? 11.898  -19.747 3.901   1.00 48.42 ? 4   C   A "C1'" 1 
ATOM   57   N N1    . C   A 1 3  ? 12.771  -18.774 4.592   1.00 47.38 ? 4   C   A N1    1 
ATOM   58   C C2    . C   A 1 3  ? 12.489  -18.455 5.927   1.00 47.09 ? 4   C   A C2    1 
ATOM   59   O O2    . C   A 1 3  ? 11.537  -19.012 6.491   1.00 48.38 ? 4   C   A O2    1 
ATOM   60   N N3    . C   A 1 3  ? 13.255  -17.549 6.566   1.00 48.57 ? 4   C   A N3    1 
ATOM   61   C C4    . C   A 1 3  ? 14.270  -16.967 5.928   1.00 47.36 ? 4   C   A C4    1 
ATOM   62   N N4    . C   A 1 3  ? 14.987  -16.076 6.604   1.00 48.72 ? 4   C   A N4    1 
ATOM   63   C C5    . C   A 1 3  ? 14.590  -17.277 4.570   1.00 46.52 ? 4   C   A C5    1 
ATOM   64   C C6    . C   A 1 3  ? 13.822  -18.181 3.948   1.00 46.98 ? 4   C   A C6    1 
ATOM   65   P P     . G   A 1 4  ? 9.403   -16.513 1.555   1.00 45.56 ? 5   G   A P     1 
ATOM   66   O OP1   . G   A 1 4  ? 8.544   -16.195 0.386   1.00 44.72 ? 5   G   A OP1   1 
ATOM   67   O OP2   . G   A 1 4  ? 10.584  -15.652 1.850   1.00 44.27 ? 5   G   A OP2   1 
ATOM   68   O "O5'" . G   A 1 4  ? 8.454   -16.603 2.828   1.00 44.74 ? 5   G   A "O5'" 1 
ATOM   69   C "C5'" . G   A 1 4  ? 7.367   -17.526 2.834   1.00 44.21 ? 5   G   A "C5'" 1 
ATOM   70   C "C4'" . G   A 1 4  ? 6.672   -17.529 4.171   1.00 44.61 ? 5   G   A "C4'" 1 
ATOM   71   O "O4'" . G   A 1 4  ? 7.565   -18.073 5.182   1.00 45.01 ? 5   G   A "O4'" 1 
ATOM   72   C "C3'" . G   A 1 4  ? 6.275   -16.178 4.735   1.00 45.68 ? 5   G   A "C3'" 1 
ATOM   73   O "O3'" . G   A 1 4  ? 5.079   -15.651 4.168   1.00 46.40 ? 5   G   A "O3'" 1 
ATOM   74   C "C2'" . G   A 1 4  ? 6.116   -16.522 6.205   1.00 45.68 ? 5   G   A "C2'" 1 
ATOM   75   O "O2'" . G   A 1 4  ? 4.936   -17.257 6.459   1.00 45.09 ? 5   G   A "O2'" 1 
ATOM   76   C "C1'" . G   A 1 4  ? 7.346   -17.407 6.416   1.00 45.55 ? 5   G   A "C1'" 1 
ATOM   77   N N9    . G   A 1 4  ? 8.523   -16.588 6.715   1.00 44.42 ? 5   G   A N9    1 
ATOM   78   C C8    . G   A 1 4  ? 9.578   -16.297 5.880   1.00 43.21 ? 5   G   A C8    1 
ATOM   79   N N7    . G   A 1 4  ? 10.455  -15.491 6.424   1.00 42.17 ? 5   G   A N7    1 
ATOM   80   C C5    . G   A 1 4  ? 9.956   -15.242 7.696   1.00 40.32 ? 5   G   A C5    1 
ATOM   81   C C6    . G   A 1 4  ? 10.468  -14.426 8.750   1.00 37.38 ? 5   G   A C6    1 
ATOM   82   O O6    . G   A 1 4  ? 11.505  -13.742 8.769   1.00 37.55 ? 5   G   A O6    1 
ATOM   83   N N1    . G   A 1 4  ? 9.640   -14.461 9.869   1.00 35.57 ? 5   G   A N1    1 
ATOM   84   C C2    . G   A 1 4  ? 8.478   -15.197 9.975   1.00 38.16 ? 5   G   A C2    1 
ATOM   85   N N2    . G   A 1 4  ? 7.840   -15.142 11.147  1.00 38.31 ? 5   G   A N2    1 
ATOM   86   N N3    . G   A 1 4  ? 7.986   -15.945 9.002   1.00 40.18 ? 5   G   A N3    1 
ATOM   87   C C4    . G   A 1 4  ? 8.771   -15.923 7.898   1.00 42.39 ? 5   G   A C4    1 
ATOM   88   P P     . U   A 1 5  ? 4.837   -14.059 4.180   1.00 48.00 ? 6   U   A P     1 
ATOM   89   O OP1   . U   A 1 5  ? 3.642   -13.734 3.371   1.00 49.74 ? 6   U   A OP1   1 
ATOM   90   O OP2   . U   A 1 5  ? 6.132   -13.411 3.854   1.00 49.25 ? 6   U   A OP2   1 
ATOM   91   O "O5'" . U   A 1 5  ? 4.462   -13.757 5.699   1.00 47.16 ? 6   U   A "O5'" 1 
ATOM   92   C "C5'" . U   A 1 5  ? 3.356   -14.421 6.310   1.00 46.94 ? 6   U   A "C5'" 1 
ATOM   93   C "C4'" . U   A 1 5  ? 3.140   -13.922 7.720   1.00 45.99 ? 6   U   A "C4'" 1 
ATOM   94   O "O4'" . U   A 1 5  ? 4.253   -14.312 8.568   1.00 44.11 ? 6   U   A "O4'" 1 
ATOM   95   C "C3'" . U   A 1 5  ? 3.074   -12.415 7.886   1.00 48.16 ? 6   U   A "C3'" 1 
ATOM   96   O "O3'" . U   A 1 5  ? 1.791   -11.895 7.580   1.00 49.62 ? 6   U   A "O3'" 1 
ATOM   97   C "C2'" . U   A 1 5  ? 3.363   -12.262 9.366   1.00 48.44 ? 6   U   A "C2'" 1 
ATOM   98   O "O2'" . U   A 1 5  ? 2.215   -12.561 10.130  1.00 49.65 ? 6   U   A "O2'" 1 
ATOM   99   C "C1'" . U   A 1 5  ? 4.456   -13.317 9.562   1.00 47.78 ? 6   U   A "C1'" 1 
ATOM   100  N N1    . U   A 1 5  ? 5.792   -12.727 9.379   1.00 47.47 ? 6   U   A N1    1 
ATOM   101  C C2    . U   A 1 5  ? 6.374   -12.143 10.487  1.00 47.64 ? 6   U   A C2    1 
ATOM   102  O O2    . U   A 1 5  ? 5.843   -12.147 11.581  1.00 50.16 ? 6   U   A O2    1 
ATOM   103  N N3    . U   A 1 5  ? 7.600   -11.560 10.268  1.00 45.27 ? 6   U   A N3    1 
ATOM   104  C C4    . U   A 1 5  ? 8.299   -11.520 9.082   1.00 44.23 ? 6   U   A C4    1 
ATOM   105  O O4    . U   A 1 5  ? 9.419   -11.008 9.065   1.00 41.85 ? 6   U   A O4    1 
ATOM   106  C C5    . U   A 1 5  ? 7.643   -12.164 7.977   1.00 43.83 ? 6   U   A C5    1 
ATOM   107  C C6    . U   A 1 5  ? 6.441   -12.734 8.160   1.00 44.46 ? 6   U   A C6    1 
ATOM   108  P P     . C   A 1 6  ? 1.670   -10.398 7.014   1.00 54.20 ? 7   C   A P     1 
ATOM   109  O OP1   . C   A 1 6  ? 0.225   -10.067 6.884   1.00 52.77 ? 7   C   A OP1   1 
ATOM   110  O OP2   . C   A 1 6  ? 2.566   -10.263 5.836   1.00 52.79 ? 7   C   A OP2   1 
ATOM   111  O "O5'" . C   A 1 6  ? 2.267   -9.515  8.195   1.00 52.15 ? 7   C   A "O5'" 1 
ATOM   112  C "C5'" . C   A 1 6  ? 1.576   -9.408  9.427   1.00 52.34 ? 7   C   A "C5'" 1 
ATOM   113  C "C4'" . C   A 1 6  ? 2.332   -8.511  10.365  1.00 52.26 ? 7   C   A "C4'" 1 
ATOM   114  O "O4'" . C   A 1 6  ? 3.636   -9.093  10.626  1.00 51.62 ? 7   C   A "O4'" 1 
ATOM   115  C "C3'" . C   A 1 6  ? 2.684   -7.137  9.818   1.00 52.10 ? 7   C   A "C3'" 1 
ATOM   116  O "O3'" . C   A 1 6  ? 1.597   -6.227  9.889   1.00 53.49 ? 7   C   A "O3'" 1 
ATOM   117  C "C2'" . C   A 1 6  ? 3.811   -6.733  10.748  1.00 51.43 ? 7   C   A "C2'" 1 
ATOM   118  O "O2'" . C   A 1 6  ? 3.344   -6.315  12.009  1.00 51.18 ? 7   C   A "O2'" 1 
ATOM   119  C "C1'" . C   A 1 6  ? 4.568   -8.053  10.879  1.00 51.86 ? 7   C   A "C1'" 1 
ATOM   120  N N1    . C   A 1 6  ? 5.663   -8.117  9.894   1.00 50.03 ? 7   C   A N1    1 
ATOM   121  C C2    . C   A 1 6  ? 6.850   -7.447  10.204  1.00 48.96 ? 7   C   A C2    1 
ATOM   122  O O2    . C   A 1 6  ? 6.936   -6.871  11.299  1.00 49.91 ? 7   C   A O2    1 
ATOM   123  N N3    . C   A 1 6  ? 7.869   -7.444  9.311   1.00 47.25 ? 7   C   A N3    1 
ATOM   124  C C4    . C   A 1 6  ? 7.735   -8.084  8.142   1.00 46.40 ? 7   C   A C4    1 
ATOM   125  N N4    . C   A 1 6  ? 8.763   -8.038  7.293   1.00 39.79 ? 7   C   A N4    1 
ATOM   126  C C5    . C   A 1 6  ? 6.536   -8.794  7.801   1.00 45.62 ? 7   C   A C5    1 
ATOM   127  C C6    . C   A 1 6  ? 5.535   -8.786  8.703   1.00 47.58 ? 7   C   A C6    1 
ATOM   128  P P     . A   A 1 7  ? 1.658   -4.848  9.063   1.00 53.60 ? 8   A   A P     1 
ATOM   129  O OP1   . A   A 1 7  ? 0.426   -4.096  9.391   1.00 56.31 ? 8   A   A OP1   1 
ATOM   130  O OP2   . A   A 1 7  ? 1.984   -5.127  7.645   1.00 54.80 ? 8   A   A OP2   1 
ATOM   131  O "O5'" . A   A 1 7  ? 2.885   -4.067  9.706   1.00 52.37 ? 8   A   A "O5'" 1 
ATOM   132  C "C5'" . A   A 1 7  ? 2.809   -3.572  11.029  1.00 50.35 ? 8   A   A "C5'" 1 
ATOM   133  C "C4'" . A   A 1 7  ? 4.011   -2.718  11.329  1.00 50.93 ? 8   A   A "C4'" 1 
ATOM   134  O "O4'" . A   A 1 7  ? 5.210   -3.532  11.222  1.00 52.25 ? 8   A   A "O4'" 1 
ATOM   135  C "C3'" . A   A 1 7  ? 4.275   -1.578  10.366  1.00 50.58 ? 8   A   A "C3'" 1 
ATOM   136  O "O3'" . A   A 1 7  ? 3.470   -0.448  10.667  1.00 49.55 ? 8   A   A "O3'" 1 
ATOM   137  C "C2'" . A   A 1 7  ? 5.751   -1.305  10.618  1.00 50.19 ? 8   A   A "C2'" 1 
ATOM   138  O "O2'" . A   A 1 7  ? 5.987   -0.569  11.800  1.00 53.09 ? 8   A   A "O2'" 1 
ATOM   139  C "C1'" . A   A 1 7  ? 6.294   -2.725  10.785  1.00 50.21 ? 8   A   A "C1'" 1 
ATOM   140  N N9    . A   A 1 7  ? 6.794   -3.269  9.521   1.00 48.79 ? 8   A   A N9    1 
ATOM   141  C C8    . A   A 1 7  ? 6.191   -4.170  8.677   1.00 47.99 ? 8   A   A C8    1 
ATOM   142  N N7    . A   A 1 7  ? 6.889   -4.434  7.598   1.00 47.48 ? 8   A   A N7    1 
ATOM   143  C C5    . A   A 1 7  ? 8.034   -3.661  7.744   1.00 46.10 ? 8   A   A C5    1 
ATOM   144  C C6    . A   A 1 7  ? 9.174   -3.482  6.930   1.00 44.51 ? 8   A   A C6    1 
ATOM   145  N N6    . A   A 1 7  ? 9.368   -4.100  5.754   1.00 41.41 ? 8   A   A N6    1 
ATOM   146  N N1    . A   A 1 7  ? 10.123  -2.631  7.372   1.00 43.87 ? 8   A   A N1    1 
ATOM   147  C C2    . A   A 1 7  ? 9.938   -2.005  8.544   1.00 43.73 ? 8   A   A C2    1 
ATOM   148  N N3    . A   A 1 7  ? 8.918   -2.088  9.392   1.00 44.57 ? 8   A   A N3    1 
ATOM   149  C C4    . A   A 1 7  ? 7.989   -2.941  8.927   1.00 47.47 ? 8   A   A C4    1 
ATOM   150  P P     . C   A 1 8  ? 3.021   0.544   9.492   1.00 51.11 ? 9   C   A P     1 
ATOM   151  O OP1   . C   A 1 8  ? 2.236   1.632   10.113  1.00 54.08 ? 9   C   A OP1   1 
ATOM   152  O OP2   . C   A 1 8  ? 2.422   -0.236  8.382   1.00 51.88 ? 9   C   A OP2   1 
ATOM   153  O "O5'" . C   A 1 8  ? 4.395   1.173   8.988   1.00 51.69 ? 9   C   A "O5'" 1 
ATOM   154  C "C5'" . C   A 1 8  ? 5.190   1.963   9.863   1.00 49.36 ? 9   C   A "C5'" 1 
ATOM   155  C "C4'" . C   A 1 8  ? 6.444   2.435   9.164   1.00 48.42 ? 9   C   A "C4'" 1 
ATOM   156  O "O4'" . C   A 1 8  ? 7.356   1.326   8.934   1.00 47.62 ? 9   C   A "O4'" 1 
ATOM   157  C "C3'" . C   A 1 8  ? 6.256   3.031   7.783   1.00 48.03 ? 9   C   A "C3'" 1 
ATOM   158  O "O3'" . C   A 1 8  ? 5.799   4.371   7.852   1.00 50.53 ? 9   C   A "O3'" 1 
ATOM   159  C "C2'" . C   A 1 8  ? 7.663   2.931   7.213   1.00 46.97 ? 9   C   A "C2'" 1 
ATOM   160  O "O2'" . C   A 1 8  ? 8.527   3.942   7.698   1.00 43.31 ? 9   C   A "O2'" 1 
ATOM   161  C "C1'" . C   A 1 8  ? 8.099   1.564   7.746   1.00 45.91 ? 9   C   A "C1'" 1 
ATOM   162  N N1    . C   A 1 8  ? 7.787   0.500   6.784   1.00 43.98 ? 9   C   A N1    1 
ATOM   163  C C2    . C   A 1 8  ? 8.637   0.317   5.690   1.00 43.70 ? 9   C   A C2    1 
ATOM   164  O O2    . C   A 1 8  ? 9.632   1.054   5.574   1.00 44.84 ? 9   C   A O2    1 
ATOM   165  N N3    . C   A 1 8  ? 8.353   -0.647  4.785   1.00 41.92 ? 9   C   A N3    1 
ATOM   166  C C4    . C   A 1 8  ? 7.262   -1.407  4.942   1.00 41.60 ? 9   C   A C4    1 
ATOM   167  N N4    . C   A 1 8  ? 7.011   -2.343  4.021   1.00 38.11 ? 9   C   A N4    1 
ATOM   168  C C5    . C   A 1 8  ? 6.382   -1.242  6.050   1.00 41.20 ? 9   C   A C5    1 
ATOM   169  C C6    . C   A 1 8  ? 6.683   -0.288  6.941   1.00 42.87 ? 9   C   A C6    1 
ATOM   170  P P     . A   A 1 9  ? 4.722   4.889   6.781   1.00 53.29 ? 10  A   A P     1 
ATOM   171  O OP1   . A   A 1 9  ? 4.205   6.192   7.276   1.00 54.60 ? 10  A   A OP1   1 
ATOM   172  O OP2   . A   A 1 9  ? 3.774   3.783   6.495   1.00 53.89 ? 10  A   A OP2   1 
ATOM   173  O "O5'" . A   A 1 9  ? 5.600   5.154   5.475   1.00 53.16 ? 10  A   A "O5'" 1 
ATOM   174  C "C5'" . A   A 1 9  ? 6.627   6.142   5.481   1.00 50.79 ? 10  A   A "C5'" 1 
ATOM   175  C "C4'" . A   A 1 9  ? 7.515   5.999   4.264   1.00 51.42 ? 10  A   A "C4'" 1 
ATOM   176  O "O4'" . A   A 1 9  ? 8.233   4.735   4.321   1.00 48.61 ? 10  A   A "O4'" 1 
ATOM   177  C "C3'" . A   A 1 9  ? 6.827   5.960   2.907   1.00 51.35 ? 10  A   A "C3'" 1 
ATOM   178  O "O3'" . A   A 1 9  ? 6.500   7.260   2.420   1.00 54.23 ? 10  A   A "O3'" 1 
ATOM   179  C "C2'" . A   A 1 9  ? 7.909   5.323   2.052   1.00 49.76 ? 10  A   A "C2'" 1 
ATOM   180  O "O2'" . A   A 1 9  ? 8.959   6.223   1.761   1.00 50.94 ? 10  A   A "O2'" 1 
ATOM   181  C "C1'" . A   A 1 9  ? 8.425   4.247   3.000   1.00 49.06 ? 10  A   A "C1'" 1 
ATOM   182  N N9    . A   A 1 9  ? 7.658   3.019   2.839   1.00 45.94 ? 10  A   A N9    1 
ATOM   183  C C8    . A   A 1 9  ? 6.646   2.536   3.636   1.00 46.40 ? 10  A   A C8    1 
ATOM   184  N N7    . A   A 1 9  ? 6.144   1.396   3.219   1.00 45.78 ? 10  A   A N7    1 
ATOM   185  C C5    . A   A 1 9  ? 6.877   1.107   2.072   1.00 45.10 ? 10  A   A C5    1 
ATOM   186  C C6    . A   A 1 9  ? 6.841   0.030   1.169   1.00 41.88 ? 10  A   A C6    1 
ATOM   187  N N6    . A   A 1 9  ? 6.004   -1.011  1.287   1.00 40.88 ? 10  A   A N6    1 
ATOM   188  N N1    . A   A 1 9  ? 7.705   0.053   0.130   1.00 42.56 ? 10  A   A N1    1 
ATOM   189  C C2    . A   A 1 9  ? 8.544   1.090   0.015   1.00 40.97 ? 10  A   A C2    1 
ATOM   190  N N3    . A   A 1 9  ? 8.679   2.154   0.799   1.00 42.96 ? 10  A   A N3    1 
ATOM   191  C C4    . A   A 1 9  ? 7.808   2.102   1.824   1.00 45.15 ? 10  A   A C4    1 
ATOM   192  P P     . C   A 1 10 ? 5.182   7.462   1.522   1.00 54.76 ? 11  C   A P     1 
ATOM   193  O OP1   . C   A 1 10 ? 4.997   8.920   1.291   1.00 56.80 ? 11  C   A OP1   1 
ATOM   194  O OP2   . C   A 1 10 ? 4.087   6.667   2.136   1.00 56.85 ? 11  C   A OP2   1 
ATOM   195  O "O5'" . C   A 1 10 ? 5.535   6.785   0.124   1.00 54.94 ? 11  C   A "O5'" 1 
ATOM   196  C "C5'" . C   A 1 10 ? 6.578   7.304   -0.683  1.00 53.10 ? 11  C   A "C5'" 1 
ATOM   197  C "C4'" . C   A 1 10 ? 6.947   6.320   -1.768  1.00 52.88 ? 11  C   A "C4'" 1 
ATOM   198  O "O4'" . C   A 1 10 ? 7.258   5.030   -1.165  1.00 51.69 ? 11  C   A "O4'" 1 
ATOM   199  C "C3'" . C   A 1 10 ? 5.879   5.947   -2.783  1.00 52.47 ? 11  C   A "C3'" 1 
ATOM   200  O "O3'" . C   A 1 10 ? 5.722   6.939   -3.796  1.00 54.96 ? 11  C   A "O3'" 1 
ATOM   201  C "C2'" . C   A 1 10 ? 6.478   4.682   -3.374  1.00 51.13 ? 11  C   A "C2'" 1 
ATOM   202  O "O2'" . C   A 1 10 ? 7.565   4.966   -4.227  1.00 48.75 ? 11  C   A "O2'" 1 
ATOM   203  C "C1'" . C   A 1 10 ? 7.024   4.003   -2.120  1.00 51.10 ? 11  C   A "C1'" 1 
ATOM   204  N N1    . C   A 1 10 ? 6.058   3.034   -1.579  1.00 48.40 ? 11  C   A N1    1 
ATOM   205  C C2    . C   A 1 10 ? 5.989   1.778   -2.170  1.00 47.74 ? 11  C   A C2    1 
ATOM   206  O O2    . C   A 1 10 ? 6.754   1.526   -3.116  1.00 46.17 ? 11  C   A O2    1 
ATOM   207  N N3    . C   A 1 10 ? 5.096   0.870   -1.707  1.00 47.37 ? 11  C   A N3    1 
ATOM   208  C C4    . C   A 1 10 ? 4.289   1.190   -0.694  1.00 47.49 ? 11  C   A C4    1 
ATOM   209  N N4    . C   A 1 10 ? 3.404   0.274   -0.280  1.00 44.61 ? 11  C   A N4    1 
ATOM   210  C C5    . C   A 1 10 ? 4.347   2.466   -0.062  1.00 48.42 ? 11  C   A C5    1 
ATOM   211  C C6    . C   A 1 10 ? 5.240   3.350   -0.532  1.00 49.19 ? 11  C   A C6    1 
ATOM   212  P P     . C   A 1 11 ? 4.431   6.898   -4.756  1.00 53.89 ? 12  C   A P     1 
ATOM   213  O OP1   . C   A 1 11 ? 4.468   8.107   -5.611  1.00 52.11 ? 12  C   A OP1   1 
ATOM   214  O OP2   . C   A 1 11 ? 3.242   6.629   -3.909  1.00 54.71 ? 12  C   A OP2   1 
ATOM   215  O "O5'" . C   A 1 11 ? 4.679   5.638   -5.693  1.00 53.19 ? 12  C   A "O5'" 1 
ATOM   216  C "C5'" . C   A 1 11 ? 5.699   5.672   -6.678  1.00 53.81 ? 12  C   A "C5'" 1 
ATOM   217  C "C4'" . C   A 1 11 ? 5.604   4.464   -7.570  1.00 53.31 ? 12  C   A "C4'" 1 
ATOM   218  O "O4'" . C   A 1 11 ? 5.837   3.266   -6.780  1.00 52.65 ? 12  C   A "O4'" 1 
ATOM   219  C "C3'" . C   A 1 11 ? 4.253   4.201   -8.204  1.00 52.85 ? 12  C   A "C3'" 1 
ATOM   220  O "O3'" . C   A 1 11 ? 4.022   5.002   -9.350  1.00 54.58 ? 12  C   A "O3'" 1 
ATOM   221  C "C2'" . C   A 1 11 ? 4.375   2.729   -8.558  1.00 52.24 ? 12  C   A "C2'" 1 
ATOM   222  O "O2'" . C   A 1 11 ? 5.198   2.505   -9.684  1.00 50.97 ? 12  C   A "O2'" 1 
ATOM   223  C "C1'" . C   A 1 11 ? 5.077   2.192   -7.312  1.00 51.22 ? 12  C   A "C1'" 1 
ATOM   224  N N1    . C   A 1 11 ? 4.128   1.741   -6.280  1.00 49.44 ? 12  C   A N1    1 
ATOM   225  C C2    . C   A 1 11 ? 3.533   0.483   -6.420  1.00 47.44 ? 12  C   A C2    1 
ATOM   226  O O2    . C   A 1 11 ? 3.801   -0.201  -7.424  1.00 43.60 ? 12  C   A O2    1 
ATOM   227  N N3    . C   A 1 11 ? 2.686   0.043   -5.463  1.00 48.27 ? 12  C   A N3    1 
ATOM   228  C C4    . C   A 1 11 ? 2.425   0.807   -4.398  1.00 49.68 ? 12  C   A C4    1 
ATOM   229  N N4    . C   A 1 11 ? 1.599   0.316   -3.467  1.00 49.42 ? 12  C   A N4    1 
ATOM   230  C C5    . C   A 1 11 ? 3.003   2.105   -4.239  1.00 48.12 ? 12  C   A C5    1 
ATOM   231  C C6    . C   A 1 11 ? 3.838   2.527   -5.196  1.00 48.36 ? 12  C   A C6    1 
ATOM   232  P P     . G   A 1 12 ? 2.515   5.410   -9.730  1.00 54.98 ? 13  G   A P     1 
ATOM   233  O OP1   . G   A 1 12 ? 2.587   6.308   -10.911 1.00 56.92 ? 13  G   A OP1   1 
ATOM   234  O OP2   . G   A 1 12 ? 1.850   5.883   -8.489  1.00 53.50 ? 13  G   A OP2   1 
ATOM   235  O "O5'" . G   A 1 12 ? 1.859   4.034   -10.197 1.00 54.67 ? 13  G   A "O5'" 1 
ATOM   236  C "C5'" . G   A 1 12 ? 2.314   3.394   -11.390 1.00 53.97 ? 13  G   A "C5'" 1 
ATOM   237  C "C4'" . G   A 1 12 ? 1.644   2.050   -11.578 1.00 53.19 ? 13  G   A "C4'" 1 
ATOM   238  O "O4'" . G   A 1 12 ? 2.077   1.111   -10.554 1.00 53.83 ? 13  G   A "O4'" 1 
ATOM   239  C "C3'" . G   A 1 12 ? 0.135   2.016   -11.448 1.00 53.14 ? 13  G   A "C3'" 1 
ATOM   240  O "O3'" . G   A 1 12 ? -0.517  2.477   -12.614 1.00 55.06 ? 13  G   A "O3'" 1 
ATOM   241  C "C2'" . G   A 1 12 ? -0.113  0.534   -11.239 1.00 51.99 ? 13  G   A "C2'" 1 
ATOM   242  O "O2'" . G   A 1 12 ? -0.005  -0.213  -12.431 1.00 53.73 ? 13  G   A "O2'" 1 
ATOM   243  C "C1'" . G   A 1 12 ? 1.035   0.178   -10.298 1.00 50.94 ? 13  G   A "C1'" 1 
ATOM   244  N N9    . G   A 1 12 ? 0.591   0.319   -8.914  1.00 48.44 ? 13  G   A N9    1 
ATOM   245  C C8    . G   A 1 12 ? 0.799   1.375   -8.057  1.00 47.23 ? 13  G   A C8    1 
ATOM   246  N N7    . G   A 1 12 ? 0.227   1.205   -6.891  1.00 46.16 ? 13  G   A N7    1 
ATOM   247  C C5    . G   A 1 12 ? -0.383  -0.040  -6.985  1.00 45.13 ? 13  G   A C5    1 
ATOM   248  C C6    . G   A 1 12 ? -1.166  -0.769  -6.035  1.00 45.04 ? 13  G   A C6    1 
ATOM   249  O O6    . G   A 1 12 ? -1.486  -0.448  -4.878  1.00 46.35 ? 13  G   A O6    1 
ATOM   250  N N1    . G   A 1 12 ? -1.589  -1.987  -6.553  1.00 42.98 ? 13  G   A N1    1 
ATOM   251  C C2    . G   A 1 12 ? -1.295  -2.453  -7.814  1.00 43.86 ? 13  G   A C2    1 
ATOM   252  N N2    . G   A 1 12 ? -1.778  -3.653  -8.131  1.00 39.55 ? 13  G   A N2    1 
ATOM   253  N N3    . G   A 1 12 ? -0.575  -1.788  -8.701  1.00 43.59 ? 13  G   A N3    1 
ATOM   254  C C4    . G   A 1 12 ? -0.158  -0.601  -8.224  1.00 44.93 ? 13  G   A C4    1 
ATOM   255  P P     . G   A 1 13 ? -1.986  3.113   -12.490 1.00 56.72 ? 14  G   A P     1 
ATOM   256  O OP1   . G   A 1 13 ? -2.338  3.599   -13.850 1.00 54.04 ? 14  G   A OP1   1 
ATOM   257  O OP2   . G   A 1 13 ? -1.998  4.054   -11.336 1.00 52.14 ? 14  G   A OP2   1 
ATOM   258  O "O5'" . G   A 1 13 ? -2.929  1.876   -12.127 1.00 54.45 ? 14  G   A "O5'" 1 
ATOM   259  C "C5'" . G   A 1 13 ? -3.115  0.820   -13.060 1.00 53.16 ? 14  G   A "C5'" 1 
ATOM   260  C "C4'" . G   A 1 13 ? -3.890  -0.323  -12.436 1.00 53.52 ? 14  G   A "C4'" 1 
ATOM   261  O "O4'" . G   A 1 13 ? -3.213  -0.778  -11.230 1.00 53.26 ? 14  G   A "O4'" 1 
ATOM   262  C "C3'" . G   A 1 13 ? -5.302  -0.053  -11.939 1.00 52.20 ? 14  G   A "C3'" 1 
ATOM   263  O "O3'" . G   A 1 13 ? -6.246  -0.027  -13.004 1.00 51.10 ? 14  G   A "O3'" 1 
ATOM   264  C "C2'" . G   A 1 13 ? -5.524  -1.270  -11.054 1.00 52.28 ? 14  G   A "C2'" 1 
ATOM   265  O "O2'" . G   A 1 13 ? -5.740  -2.440  -11.818 1.00 52.11 ? 14  G   A "O2'" 1 
ATOM   266  C "C1'" . G   A 1 13 ? -4.163  -1.380  -10.361 1.00 51.68 ? 14  G   A "C1'" 1 
ATOM   267  N N9    . G   A 1 13 ? -4.153  -0.682  -9.078  1.00 49.13 ? 14  G   A N9    1 
ATOM   268  C C8    . G   A 1 13 ? -3.591  0.537   -8.779  1.00 48.44 ? 14  G   A C8    1 
ATOM   269  N N7    . G   A 1 13 ? -3.781  0.897   -7.534  1.00 48.14 ? 14  G   A N7    1 
ATOM   270  C C5    . G   A 1 13 ? -4.507  -0.153  -6.978  1.00 45.36 ? 14  G   A C5    1 
ATOM   271  C C6    . G   A 1 13 ? -5.013  -0.331  -5.661  1.00 45.29 ? 14  G   A C6    1 
ATOM   272  O O6    . G   A 1 13 ? -4.919  0.429   -4.683  1.00 46.16 ? 14  G   A O6    1 
ATOM   273  N N1    . G   A 1 13 ? -5.700  -1.537  -5.538  1.00 43.26 ? 14  G   A N1    1 
ATOM   274  C C2    . G   A 1 13 ? -5.882  -2.450  -6.544  1.00 41.04 ? 14  G   A C2    1 
ATOM   275  N N2    . G   A 1 13 ? -6.594  -3.545  -6.229  1.00 40.86 ? 14  G   A N2    1 
ATOM   276  N N3    . G   A 1 13 ? -5.410  -2.301  -7.770  1.00 41.58 ? 14  G   A N3    1 
ATOM   277  C C4    . G   A 1 13 ? -4.740  -1.135  -7.916  1.00 46.17 ? 14  G   A C4    1 
ATOM   278  P P     . U   A 1 14 ? -7.673  0.687   -12.789 1.00 51.44 ? 15  U   A P     1 
ATOM   279  O OP1   . U   A 1 14 ? -8.335  0.781   -14.119 1.00 53.21 ? 15  U   A OP1   1 
ATOM   280  O OP2   . U   A 1 14 ? -7.487  1.916   -11.981 1.00 48.89 ? 15  U   A OP2   1 
ATOM   281  O "O5'" . U   A 1 14 ? -8.481  -0.366  -11.903 1.00 50.84 ? 15  U   A "O5'" 1 
ATOM   282  C "C5'" . U   A 1 14 ? -8.725  -1.686  -12.372 1.00 47.10 ? 15  U   A "C5'" 1 
ATOM   283  C "C4'" . U   A 1 14 ? -9.560  -2.455  -11.367 1.00 46.37 ? 15  U   A "C4'" 1 
ATOM   284  O "O4'" . U   A 1 14 ? -8.775  -2.735  -10.172 1.00 43.47 ? 15  U   A "O4'" 1 
ATOM   285  C "C3'" . U   A 1 14 ? -10.776 -1.730  -10.811 1.00 45.09 ? 15  U   A "C3'" 1 
ATOM   286  O "O3'" . U   A 1 14 ? -11.886 -1.741  -11.694 1.00 43.10 ? 15  U   A "O3'" 1 
ATOM   287  C "C2'" . U   A 1 14 ? -11.055 -2.534  -9.548  1.00 45.04 ? 15  U   A "C2'" 1 
ATOM   288  O "O2'" . U   A 1 14 ? -11.665 -3.786  -9.820  1.00 44.39 ? 15  U   A "O2'" 1 
ATOM   289  C "C1'" . U   A 1 14 ? -9.634  -2.762  -9.036  1.00 44.33 ? 15  U   A "C1'" 1 
ATOM   290  N N1    . U   A 1 14 ? -9.224  -1.715  -8.086  1.00 43.06 ? 15  U   A N1    1 
ATOM   291  C C2    . U   A 1 14 ? -9.664  -1.851  -6.780  1.00 41.93 ? 15  U   A C2    1 
ATOM   292  O O2    . U   A 1 14 ? -10.373 -2.776  -6.419  1.00 41.45 ? 15  U   A O2    1 
ATOM   293  N N3    . U   A 1 14 ? -9.253  -0.862  -5.920  1.00 40.63 ? 15  U   A N3    1 
ATOM   294  C C4    . U   A 1 14 ? -8.463  0.235   -6.229  1.00 41.92 ? 15  U   A C4    1 
ATOM   295  O O4    . U   A 1 14 ? -8.150  1.026   -5.335  1.00 42.18 ? 15  U   A O4    1 
ATOM   296  C C5    . U   A 1 14 ? -8.059  0.317   -7.605  1.00 40.58 ? 15  U   A C5    1 
ATOM   297  C C6    . U   A 1 14 ? -8.441  -0.638  -8.466  1.00 42.50 ? 15  U   A C6    1 
ATOM   298  P P     . G   A 1 15 ? -12.965 -0.559  -11.606 1.00 45.12 ? 16  G   A P     1 
ATOM   299  O OP1   . G   A 1 15 ? -13.937 -0.744  -12.715 1.00 45.36 ? 16  G   A OP1   1 
ATOM   300  O OP2   . G   A 1 15 ? -12.240 0.737   -11.470 1.00 42.75 ? 16  G   A OP2   1 
ATOM   301  O "O5'" . G   A 1 15 ? -13.716 -0.841  -10.231 1.00 44.92 ? 16  G   A "O5'" 1 
ATOM   302  C "C5'" . G   A 1 15 ? -14.485 -2.024  -10.051 1.00 42.69 ? 16  G   A "C5'" 1 
ATOM   303  C "C4'" . G   A 1 15 ? -15.037 -2.068  -8.651  1.00 42.76 ? 16  G   A "C4'" 1 
ATOM   304  O "O4'" . G   A 1 15 ? -13.926 -2.114  -7.721  1.00 41.92 ? 16  G   A "O4'" 1 
ATOM   305  C "C3'" . G   A 1 15 ? -15.832 -0.848  -8.211  1.00 43.89 ? 16  G   A "C3'" 1 
ATOM   306  O "O3'" . G   A 1 15 ? -17.204 -0.925  -8.604  1.00 46.39 ? 16  G   A "O3'" 1 
ATOM   307  C "C2'" . G   A 1 15 ? -15.713 -0.940  -6.697  1.00 42.63 ? 16  G   A "C2'" 1 
ATOM   308  O "O2'" . G   A 1 15 ? -16.617 -1.882  -6.150  1.00 41.87 ? 16  G   A "O2'" 1 
ATOM   309  C "C1'" . G   A 1 15 ? -14.273 -1.433  -6.535  1.00 41.60 ? 16  G   A "C1'" 1 
ATOM   310  N N9    . G   A 1 15 ? -13.317 -0.349  -6.327  1.00 43.12 ? 16  G   A N9    1 
ATOM   311  C C8    . G   A 1 15 ? -12.569 0.303   -7.279  1.00 41.15 ? 16  G   A C8    1 
ATOM   312  N N7    . G   A 1 15 ? -11.803 1.237   -6.776  1.00 41.84 ? 16  G   A N7    1 
ATOM   313  C C5    . G   A 1 15 ? -12.059 1.197   -5.410  1.00 41.53 ? 16  G   A C5    1 
ATOM   314  C C6    . G   A 1 15 ? -11.524 1.976   -4.345  1.00 41.11 ? 16  G   A C6    1 
ATOM   315  O O6    . G   A 1 15 ? -10.701 2.888   -4.396  1.00 41.63 ? 16  G   A O6    1 
ATOM   316  N N1    . G   A 1 15 ? -12.059 1.604   -3.118  1.00 43.26 ? 16  G   A N1    1 
ATOM   317  C C2    . G   A 1 15 ? -12.995 0.619   -2.933  1.00 43.15 ? 16  G   A C2    1 
ATOM   318  N N2    . G   A 1 15 ? -13.398 0.420   -1.668  1.00 42.20 ? 16  G   A N2    1 
ATOM   319  N N3    . G   A 1 15 ? -13.504 -0.113  -3.916  1.00 42.51 ? 16  G   A N3    1 
ATOM   320  C C4    . G   A 1 15 ? -12.992 0.226   -5.116  1.00 41.67 ? 16  G   A C4    1 
ATOM   321  P P     . A   A 1 16 ? -17.743 -0.006  -9.805  1.00 46.80 ? 17  A   A P     1 
ATOM   322  O OP1   . A   A 1 16 ? -18.167 -0.898  -10.921 1.00 46.95 ? 17  A   A OP1   1 
ATOM   323  O OP2   . A   A 1 16 ? -16.714 1.035   -10.067 1.00 46.49 ? 17  A   A OP2   1 
ATOM   324  O "O5'" . A   A 1 16 ? -19.015 0.754   -9.209  1.00 47.95 ? 17  A   A "O5'" 1 
ATOM   325  C "C5'" . A   A 1 16 ? -19.469 1.933   -9.879  1.00 53.38 ? 17  A   A "C5'" 1 
ATOM   326  C "C4'" . A   A 1 16 ? -20.462 2.749   -9.063  1.00 53.40 ? 17  A   A "C4'" 1 
ATOM   327  O "O4'" . A   A 1 16 ? -21.739 2.078   -8.914  1.00 52.80 ? 17  A   A "O4'" 1 
ATOM   328  C "C3'" . A   A 1 16 ? -20.197 3.257   -7.654  1.00 52.60 ? 17  A   A "C3'" 1 
ATOM   329  O "O3'" . A   A 1 16 ? -19.236 4.318   -7.623  1.00 51.58 ? 17  A   A "O3'" 1 
ATOM   330  C "C2'" . A   A 1 16 ? -21.575 3.830   -7.321  1.00 52.42 ? 17  A   A "C2'" 1 
ATOM   331  O "O2'" . A   A 1 16 ? -21.780 5.073   -7.957  1.00 54.56 ? 17  A   A "O2'" 1 
ATOM   332  C "C1'" . A   A 1 16 ? -22.517 2.822   -7.991  1.00 50.74 ? 17  A   A "C1'" 1 
ATOM   333  N N9    . A   A 1 16 ? -23.120 1.916   -7.025  1.00 49.37 ? 17  A   A N9    1 
ATOM   334  C C8    . A   A 1 16 ? -22.775 1.761   -5.707  1.00 48.76 ? 17  A   A C8    1 
ATOM   335  N N7    . A   A 1 16 ? -23.508 0.886   -5.070  1.00 49.75 ? 17  A   A N7    1 
ATOM   336  C C5    . A   A 1 16 ? -24.393 0.430   -6.035  1.00 48.48 ? 17  A   A C5    1 
ATOM   337  C C6    . A   A 1 16 ? -25.426 -0.505  -5.989  1.00 47.26 ? 17  A   A C6    1 
ATOM   338  N N6    . A   A 1 16 ? -25.741 -1.189  -4.887  1.00 46.35 ? 17  A   A N6    1 
ATOM   339  N N1    . A   A 1 16 ? -26.132 -0.723  -7.121  1.00 45.89 ? 17  A   A N1    1 
ATOM   340  C C2    . A   A 1 16 ? -25.799 -0.044  -8.224  1.00 49.06 ? 17  A   A C2    1 
ATOM   341  N N3    . A   A 1 16 ? -24.835 0.860   -8.395  1.00 49.69 ? 17  A   A N3    1 
ATOM   342  C C4    . A   A 1 16 ? -24.165 1.055   -7.246  1.00 49.44 ? 17  A   A C4    1 
ATOM   343  P P     . A   A 1 17 ? -18.859 5.027   -6.219  1.00 50.11 ? 18  A   A P     1 
ATOM   344  O OP1   . A   A 1 17 ? -17.699 5.930   -6.465  1.00 50.89 ? 18  A   A OP1   1 
ATOM   345  O OP2   . A   A 1 17 ? -18.765 3.997   -5.160  1.00 50.02 ? 18  A   A OP2   1 
ATOM   346  O "O5'" . A   A 1 17 ? -20.120 5.943   -5.882  1.00 51.22 ? 18  A   A "O5'" 1 
ATOM   347  C "C5'" . A   A 1 17 ? -20.192 7.284   -6.350  1.00 52.72 ? 18  A   A "C5'" 1 
ATOM   348  C "C4'" . A   A 1 17 ? -21.509 7.922   -5.955  1.00 53.61 ? 18  A   A "C4'" 1 
ATOM   349  O "O4'" . A   A 1 17 ? -22.613 7.204   -6.570  1.00 52.66 ? 18  A   A "O4'" 1 
ATOM   350  C "C3'" . A   A 1 17 ? -21.879 7.916   -4.478  1.00 54.08 ? 18  A   A "C3'" 1 
ATOM   351  O "O3'" . A   A 1 17 ? -21.241 8.975   -3.767  1.00 57.07 ? 18  A   A "O3'" 1 
ATOM   352  C "C2'" . A   A 1 17 ? -23.379 8.190   -4.545  1.00 52.83 ? 18  A   A "C2'" 1 
ATOM   353  O "O2'" . A   A 1 17 ? -23.663 9.564   -4.730  1.00 50.44 ? 18  A   A "O2'" 1 
ATOM   354  C "C1'" . A   A 1 17 ? -23.785 7.404   -5.797  1.00 52.27 ? 18  A   A "C1'" 1 
ATOM   355  N N9    . A   A 1 17 ? -24.379 6.107   -5.468  1.00 50.98 ? 18  A   A N9    1 
ATOM   356  C C8    . A   A 1 17 ? -24.406 5.496   -4.238  1.00 50.34 ? 18  A   A C8    1 
ATOM   357  N N7    . A   A 1 17 ? -25.090 4.379   -4.217  1.00 50.63 ? 18  A   A N7    1 
ATOM   358  C C5    . A   A 1 17 ? -25.531 4.233   -5.524  1.00 51.09 ? 18  A   A C5    1 
ATOM   359  C C6    . A   A 1 17 ? -26.331 3.255   -6.151  1.00 52.16 ? 18  A   A C6    1 
ATOM   360  N N6    . A   A 1 17 ? -26.870 2.219   -5.508  1.00 52.15 ? 18  A   A N6    1 
ATOM   361  N N1    . A   A 1 17 ? -26.567 3.391   -7.476  1.00 53.48 ? 18  A   A N1    1 
ATOM   362  C C2    . A   A 1 17 ? -26.042 4.455   -8.116  1.00 52.26 ? 18  A   A C2    1 
ATOM   363  N N3    . A   A 1 17 ? -25.294 5.446   -7.631  1.00 49.69 ? 18  A   A N3    1 
ATOM   364  C C4    . A   A 1 17 ? -25.075 5.275   -6.314  1.00 50.31 ? 18  A   A C4    1 
ATOM   365  P P     . G   A 1 18 ? -19.832 8.717   -3.043  1.00 57.54 ? 19  G   A P     1 
ATOM   366  O OP1   . G   A 1 18 ? -18.778 9.240   -3.952  1.00 56.46 ? 19  G   A OP1   1 
ATOM   367  O OP2   . G   A 1 18 ? -19.776 7.301   -2.606  1.00 58.82 ? 19  G   A OP2   1 
ATOM   368  O "O5'" . G   A 1 18 ? -19.885 9.667   -1.765  1.00 58.03 ? 19  G   A "O5'" 1 
ATOM   369  C "C5'" . G   A 1 18 ? -20.614 9.308   -0.593  1.00 58.88 ? 19  G   A "C5'" 1 
ATOM   370  C "C4'" . G   A 1 18 ? -19.750 9.528   0.624   1.00 59.85 ? 19  G   A "C4'" 1 
ATOM   371  O "O4'" . G   A 1 18 ? -18.712 8.511   0.664   1.00 59.33 ? 19  G   A "O4'" 1 
ATOM   372  C "C3'" . G   A 1 18 ? -18.991 10.843  0.595   1.00 61.76 ? 19  G   A "C3'" 1 
ATOM   373  O "O3'" . G   A 1 18 ? -19.783 11.911  1.104   1.00 63.84 ? 19  G   A "O3'" 1 
ATOM   374  C "C2'" . G   A 1 18 ? -17.770 10.539  1.454   1.00 61.39 ? 19  G   A "C2'" 1 
ATOM   375  O "O2'" . G   A 1 18 ? -18.036 10.618  2.839   1.00 65.09 ? 19  G   A "O2'" 1 
ATOM   376  C "C1'" . G   A 1 18 ? -17.479 9.088   1.061   1.00 59.57 ? 19  G   A "C1'" 1 
ATOM   377  N N9    . G   A 1 18 ? -16.543 8.969   -0.055  1.00 57.39 ? 19  G   A N9    1 
ATOM   378  C C8    . G   A 1 18 ? -16.782 8.382   -1.274  1.00 57.40 ? 19  G   A C8    1 
ATOM   379  N N7    . G   A 1 18 ? -15.762 8.448   -2.083  1.00 55.11 ? 19  G   A N7    1 
ATOM   380  C C5    . G   A 1 18 ? -14.787 9.114   -1.354  1.00 55.97 ? 19  G   A C5    1 
ATOM   381  C C6    . G   A 1 18 ? -13.460 9.486   -1.713  1.00 55.81 ? 19  G   A C6    1 
ATOM   382  O O6    . G   A 1 18 ? -12.861 9.290   -2.782  1.00 55.35 ? 19  G   A O6    1 
ATOM   383  N N1    . G   A 1 18 ? -12.817 10.148  -0.672  1.00 56.19 ? 19  G   A N1    1 
ATOM   384  C C2    . G   A 1 18 ? -13.372 10.419  0.556   1.00 57.29 ? 19  G   A C2    1 
ATOM   385  N N2    . G   A 1 18 ? -12.582 11.068  1.431   1.00 57.88 ? 19  G   A N2    1 
ATOM   386  N N3    . G   A 1 18 ? -14.608 10.080  0.902   1.00 57.63 ? 19  G   A N3    1 
ATOM   387  C C4    . G   A 1 18 ? -15.253 9.436   -0.096  1.00 56.85 ? 19  G   A C4    1 
ATOM   388  P P     . U   A 1 19 ? -19.584 13.395  0.516   1.00 64.71 ? 20  U   A P     1 
ATOM   389  O OP1   . U   A 1 19 ? -20.571 14.263  1.210   1.00 64.77 ? 20  U   A OP1   1 
ATOM   390  O OP2   . U   A 1 19 ? -19.575 13.329  -0.970  1.00 63.18 ? 20  U   A OP2   1 
ATOM   391  O "O5'" . U   A 1 19 ? -18.119 13.798  0.996   1.00 65.08 ? 20  U   A "O5'" 1 
ATOM   392  C "C5'" . U   A 1 19 ? -17.777 13.782  2.376   1.00 66.67 ? 20  U   A "C5'" 1 
ATOM   393  C "C4'" . U   A 1 19 ? -16.378 14.303  2.573   1.00 68.03 ? 20  U   A "C4'" 1 
ATOM   394  O "O4'" . U   A 1 19 ? -15.417 13.347  2.063   1.00 67.50 ? 20  U   A "O4'" 1 
ATOM   395  C "C3'" . U   A 1 19 ? -16.048 15.578  1.818   1.00 69.81 ? 20  U   A "C3'" 1 
ATOM   396  O "O3'" . U   A 1 19 ? -16.508 16.727  2.511   1.00 72.55 ? 20  U   A "O3'" 1 
ATOM   397  C "C2'" . U   A 1 19 ? -14.528 15.540  1.771   1.00 69.58 ? 20  U   A "C2'" 1 
ATOM   398  O "O2'" . U   A 1 19 ? -13.932 16.025  2.958   1.00 70.18 ? 20  U   A "O2'" 1 
ATOM   399  C "C1'" . U   A 1 19 ? -14.268 14.040  1.598   1.00 68.01 ? 20  U   A "C1'" 1 
ATOM   400  N N1    . U   A 1 19 ? -14.043 13.683  0.192   1.00 66.41 ? 20  U   A N1    1 
ATOM   401  C C2    . U   A 1 19 ? -12.815 13.998  -0.353  1.00 67.21 ? 20  U   A C2    1 
ATOM   402  O O2    . U   A 1 19 ? -11.934 14.550  0.284   1.00 68.75 ? 20  U   A O2    1 
ATOM   403  N N3    . U   A 1 19 ? -12.655 13.647  -1.669  1.00 65.92 ? 20  U   A N3    1 
ATOM   404  C C4    . U   A 1 19 ? -13.581 13.026  -2.477  1.00 65.13 ? 20  U   A C4    1 
ATOM   405  O O4    . U   A 1 19 ? -13.278 12.746  -3.638  1.00 64.92 ? 20  U   A O4    1 
ATOM   406  C C5    . U   A 1 19 ? -14.830 12.736  -1.840  1.00 65.79 ? 20  U   A C5    1 
ATOM   407  C C6    . U   A 1 19 ? -15.012 13.065  -0.556  1.00 66.15 ? 20  U   A C6    1 
ATOM   408  P P     . C   A 1 20 ? -16.647 18.122  1.728   1.00 74.13 ? 21  C   A P     1 
ATOM   409  O OP1   . C   A 1 20 ? -17.297 19.054  2.681   1.00 74.50 ? 21  C   A OP1   1 
ATOM   410  O OP2   . C   A 1 20 ? -17.273 17.878  0.399   1.00 73.63 ? 21  C   A OP2   1 
ATOM   411  O "O5'" . C   A 1 20 ? -15.141 18.584  1.486   1.00 74.24 ? 21  C   A "O5'" 1 
ATOM   412  C "C5'" . C   A 1 20 ? -14.341 19.079  2.556   1.00 76.45 ? 21  C   A "C5'" 1 
ATOM   413  C "C4'" . C   A 1 20 ? -12.966 19.438  2.049   1.00 78.94 ? 21  C   A "C4'" 1 
ATOM   414  O "O4'" . C   A 1 20 ? -12.386 18.254  1.438   1.00 78.48 ? 21  C   A "O4'" 1 
ATOM   415  C "C3'" . C   A 1 20 ? -12.916 20.488  0.945   1.00 80.51 ? 21  C   A "C3'" 1 
ATOM   416  O "O3'" . C   A 1 20 ? -12.917 21.815  1.473   1.00 83.75 ? 21  C   A "O3'" 1 
ATOM   417  C "C2'" . C   A 1 20 ? -11.604 20.158  0.242   1.00 79.57 ? 21  C   A "C2'" 1 
ATOM   418  O "O2'" . C   A 1 20 ? -10.466 20.693  0.893   1.00 77.22 ? 21  C   A "O2'" 1 
ATOM   419  C "C1'" . C   A 1 20 ? -11.597 18.628  0.320   1.00 78.72 ? 21  C   A "C1'" 1 
ATOM   420  N N1    . C   A 1 20 ? -12.156 17.970  -0.876  1.00 78.14 ? 21  C   A N1    1 
ATOM   421  C C2    . C   A 1 20 ? -11.313 17.712  -1.966  1.00 77.80 ? 21  C   A C2    1 
ATOM   422  O O2    . C   A 1 20 ? -10.122 18.042  -1.897  1.00 79.30 ? 21  C   A O2    1 
ATOM   423  N N3    . C   A 1 20 ? -11.816 17.110  -3.064  1.00 76.55 ? 21  C   A N3    1 
ATOM   424  C C4    . C   A 1 20 ? -13.102 16.767  -3.103  1.00 75.73 ? 21  C   A C4    1 
ATOM   425  N N4    . C   A 1 20 ? -13.550 16.174  -4.208  1.00 74.44 ? 21  C   A N4    1 
ATOM   426  C C5    . C   A 1 20 ? -13.985 17.016  -2.011  1.00 75.87 ? 21  C   A C5    1 
ATOM   427  C C6    . C   A 1 20 ? -13.475 17.614  -0.928  1.00 77.05 ? 21  C   A C6    1 
ATOM   428  P P     . G   A 1 21 ? -13.397 23.048  0.548   1.00 85.88 ? 22  G   A P     1 
ATOM   429  O OP1   . G   A 1 21 ? -13.403 24.256  1.410   1.00 86.89 ? 22  G   A OP1   1 
ATOM   430  O OP2   . G   A 1 21 ? -14.638 22.664  -0.174  1.00 85.98 ? 22  G   A OP2   1 
ATOM   431  O "O5'" . G   A 1 21 ? -12.239 23.201  -0.536  1.00 84.22 ? 22  G   A "O5'" 1 
ATOM   432  C "C5'" . G   A 1 21 ? -10.925 23.602  -0.161  1.00 83.31 ? 22  G   A "C5'" 1 
ATOM   433  C "C4'" . G   A 1 21 ? -10.000 23.509  -1.350  1.00 83.32 ? 22  G   A "C4'" 1 
ATOM   434  O "O4'" . G   A 1 21 ? -9.894  22.120  -1.757  1.00 83.19 ? 22  G   A "O4'" 1 
ATOM   435  C "C3'" . G   A 1 21 ? -10.493 24.221  -2.600  1.00 84.56 ? 22  G   A "C3'" 1 
ATOM   436  O "O3'" . G   A 1 21 ? -10.155 25.605  -2.591  1.00 85.41 ? 22  G   A "O3'" 1 
ATOM   437  C "C2'" . G   A 1 21 ? -9.773  23.470  -3.713  1.00 83.67 ? 22  G   A "C2'" 1 
ATOM   438  O "O2'" . G   A 1 21 ? -8.440  23.901  -3.909  1.00 83.83 ? 22  G   A "O2'" 1 
ATOM   439  C "C1'" . G   A 1 21 ? -9.806  22.037  -3.174  1.00 82.47 ? 22  G   A "C1'" 1 
ATOM   440  N N9    . G   A 1 21 ? -10.955 21.277  -3.660  1.00 80.63 ? 22  G   A N9    1 
ATOM   441  C C8    . G   A 1 21 ? -12.103 20.981  -2.965  1.00 79.47 ? 22  G   A C8    1 
ATOM   442  N N7    . G   A 1 21 ? -12.962 20.290  -3.663  1.00 79.18 ? 22  G   A N7    1 
ATOM   443  C C5    . G   A 1 21 ? -12.346 20.115  -4.895  1.00 79.10 ? 22  G   A C5    1 
ATOM   444  C C6    . G   A 1 21 ? -12.799 19.442  -6.065  1.00 78.91 ? 22  G   A C6    1 
ATOM   445  O O6    . G   A 1 21 ? -13.870 18.846  -6.247  1.00 79.29 ? 22  G   A O6    1 
ATOM   446  N N1    . G   A 1 21 ? -11.859 19.507  -7.089  1.00 78.55 ? 22  G   A N1    1 
ATOM   447  C C2    . G   A 1 21 ? -10.639 20.138  -7.004  1.00 78.22 ? 22  G   A C2    1 
ATOM   448  N N2    . G   A 1 21 ? -9.872  20.090  -8.106  1.00 75.86 ? 22  G   A N2    1 
ATOM   449  N N3    . G   A 1 21 ? -10.207 20.769  -5.921  1.00 77.63 ? 22  G   A N3    1 
ATOM   450  C C4    . G   A 1 21 ? -11.106 20.717  -4.913  1.00 79.22 ? 22  G   A C4    1 
ATOM   451  P P     . C   A 1 22 ? -11.136 26.664  -3.299  1.00 85.70 ? 23  C   A P     1 
ATOM   452  O OP1   . C   A 1 22 ? -10.645 28.015  -2.922  1.00 86.81 ? 23  C   A OP1   1 
ATOM   453  O OP2   . C   A 1 22 ? -12.534 26.274  -2.970  1.00 85.64 ? 23  C   A OP2   1 
ATOM   454  O "O5'" . C   A 1 22 ? -10.892 26.450  -4.865  1.00 83.29 ? 23  C   A "O5'" 1 
ATOM   455  C "C5'" . C   A 1 22 ? -9.671  26.860  -5.477  1.00 81.65 ? 23  C   A "C5'" 1 
ATOM   456  C "C4'" . C   A 1 22 ? -9.661  26.508  -6.950  1.00 81.15 ? 23  C   A "C4'" 1 
ATOM   457  O "O4'" . C   A 1 22 ? -9.714  25.068  -7.117  1.00 81.16 ? 23  C   A "O4'" 1 
ATOM   458  C "C3'" . C   A 1 22 ? -10.832 27.006  -7.778  1.00 81.04 ? 23  C   A "C3'" 1 
ATOM   459  O "O3'" . C   A 1 22 ? -10.786 28.396  -8.095  1.00 81.07 ? 23  C   A "O3'" 1 
ATOM   460  C "C2'" . C   A 1 22 ? -10.778 26.084  -8.990  1.00 81.26 ? 23  C   A "C2'" 1 
ATOM   461  O "O2'" . C   A 1 22 ? -9.814  26.451  -9.956  1.00 82.41 ? 23  C   A "O2'" 1 
ATOM   462  C "C1'" . C   A 1 22 ? -10.377 24.759  -8.337  1.00 80.89 ? 23  C   A "C1'" 1 
ATOM   463  N N1    . C   A 1 22 ? -11.553 23.927  -8.035  1.00 79.28 ? 23  C   A N1    1 
ATOM   464  C C2    . C   A 1 22 ? -12.073 23.108  -9.044  1.00 77.97 ? 23  C   A C2    1 
ATOM   465  O O2    . C   A 1 22 ? -11.511 23.093  -10.153 1.00 77.10 ? 23  C   A O2    1 
ATOM   466  N N3    . C   A 1 22 ? -13.169 22.360  -8.788  1.00 76.76 ? 23  C   A N3    1 
ATOM   467  C C4    . C   A 1 22 ? -13.739 22.402  -7.581  1.00 76.60 ? 23  C   A C4    1 
ATOM   468  N N4    . C   A 1 22 ? -14.823 21.651  -7.375  1.00 76.77 ? 23  C   A N4    1 
ATOM   469  C C5    . C   A 1 22 ? -13.224 23.219  -6.533  1.00 77.74 ? 23  C   A C5    1 
ATOM   470  C C6    . C   A 1 22 ? -12.139 23.957  -6.800  1.00 78.57 ? 23  C   A C6    1 
ATOM   471  O OP3   . G   B 2 1  ? -17.506 12.511  -14.831 1.00 87.95 ? 26  G   B OP3   1 
ATOM   472  P P     . G   B 2 1  ? -18.425 13.626  -14.348 1.00 88.40 ? 26  G   B P     1 
ATOM   473  O OP1   . G   B 2 1  ? -18.650 13.594  -12.845 1.00 88.15 ? 26  G   B OP1   1 
ATOM   474  O OP2   . G   B 2 1  ? -19.717 13.715  -15.153 1.00 88.55 ? 26  G   B OP2   1 
ATOM   475  O "O5'" . G   B 2 1  ? -17.636 15.025  -14.625 1.00 87.21 ? 26  G   B "O5'" 1 
ATOM   476  C "C5'" . G   B 2 1  ? -17.267 15.415  -15.961 1.00 83.70 ? 26  G   B "C5'" 1 
ATOM   477  C "C4'" . G   B 2 1  ? -16.077 16.344  -15.926 1.00 81.23 ? 26  G   B "C4'" 1 
ATOM   478  O "O4'" . G   B 2 1  ? -16.447 17.588  -15.279 1.00 78.53 ? 26  G   B "O4'" 1 
ATOM   479  C "C3'" . G   B 2 1  ? -14.887 15.859  -15.115 1.00 80.42 ? 26  G   B "C3'" 1 
ATOM   480  O "O3'" . G   B 2 1  ? -14.071 14.978  -15.873 1.00 82.13 ? 26  G   B "O3'" 1 
ATOM   481  C "C2'" . G   B 2 1  ? -14.153 17.158  -14.818 1.00 78.68 ? 26  G   B "C2'" 1 
ATOM   482  O "O2'" . G   B 2 1  ? -13.366 17.585  -15.911 1.00 78.72 ? 26  G   B "O2'" 1 
ATOM   483  C "C1'" . G   B 2 1  ? -15.323 18.122  -14.601 1.00 76.22 ? 26  G   B "C1'" 1 
ATOM   484  N N9    . G   B 2 1  ? -15.672 18.299  -13.196 1.00 72.42 ? 26  G   B N9    1 
ATOM   485  C C8    . G   B 2 1  ? -16.700 17.701  -12.505 1.00 71.39 ? 26  G   B C8    1 
ATOM   486  N N7    . G   B 2 1  ? -16.757 18.069  -11.253 1.00 69.93 ? 26  G   B N7    1 
ATOM   487  C C5    . G   B 2 1  ? -15.705 18.962  -11.112 1.00 69.31 ? 26  G   B C5    1 
ATOM   488  C C6    . G   B 2 1  ? -15.265 19.690  -9.981  1.00 68.09 ? 26  G   B C6    1 
ATOM   489  O O6    . G   B 2 1  ? -15.735 19.697  -8.840  1.00 65.93 ? 26  G   B O6    1 
ATOM   490  N N1    . G   B 2 1  ? -14.154 20.475  -10.280 1.00 68.23 ? 26  G   B N1    1 
ATOM   491  C C2    . G   B 2 1  ? -13.546 20.548  -11.509 1.00 68.64 ? 26  G   B C2    1 
ATOM   492  N N2    . G   B 2 1  ? -12.480 21.355  -11.600 1.00 69.38 ? 26  G   B N2    1 
ATOM   493  N N3    . G   B 2 1  ? -13.951 19.879  -12.571 1.00 68.51 ? 26  G   B N3    1 
ATOM   494  C C4    . G   B 2 1  ? -15.025 19.110  -12.303 1.00 70.15 ? 26  G   B C4    1 
ATOM   495  P P     . C   B 2 2  ? -13.071 13.976  -15.114 1.00 82.08 ? 27  C   B P     1 
ATOM   496  O OP1   . C   B 2 2  ? -12.461 13.103  -16.147 1.00 81.66 ? 27  C   B OP1   1 
ATOM   497  O OP2   . C   B 2 2  ? -13.799 13.368  -13.966 1.00 82.42 ? 27  C   B OP2   1 
ATOM   498  O "O5'" . C   B 2 2  ? -11.933 14.931  -14.540 1.00 80.33 ? 27  C   B "O5'" 1 
ATOM   499  C "C5'" . C   B 2 2  ? -10.999 15.546  -15.416 1.00 79.40 ? 27  C   B "C5'" 1 
ATOM   500  C "C4'" . C   B 2 2  ? -10.052 16.412  -14.633 1.00 78.06 ? 27  C   B "C4'" 1 
ATOM   501  O "O4'" . C   B 2 2  ? -10.792 17.505  -14.026 1.00 77.16 ? 27  C   B "O4'" 1 
ATOM   502  C "C3'" . C   B 2 2  ? -9.388  15.731  -13.453 1.00 78.38 ? 27  C   B "C3'" 1 
ATOM   503  O "O3'" . C   B 2 2  ? -8.267  14.959  -13.867 1.00 79.23 ? 27  C   B "O3'" 1 
ATOM   504  C "C2'" . C   B 2 2  ? -8.996  16.923  -12.592 1.00 77.69 ? 27  C   B "C2'" 1 
ATOM   505  O "O2'" . C   B 2 2  ? -7.845  17.582  -13.076 1.00 78.16 ? 27  C   B "O2'" 1 
ATOM   506  C "C1'" . C   B 2 2  ? -10.220 17.826  -12.767 1.00 76.72 ? 27  C   B "C1'" 1 
ATOM   507  N N1    . C   B 2 2  ? -11.243 17.616  -11.726 1.00 75.94 ? 27  C   B N1    1 
ATOM   508  C C2    . C   B 2 2  ? -11.147 18.338  -10.523 1.00 75.18 ? 27  C   B C2    1 
ATOM   509  O O2    . C   B 2 2  ? -10.220 19.148  -10.378 1.00 74.86 ? 27  C   B O2    1 
ATOM   510  N N3    . C   B 2 2  ? -12.070 18.133  -9.555  1.00 74.22 ? 27  C   B N3    1 
ATOM   511  C C4    . C   B 2 2  ? -13.057 17.255  -9.749  1.00 72.91 ? 27  C   B C4    1 
ATOM   512  N N4    . C   B 2 2  ? -13.937 17.079  -8.761  1.00 71.16 ? 27  C   B N4    1 
ATOM   513  C C5    . C   B 2 2  ? -13.185 16.516  -10.965 1.00 73.45 ? 27  C   B C5    1 
ATOM   514  C C6    . C   B 2 2  ? -12.265 16.725  -11.917 1.00 74.29 ? 27  C   B C6    1 
ATOM   515  P P     . G   B 2 3  ? -7.821  13.678  -13.002 1.00 79.44 ? 28  G   B P     1 
ATOM   516  O OP1   . G   B 2 3  ? -6.809  12.938  -13.796 1.00 79.74 ? 28  G   B OP1   1 
ATOM   517  O OP2   . G   B 2 3  ? -9.050  12.975  -12.548 1.00 79.24 ? 28  G   B OP2   1 
ATOM   518  O "O5'" . G   B 2 3  ? -7.084  14.307  -11.733 1.00 78.14 ? 28  G   B "O5'" 1 
ATOM   519  C "C5'" . G   B 2 3  ? -5.826  14.962  -11.873 1.00 75.92 ? 28  G   B "C5'" 1 
ATOM   520  C "C4'" . G   B 2 3  ? -5.468  15.697  -10.603 1.00 75.40 ? 28  G   B "C4'" 1 
ATOM   521  O "O4'" . G   B 2 3  ? -6.445  16.742  -10.353 1.00 74.84 ? 28  G   B "O4'" 1 
ATOM   522  C "C3'" . G   B 2 3  ? -5.492  14.870  -9.332  1.00 75.74 ? 28  G   B "C3'" 1 
ATOM   523  O "O3'" . G   B 2 3  ? -4.290  14.140  -9.156  1.00 76.77 ? 28  G   B "O3'" 1 
ATOM   524  C "C2'" . G   B 2 3  ? -5.666  15.936  -8.260  1.00 75.45 ? 28  G   B "C2'" 1 
ATOM   525  O "O2'" . G   B 2 3  ? -4.466  16.598  -7.914  1.00 75.41 ? 28  G   B "O2'" 1 
ATOM   526  C "C1'" . G   B 2 3  ? -6.636  16.894  -8.954  1.00 73.87 ? 28  G   B "C1'" 1 
ATOM   527  N N9    . G   B 2 3  ? -8.018  16.547  -8.645  1.00 72.62 ? 28  G   B N9    1 
ATOM   528  C C8    . G   B 2 3  ? -8.915  15.903  -9.463  1.00 71.79 ? 28  G   B C8    1 
ATOM   529  N N7    . G   B 2 3  ? -10.070 15.696  -8.894  1.00 70.75 ? 28  G   B N7    1 
ATOM   530  C C5    . G   B 2 3  ? -9.931  16.244  -7.626  1.00 71.00 ? 28  G   B C5    1 
ATOM   531  C C6    . G   B 2 3  ? -10.851 16.313  -6.548  1.00 71.02 ? 28  G   B C6    1 
ATOM   532  O O6    . G   B 2 3  ? -12.010 15.887  -6.495  1.00 71.65 ? 28  G   B O6    1 
ATOM   533  N N1    . G   B 2 3  ? -10.300 16.955  -5.444  1.00 70.83 ? 28  G   B N1    1 
ATOM   534  C C2    . G   B 2 3  ? -9.026  17.462  -5.380  1.00 70.74 ? 28  G   B C2    1 
ATOM   535  N N2    . G   B 2 3  ? -8.683  18.047  -4.225  1.00 69.81 ? 28  G   B N2    1 
ATOM   536  N N3    . G   B 2 3  ? -8.156  17.399  -6.375  1.00 70.80 ? 28  G   B N3    1 
ATOM   537  C C4    . G   B 2 3  ? -8.673  16.780  -7.459  1.00 71.68 ? 28  G   B C4    1 
ATOM   538  P P     . U   B 2 4  ? -4.273  12.876  -8.169  1.00 77.79 ? 29  U   B P     1 
ATOM   539  O OP1   . U   B 2 4  ? -2.928  12.255  -8.264  1.00 78.26 ? 29  U   B OP1   1 
ATOM   540  O OP2   . U   B 2 4  ? -5.482  12.055  -8.450  1.00 77.74 ? 29  U   B OP2   1 
ATOM   541  O "O5'" . U   B 2 4  ? -4.408  13.523  -6.718  1.00 75.95 ? 29  U   B "O5'" 1 
ATOM   542  C "C5'" . U   B 2 4  ? -3.320  14.231  -6.149  1.00 75.66 ? 29  U   B "C5'" 1 
ATOM   543  C "C4'" . U   B 2 4  ? -3.662  14.699  -4.760  1.00 76.39 ? 29  U   B "C4'" 1 
ATOM   544  O "O4'" . U   B 2 4  ? -4.814  15.579  -4.823  1.00 77.03 ? 29  U   B "O4'" 1 
ATOM   545  C "C3'" . U   B 2 4  ? -4.110  13.647  -3.760  1.00 77.82 ? 29  U   B "C3'" 1 
ATOM   546  O "O3'" . U   B 2 4  ? -3.033  12.897  -3.208  1.00 78.57 ? 29  U   B "O3'" 1 
ATOM   547  C "C2'" . U   B 2 4  ? -4.776  14.517  -2.703  1.00 79.02 ? 29  U   B "C2'" 1 
ATOM   548  O "O2'" . U   B 2 4  ? -3.864  15.179  -1.846  1.00 78.23 ? 29  U   B "O2'" 1 
ATOM   549  C "C1'" . U   B 2 4  ? -5.508  15.533  -3.580  1.00 79.06 ? 29  U   B "C1'" 1 
ATOM   550  N N1    . U   B 2 4  ? -6.891  15.092  -3.812  1.00 79.99 ? 29  U   B N1    1 
ATOM   551  C C2    . U   B 2 4  ? -7.797  15.271  -2.773  1.00 80.35 ? 29  U   B C2    1 
ATOM   552  O O2    . U   B 2 4  ? -7.499  15.806  -1.716  1.00 79.04 ? 29  U   B O2    1 
ATOM   553  N N3    . U   B 2 4  ? -9.061  14.798  -3.019  1.00 81.17 ? 29  U   B N3    1 
ATOM   554  C C4    . U   B 2 4  ? -9.505  14.176  -4.169  1.00 81.74 ? 29  U   B C4    1 
ATOM   555  O O4    . U   B 2 4  ? -10.661 13.759  -4.218  1.00 82.95 ? 29  U   B O4    1 
ATOM   556  C C5    . U   B 2 4  ? -8.517  14.045  -5.203  1.00 81.50 ? 29  U   B C5    1 
ATOM   557  C C6    . U   B 2 4  ? -7.275  14.501  -4.994  1.00 80.46 ? 29  U   B C6    1 
ATOM   558  P P     . C   B 2 5  ? -3.315  11.433  -2.597  1.00 78.00 ? 30  C   B P     1 
ATOM   559  O OP1   . C   B 2 5  ? -2.049  10.924  -2.007  1.00 77.52 ? 30  C   B OP1   1 
ATOM   560  O OP2   . C   B 2 5  ? -3.997  10.644  -3.654  1.00 77.92 ? 30  C   B OP2   1 
ATOM   561  O "O5'" . C   B 2 5  ? -4.342  11.689  -1.402  1.00 76.08 ? 30  C   B "O5'" 1 
ATOM   562  C "C5'" . C   B 2 5  ? -3.945  12.390  -0.228  1.00 75.44 ? 30  C   B "C5'" 1 
ATOM   563  C "C4'" . C   B 2 5  ? -5.086  12.446  0.758   1.00 76.17 ? 30  C   B "C4'" 1 
ATOM   564  O "O4'" . C   B 2 5  ? -6.213  13.128  0.138   1.00 77.40 ? 30  C   B "O4'" 1 
ATOM   565  C "C3'" . C   B 2 5  ? -5.669  11.103  1.167   1.00 77.16 ? 30  C   B "C3'" 1 
ATOM   566  O "O3'" . C   B 2 5  ? -4.936  10.468  2.206   1.00 78.22 ? 30  C   B "O3'" 1 
ATOM   567  C "C2'" . C   B 2 5  ? -7.067  11.493  1.628   1.00 77.31 ? 30  C   B "C2'" 1 
ATOM   568  O "O2'" . C   B 2 5  ? -7.082  12.068  2.923   1.00 76.10 ? 30  C   B "O2'" 1 
ATOM   569  C "C1'" . C   B 2 5  ? -7.438  12.536  0.572   1.00 77.32 ? 30  C   B "C1'" 1 
ATOM   570  N N1    . C   B 2 5  ? -8.124  11.942  -0.601  1.00 76.84 ? 30  C   B N1    1 
ATOM   571  C C2    . C   B 2 5  ? -9.457  11.508  -0.466  1.00 76.56 ? 30  C   B C2    1 
ATOM   572  O O2    . C   B 2 5  ? -10.025 11.631  0.631   1.00 77.03 ? 30  C   B O2    1 
ATOM   573  N N3    . C   B 2 5  ? -10.086 10.963  -1.534  1.00 75.29 ? 30  C   B N3    1 
ATOM   574  C C4    . C   B 2 5  ? -9.442  10.839  -2.696  1.00 75.05 ? 30  C   B C4    1 
ATOM   575  N N4    . C   B 2 5  ? -10.104 10.294  -3.720  1.00 75.19 ? 30  C   B N4    1 
ATOM   576  C C5    . C   B 2 5  ? -8.093  11.268  -2.862  1.00 75.10 ? 30  C   B C5    1 
ATOM   577  C C6    . C   B 2 5  ? -7.479  11.810  -1.800  1.00 76.09 ? 30  C   B C6    1 
ATOM   578  P P     . A   B 2 6  ? -5.063  8.874   2.400   1.00 77.87 ? 31  A   B P     1 
ATOM   579  O OP1   . A   B 2 6  ? -4.139  8.464   3.488   1.00 78.50 ? 31  A   B OP1   1 
ATOM   580  O OP2   . A   B 2 6  ? -4.926  8.267   1.051   1.00 76.55 ? 31  A   B OP2   1 
ATOM   581  O "O5'" . A   B 2 6  ? -6.560  8.657   2.910   1.00 76.88 ? 31  A   B "O5'" 1 
ATOM   582  C "C5'" . A   B 2 6  ? -6.983  9.148   4.178   1.00 75.26 ? 31  A   B "C5'" 1 
ATOM   583  C "C4'" . A   B 2 6  ? -8.405  8.718   4.459   1.00 75.19 ? 31  A   B "C4'" 1 
ATOM   584  O "O4'" . A   B 2 6  ? -9.305  9.336   3.497   1.00 73.54 ? 31  A   B "O4'" 1 
ATOM   585  C "C3'" . A   B 2 6  ? -8.678  7.235   4.296   1.00 75.23 ? 31  A   B "C3'" 1 
ATOM   586  O "O3'" . A   B 2 6  ? -8.273  6.492   5.434   1.00 77.48 ? 31  A   B "O3'" 1 
ATOM   587  C "C2'" . A   B 2 6  ? -10.185 7.204   4.077   1.00 73.46 ? 31  A   B "C2'" 1 
ATOM   588  O "O2'" . A   B 2 6  ? -10.948 7.292   5.265   1.00 73.10 ? 31  A   B "O2'" 1 
ATOM   589  C "C1'" . A   B 2 6  ? -10.380 8.449   3.211   1.00 71.56 ? 31  A   B "C1'" 1 
ATOM   590  N N9    . A   B 2 6  ? -10.341 8.129   1.784   1.00 68.64 ? 31  A   B N9    1 
ATOM   591  C C8    . A   B 2 6  ? -9.312  8.340   0.896   1.00 66.68 ? 31  A   B C8    1 
ATOM   592  N N7    . A   B 2 6  ? -9.568  7.922   -0.319  1.00 65.28 ? 31  A   B N7    1 
ATOM   593  C C5    . A   B 2 6  ? -10.856 7.405   -0.231  1.00 65.32 ? 31  A   B C5    1 
ATOM   594  C C6    . A   B 2 6  ? -11.702 6.801   -1.180  1.00 64.34 ? 31  A   B C6    1 
ATOM   595  N N6    . A   B 2 6  ? -11.365 6.611   -2.458  1.00 63.69 ? 31  A   B N6    1 
ATOM   596  N N1    . A   B 2 6  ? -12.924 6.394   -0.764  1.00 64.43 ? 31  A   B N1    1 
ATOM   597  C C2    . A   B 2 6  ? -13.263 6.583   0.518   1.00 64.82 ? 31  A   B C2    1 
ATOM   598  N N3    . A   B 2 6  ? -12.555 7.136   1.504   1.00 67.64 ? 31  A   B N3    1 
ATOM   599  C C4    . A   B 2 6  ? -11.345 7.530   1.058   1.00 66.87 ? 31  A   B C4    1 
ATOM   600  P P     . C   B 2 7  ? -7.655  5.021   5.235   1.00 78.81 ? 32  C   B P     1 
ATOM   601  O OP1   . C   B 2 7  ? -7.163  4.561   6.561   1.00 79.34 ? 32  C   B OP1   1 
ATOM   602  O OP2   . C   B 2 7  ? -6.709  5.085   4.090   1.00 78.13 ? 32  C   B OP2   1 
ATOM   603  O "O5'" . C   B 2 7  ? -8.918  4.137   4.816   1.00 75.95 ? 32  C   B "O5'" 1 
ATOM   604  C "C5'" . C   B 2 7  ? -10.094 4.114   5.625   1.00 72.51 ? 32  C   B "C5'" 1 
ATOM   605  C "C4'" . C   B 2 7  ? -11.249 3.473   4.877   1.00 71.01 ? 32  C   B "C4'" 1 
ATOM   606  O "O4'" . C   B 2 7  ? -11.569 4.264   3.701   1.00 69.45 ? 32  C   B "O4'" 1 
ATOM   607  C "C3'" . C   B 2 7  ? -11.028 2.073   4.319   1.00 71.09 ? 32  C   B "C3'" 1 
ATOM   608  O "O3'" . C   B 2 7  ? -11.227 1.068   5.313   1.00 73.92 ? 32  C   B "O3'" 1 
ATOM   609  C "C2'" . C   B 2 7  ? -12.102 1.988   3.237   1.00 68.33 ? 32  C   B "C2'" 1 
ATOM   610  O "O2'" . C   B 2 7  ? -13.386 1.650   3.723   1.00 68.28 ? 32  C   B "O2'" 1 
ATOM   611  C "C1'" . C   B 2 7  ? -12.112 3.419   2.696   1.00 66.40 ? 32  C   B "C1'" 1 
ATOM   612  N N1    . C   B 2 7  ? -11.307 3.545   1.468   1.00 61.57 ? 32  C   B N1    1 
ATOM   613  C C2    . C   B 2 7  ? -11.815 2.999   0.284   1.00 59.10 ? 32  C   B C2    1 
ATOM   614  O O2    . C   B 2 7  ? -12.933 2.452   0.309   1.00 59.43 ? 32  C   B O2    1 
ATOM   615  N N3    . C   B 2 7  ? -11.083 3.078   -0.850  1.00 55.35 ? 32  C   B N3    1 
ATOM   616  C C4    . C   B 2 7  ? -9.888  3.674   -0.833  1.00 55.42 ? 32  C   B C4    1 
ATOM   617  N N4    . C   B 2 7  ? -9.197  3.716   -1.975  1.00 53.41 ? 32  C   B N4    1 
ATOM   618  C C5    . C   B 2 7  ? -9.349  4.251   0.357   1.00 55.07 ? 32  C   B C5    1 
ATOM   619  C C6    . C   B 2 7  ? -10.088 4.165   1.475   1.00 59.22 ? 32  C   B C6    1 
ATOM   620  P P     . A   B 2 8  ? -10.321 -0.267  5.297   1.00 76.20 ? 33  A   B P     1 
ATOM   621  O OP1   . A   B 2 8  ? -10.460 -0.893  6.639   1.00 76.13 ? 33  A   B OP1   1 
ATOM   622  O OP2   . A   B 2 8  ? -8.966  0.106   4.793   1.00 74.12 ? 33  A   B OP2   1 
ATOM   623  O "O5'" . A   B 2 8  ? -11.031 -1.234  4.239   1.00 73.13 ? 33  A   B "O5'" 1 
ATOM   624  C "C5'" . A   B 2 8  ? -12.158 -2.038  4.608   1.00 69.61 ? 33  A   B "C5'" 1 
ATOM   625  C "C4'" . A   B 2 8  ? -12.544 -2.975  3.475   1.00 67.84 ? 33  A   B "C4'" 1 
ATOM   626  O "O4'" . A   B 2 8  ? -13.031 -2.209  2.334   1.00 65.35 ? 33  A   B "O4'" 1 
ATOM   627  C "C3'" . A   B 2 8  ? -11.417 -3.819  2.894   1.00 65.89 ? 33  A   B "C3'" 1 
ATOM   628  O "O3'" . A   B 2 8  ? -11.165 -4.989  3.653   1.00 66.42 ? 33  A   B "O3'" 1 
ATOM   629  C "C2'" . A   B 2 8  ? -11.945 -4.139  1.503   1.00 63.58 ? 33  A   B "C2'" 1 
ATOM   630  O "O2'" . A   B 2 8  ? -12.931 -5.161  1.483   1.00 61.51 ? 33  A   B "O2'" 1 
ATOM   631  C "C1'" . A   B 2 8  ? -12.554 -2.791  1.124   1.00 62.12 ? 33  A   B "C1'" 1 
ATOM   632  N N9    . A   B 2 8  ? -11.547 -1.893  0.552   1.00 57.58 ? 33  A   B N9    1 
ATOM   633  C C8    . A   B 2 8  ? -10.779 -0.969  1.216   1.00 55.30 ? 33  A   B C8    1 
ATOM   634  N N7    . A   B 2 8  ? -9.966  -0.300  0.438   1.00 54.24 ? 33  A   B N7    1 
ATOM   635  C C5    . A   B 2 8  ? -10.213 -0.816  -0.824  1.00 52.62 ? 33  A   B C5    1 
ATOM   636  C C6    . A   B 2 8  ? -9.685  -0.506  -2.085  1.00 52.03 ? 33  A   B C6    1 
ATOM   637  N N6    . A   B 2 8  ? -8.764  0.439   -2.287  1.00 53.86 ? 33  A   B N6    1 
ATOM   638  N N1    . A   B 2 8  ? -10.143 -1.202  -3.148  1.00 51.78 ? 33  A   B N1    1 
ATOM   639  C C2    . A   B 2 8  ? -11.078 -2.142  -2.943  1.00 53.65 ? 33  A   B C2    1 
ATOM   640  N N3    . A   B 2 8  ? -11.660 -2.519  -1.802  1.00 53.29 ? 33  A   B N3    1 
ATOM   641  C C4    . A   B 2 8  ? -11.178 -1.804  -0.769  1.00 54.81 ? 33  A   B C4    1 
ATOM   642  P P     . C   B 2 9  ? -9.649  -5.449  3.904   1.00 66.72 ? 34  C   B P     1 
ATOM   643  O OP1   . C   B 2 9  ? -9.743  -6.717  4.675   1.00 67.24 ? 34  C   B OP1   1 
ATOM   644  O OP2   . C   B 2 9  ? -8.879  -4.303  4.451   1.00 66.44 ? 34  C   B OP2   1 
ATOM   645  O "O5'" . C   B 2 9  ? -9.070  -5.759  2.450   1.00 64.22 ? 34  C   B "O5'" 1 
ATOM   646  C "C5'" . C   B 2 9  ? -9.664  -6.770  1.651   1.00 58.20 ? 34  C   B "C5'" 1 
ATOM   647  C "C4'" . C   B 2 9  ? -9.263  -6.633  0.194   1.00 53.01 ? 34  C   B "C4'" 1 
ATOM   648  O "O4'" . C   B 2 9  ? -9.462  -5.273  -0.271  1.00 51.22 ? 34  C   B "O4'" 1 
ATOM   649  C "C3'" . C   B 2 9  ? -7.827  -6.860  -0.236  1.00 50.06 ? 34  C   B "C3'" 1 
ATOM   650  O "O3'" . C   B 2 9  ? -7.461  -8.237  -0.213  1.00 47.16 ? 34  C   B "O3'" 1 
ATOM   651  C "C2'" . C   B 2 9  ? -7.901  -6.354  -1.672  1.00 49.81 ? 34  C   B "C2'" 1 
ATOM   652  O "O2'" . C   B 2 9  ? -8.588  -7.266  -2.502  1.00 49.02 ? 34  C   B "O2'" 1 
ATOM   653  C "C1'" . C   B 2 9  ? -8.796  -5.126  -1.513  1.00 50.32 ? 34  C   B "C1'" 1 
ATOM   654  N N1    . C   B 2 9  ? -8.044  -3.862  -1.544  1.00 48.56 ? 34  C   B N1    1 
ATOM   655  C C2    . C   B 2 9  ? -7.603  -3.391  -2.789  1.00 48.47 ? 34  C   B C2    1 
ATOM   656  O O2    . C   B 2 9  ? -7.891  -4.042  -3.808  1.00 46.98 ? 34  C   B O2    1 
ATOM   657  N N3    . C   B 2 9  ? -6.885  -2.247  -2.853  1.00 46.64 ? 34  C   B N3    1 
ATOM   658  C C4    . C   B 2 9  ? -6.615  -1.571  -1.737  1.00 47.62 ? 34  C   B C4    1 
ATOM   659  N N4    . C   B 2 9  ? -5.911  -0.443  -1.849  1.00 46.18 ? 34  C   B N4    1 
ATOM   660  C C5    . C   B 2 9  ? -7.059  -2.023  -0.454  1.00 48.56 ? 34  C   B C5    1 
ATOM   661  C C6    . C   B 2 9  ? -7.765  -3.163  -0.405  1.00 48.06 ? 34  C   B C6    1 
ATOM   662  P P     . C   B 2 10 ? -5.919  -8.648  -0.420  1.00 48.94 ? 35  C   B P     1 
ATOM   663  O OP1   . C   B 2 10 ? -5.758  -10.094 -0.139  1.00 46.96 ? 35  C   B OP1   1 
ATOM   664  O OP2   . C   B 2 10 ? -5.106  -7.657  0.318   1.00 48.58 ? 35  C   B OP2   1 
ATOM   665  O "O5'" . C   B 2 10 ? -5.658  -8.435  -1.976  1.00 47.47 ? 35  C   B "O5'" 1 
ATOM   666  C "C5'" . C   B 2 10 ? -6.274  -9.274  -2.937  1.00 48.45 ? 35  C   B "C5'" 1 
ATOM   667  C "C4'" . C   B 2 10 ? -5.715  -8.983  -4.306  1.00 48.70 ? 35  C   B "C4'" 1 
ATOM   668  O "O4'" . C   B 2 10 ? -6.070  -7.632  -4.700  1.00 47.65 ? 35  C   B "O4'" 1 
ATOM   669  C "C3'" . C   B 2 10 ? -4.202  -8.976  -4.393  1.00 49.82 ? 35  C   B "C3'" 1 
ATOM   670  O "O3'" . C   B 2 10 ? -3.678  -10.290 -4.510  1.00 51.27 ? 35  C   B "O3'" 1 
ATOM   671  C "C2'" . C   B 2 10 ? -3.978  -8.177  -5.664  1.00 49.25 ? 35  C   B "C2'" 1 
ATOM   672  O "O2'" . C   B 2 10 ? -4.265  -8.965  -6.798  1.00 49.80 ? 35  C   B "O2'" 1 
ATOM   673  C "C1'" . C   B 2 10 ? -5.043  -7.093  -5.520  1.00 48.38 ? 35  C   B "C1'" 1 
ATOM   674  N N1    . C   B 2 10 ? -4.526  -5.867  -4.889  1.00 48.54 ? 35  C   B N1    1 
ATOM   675  C C2    . C   B 2 10 ? -3.785  -4.968  -5.671  1.00 47.71 ? 35  C   B C2    1 
ATOM   676  O O2    . C   B 2 10 ? -3.591  -5.235  -6.868  1.00 47.78 ? 35  C   B O2    1 
ATOM   677  N N3    . C   B 2 10 ? -3.303  -3.839  -5.106  1.00 45.38 ? 35  C   B N3    1 
ATOM   678  C C4    . C   B 2 10 ? -3.535  -3.588  -3.814  1.00 47.24 ? 35  C   B C4    1 
ATOM   679  N N4    . C   B 2 10 ? -3.039  -2.461  -3.297  1.00 44.67 ? 35  C   B N4    1 
ATOM   680  C C5    . C   B 2 10 ? -4.283  -4.484  -2.993  1.00 46.79 ? 35  C   B C5    1 
ATOM   681  C C6    . C   B 2 10 ? -4.755  -5.602  -3.567  1.00 48.11 ? 35  C   B C6    1 
ATOM   682  P P     . G   B 2 11 ? -2.166  -10.579 -4.043  1.00 54.69 ? 36  G   B P     1 
ATOM   683  O OP1   . G   B 2 11 ? -1.960  -12.049 -4.134  1.00 53.46 ? 36  G   B OP1   1 
ATOM   684  O OP2   . G   B 2 11 ? -1.915  -9.876  -2.755  1.00 51.96 ? 36  G   B OP2   1 
ATOM   685  O "O5'" . G   B 2 11 ? -1.286  -9.865  -5.159  1.00 49.94 ? 36  G   B "O5'" 1 
ATOM   686  C "C5'" . G   B 2 11 ? -1.362  -10.289 -6.510  1.00 50.06 ? 36  G   B "C5'" 1 
ATOM   687  C "C4'" . G   B 2 11 ? -0.452  -9.452  -7.365  1.00 47.16 ? 36  G   B "C4'" 1 
ATOM   688  O "O4'" . G   B 2 11 ? -0.951  -8.090  -7.435  1.00 47.44 ? 36  G   B "O4'" 1 
ATOM   689  C "C3'" . G   B 2 11 ? 0.948   -9.275  -6.818  1.00 47.75 ? 36  G   B "C3'" 1 
ATOM   690  O "O3'" . G   B 2 11 ? 1.729   -10.424 -7.095  1.00 49.52 ? 36  G   B "O3'" 1 
ATOM   691  C "C2'" . G   B 2 11 ? 1.412   -8.048  -7.585  1.00 46.17 ? 36  G   B "C2'" 1 
ATOM   692  O "O2'" . G   B 2 11 ? 1.753   -8.353  -8.923  1.00 45.49 ? 36  G   B "O2'" 1 
ATOM   693  C "C1'" . G   B 2 11 ? 0.142   -7.198  -7.566  1.00 44.43 ? 36  G   B "C1'" 1 
ATOM   694  N N9    . G   B 2 11 ? 0.107   -6.263  -6.447  1.00 43.32 ? 36  G   B N9    1 
ATOM   695  C C8    . G   B 2 11 ? -0.521  -6.434  -5.235  1.00 43.11 ? 36  G   B C8    1 
ATOM   696  N N7    . G   B 2 11 ? -0.367  -5.414  -4.430  1.00 41.43 ? 36  G   B N7    1 
ATOM   697  C C5    . G   B 2 11 ? 0.409   -4.517  -5.153  1.00 40.80 ? 36  G   B C5    1 
ATOM   698  C C6    . G   B 2 11 ? 0.907   -3.227  -4.800  1.00 42.46 ? 36  G   B C6    1 
ATOM   699  O O6    . G   B 2 11 ? 0.744   -2.593  -3.740  1.00 42.24 ? 36  G   B O6    1 
ATOM   700  N N1    . G   B 2 11 ? 1.665   -2.672  -5.832  1.00 37.59 ? 36  G   B N1    1 
ATOM   701  C C2    . G   B 2 11 ? 1.911   -3.269  -7.040  1.00 39.84 ? 36  G   B C2    1 
ATOM   702  N N2    . G   B 2 11 ? 2.675   -2.571  -7.893  1.00 39.07 ? 36  G   B N2    1 
ATOM   703  N N3    . G   B 2 11 ? 1.449   -4.463  -7.387  1.00 40.16 ? 36  G   B N3    1 
ATOM   704  C C4    . G   B 2 11 ? 0.712   -5.026  -6.400  1.00 42.60 ? 36  G   B C4    1 
ATOM   705  P P     . G   B 2 12 ? 3.140   -10.620 -6.364  1.00 50.21 ? 37  G   B P     1 
ATOM   706  O OP1   . G   B 2 12 ? 3.700   -11.922 -6.816  1.00 50.97 ? 37  G   B OP1   1 
ATOM   707  O OP2   . G   B 2 12 ? 3.006   -10.338 -4.906  1.00 48.46 ? 37  G   B OP2   1 
ATOM   708  O "O5'" . G   B 2 12 ? 4.021   -9.458  -7.001  1.00 51.01 ? 37  G   B "O5'" 1 
ATOM   709  C "C5'" . G   B 2 12 ? 5.088   -8.853  -6.283  1.00 43.94 ? 37  G   B "C5'" 1 
ATOM   710  C "C4'" . G   B 2 12 ? 5.483   -7.569  -6.964  1.00 43.09 ? 37  G   B "C4'" 1 
ATOM   711  O "O4'" . G   B 2 12 ? 4.376   -6.631  -6.897  1.00 41.95 ? 37  G   B "O4'" 1 
ATOM   712  C "C3'" . G   B 2 12 ? 6.649   -6.826  -6.344  1.00 39.81 ? 37  G   B "C3'" 1 
ATOM   713  O "O3'" . G   B 2 12 ? 7.853   -7.338  -6.871  1.00 40.58 ? 37  G   B "O3'" 1 
ATOM   714  C "C2'" . G   B 2 12 ? 6.399   -5.404  -6.816  1.00 40.35 ? 37  G   B "C2'" 1 
ATOM   715  O "O2'" . G   B 2 12 ? 6.809   -5.180  -8.151  1.00 39.76 ? 37  G   B "O2'" 1 
ATOM   716  C "C1'" . G   B 2 12 ? 4.876   -5.323  -6.708  1.00 39.92 ? 37  G   B "C1'" 1 
ATOM   717  N N9    . G   B 2 12 ? 4.452   -4.879  -5.385  1.00 38.79 ? 37  G   B N9    1 
ATOM   718  C C8    . G   B 2 12 ? 3.759   -5.606  -4.452  1.00 37.91 ? 37  G   B C8    1 
ATOM   719  N N7    . G   B 2 12 ? 3.525   -4.936  -3.354  1.00 39.59 ? 37  G   B N7    1 
ATOM   720  C C5    . G   B 2 12 ? 4.095   -3.692  -3.585  1.00 39.28 ? 37  G   B C5    1 
ATOM   721  C C6    . G   B 2 12 ? 4.155   -2.535  -2.756  1.00 39.28 ? 37  G   B C6    1 
ATOM   722  O O6    . G   B 2 12 ? 3.674   -2.364  -1.623  1.00 38.34 ? 37  G   B O6    1 
ATOM   723  N N1    . G   B 2 12 ? 4.853   -1.503  -3.375  1.00 38.24 ? 37  G   B N1    1 
ATOM   724  C C2    . G   B 2 12 ? 5.411   -1.564  -4.626  1.00 38.63 ? 37  G   B C2    1 
ATOM   725  N N2    . G   B 2 12 ? 6.067   -0.463  -5.039  1.00 37.93 ? 37  G   B N2    1 
ATOM   726  N N3    . G   B 2 12 ? 5.341   -2.624  -5.414  1.00 39.16 ? 37  G   B N3    1 
ATOM   727  C C4    . G   B 2 12 ? 4.676   -3.645  -4.832  1.00 39.18 ? 37  G   B C4    1 
ATOM   728  P P     . U   B 2 13 ? 9.161   -7.363  -5.964  1.00 43.08 ? 38  U   B P     1 
ATOM   729  O OP1   . U   B 2 13 ? 10.214  -8.099  -6.701  1.00 45.51 ? 38  U   B OP1   1 
ATOM   730  O OP2   . U   B 2 13 ? 8.735   -7.836  -4.621  1.00 44.70 ? 38  U   B OP2   1 
ATOM   731  O "O5'" . U   B 2 13 ? 9.587   -5.833  -5.854  1.00 42.15 ? 38  U   B "O5'" 1 
ATOM   732  C "C5'" . U   B 2 13 ? 10.140  -5.154  -6.967  1.00 41.77 ? 38  U   B "C5'" 1 
ATOM   733  C "C4'" . U   B 2 13 ? 10.457  -3.731  -6.602  1.00 41.49 ? 38  U   B "C4'" 1 
ATOM   734  O "O4'" . U   B 2 13 ? 9.236   -3.063  -6.198  1.00 42.35 ? 38  U   B "O4'" 1 
ATOM   735  C "C3'" . U   B 2 13 ? 11.380  -3.551  -5.410  1.00 42.84 ? 38  U   B "C3'" 1 
ATOM   736  O "O3'" . U   B 2 13 ? 12.748  -3.680  -5.783  1.00 44.14 ? 38  U   B "O3'" 1 
ATOM   737  C "C2'" . U   B 2 13 ? 11.033  -2.141  -4.969  1.00 41.31 ? 38  U   B "C2'" 1 
ATOM   738  O "O2'" . U   B 2 13 ? 11.582  -1.159  -5.819  1.00 41.13 ? 38  U   B "O2'" 1 
ATOM   739  C "C1'" . U   B 2 13 ? 9.520   -2.146  -5.151  1.00 41.26 ? 38  U   B "C1'" 1 
ATOM   740  N N1    . U   B 2 13 ? 8.807   -2.582  -3.940  1.00 41.50 ? 38  U   B N1    1 
ATOM   741  C C2    . U   B 2 13 ? 8.572   -1.629  -2.966  1.00 40.46 ? 38  U   B C2    1 
ATOM   742  O O2    . U   B 2 13 ? 8.974   -0.476  -3.063  1.00 38.09 ? 38  U   B O2    1 
ATOM   743  N N3    . U   B 2 13 ? 7.857   -2.073  -1.878  1.00 38.48 ? 38  U   B N3    1 
ATOM   744  C C4    . U   B 2 13 ? 7.379   -3.357  -1.661  1.00 40.26 ? 38  U   B C4    1 
ATOM   745  O O4    . U   B 2 13 ? 6.737   -3.598  -0.636  1.00 39.02 ? 38  U   B O4    1 
ATOM   746  C C5    . U   B 2 13 ? 7.690   -4.296  -2.701  1.00 38.39 ? 38  U   B C5    1 
ATOM   747  C C6    . U   B 2 13 ? 8.375   -3.888  -3.780  1.00 39.59 ? 38  U   B C6    1 
ATOM   748  P P     . G   B 2 14 ? 13.797  -4.302  -4.740  1.00 46.33 ? 39  G   B P     1 
ATOM   749  O OP1   . G   B 2 14 ? 15.048  -4.559  -5.491  1.00 47.59 ? 39  G   B OP1   1 
ATOM   750  O OP2   . G   B 2 14 ? 13.155  -5.412  -3.980  1.00 44.30 ? 39  G   B OP2   1 
ATOM   751  O "O5'" . G   B 2 14 ? 14.053  -3.117  -3.709  1.00 46.61 ? 39  G   B "O5'" 1 
ATOM   752  C "C5'" . G   B 2 14 ? 14.655  -1.901  -4.125  1.00 48.11 ? 39  G   B "C5'" 1 
ATOM   753  C "C4'" . G   B 2 14 ? 14.745  -0.944  -2.959  1.00 49.44 ? 39  G   B "C4'" 1 
ATOM   754  O "O4'" . G   B 2 14 ? 13.423  -0.432  -2.639  1.00 47.44 ? 39  G   B "O4'" 1 
ATOM   755  C "C3'" . G   B 2 14 ? 15.223  -1.554  -1.649  1.00 51.42 ? 39  G   B "C3'" 1 
ATOM   756  O "O3'" . G   B 2 14 ? 16.640  -1.673  -1.593  1.00 55.88 ? 39  G   B "O3'" 1 
ATOM   757  C "C2'" . G   B 2 14 ? 14.698  -0.542  -0.641  1.00 50.99 ? 39  G   B "C2'" 1 
ATOM   758  O "O2'" . G   B 2 14 ? 15.479  0.636   -0.590  1.00 54.57 ? 39  G   B "O2'" 1 
ATOM   759  C "C1'" . G   B 2 14 ? 13.330  -0.214  -1.239  1.00 47.84 ? 39  G   B "C1'" 1 
ATOM   760  N N9    . G   B 2 14 ? 12.282  -1.074  -0.693  1.00 44.43 ? 39  G   B N9    1 
ATOM   761  C C8    . G   B 2 14 ? 11.843  -2.285  -1.176  1.00 43.00 ? 39  G   B C8    1 
ATOM   762  N N7    . G   B 2 14 ? 10.903  -2.822  -0.439  1.00 42.39 ? 39  G   B N7    1 
ATOM   763  C C5    . G   B 2 14 ? 10.711  -1.909  0.592   1.00 43.03 ? 39  G   B C5    1 
ATOM   764  C C6    . G   B 2 14 ? 9.833   -1.947  1.714   1.00 41.83 ? 39  G   B C6    1 
ATOM   765  O O6    . G   B 2 14 ? 9.027   -2.823  2.032   1.00 41.84 ? 39  G   B O6    1 
ATOM   766  N N1    . G   B 2 14 ? 9.967   -0.811  2.508   1.00 42.27 ? 39  G   B N1    1 
ATOM   767  C C2    . G   B 2 14 ? 10.844  0.225   2.265   1.00 42.41 ? 39  G   B C2    1 
ATOM   768  N N2    . G   B 2 14 ? 10.841  1.233   3.145   1.00 40.58 ? 39  G   B N2    1 
ATOM   769  N N3    . G   B 2 14 ? 11.667  0.265   1.235   1.00 42.38 ? 39  G   B N3    1 
ATOM   770  C C4    . G   B 2 14 ? 11.548  -0.822  0.444   1.00 43.92 ? 39  G   B C4    1 
ATOM   771  P P     . A   B 2 15 ? 17.317  -3.133  -1.653  1.00 59.43 ? 40  A   B P     1 
ATOM   772  O OP1   . A   B 2 15 ? 18.089  -3.201  -2.921  1.00 58.51 ? 40  A   B OP1   1 
ATOM   773  O OP2   . A   B 2 15 ? 16.268  -4.159  -1.379  1.00 57.38 ? 40  A   B OP2   1 
ATOM   774  O "O5'" . A   B 2 15 ? 18.357  -3.161  -0.441  1.00 58.16 ? 40  A   B "O5'" 1 
ATOM   775  C "C5'" . A   B 2 15 ? 19.045  -4.373  -0.123  1.00 58.03 ? 40  A   B "C5'" 1 
ATOM   776  C "C4'" . A   B 2 15 ? 20.114  -4.133  0.918   1.00 58.66 ? 40  A   B "C4'" 1 
ATOM   777  O "O4'" . A   B 2 15 ? 21.064  -3.156  0.424   1.00 58.42 ? 40  A   B "O4'" 1 
ATOM   778  C "C3'" . A   B 2 15 ? 19.661  -3.551  2.245   1.00 57.32 ? 40  A   B "C3'" 1 
ATOM   779  O "O3'" . A   B 2 15 ? 19.184  -4.584  3.097   1.00 56.50 ? 40  A   B "O3'" 1 
ATOM   780  C "C2'" . A   B 2 15 ? 20.960  -2.976  2.795   1.00 56.95 ? 40  A   B "C2'" 1 
ATOM   781  O "O2'" . A   B 2 15 ? 21.773  -3.972  3.380   1.00 58.63 ? 40  A   B "O2'" 1 
ATOM   782  C "C1'" . A   B 2 15 ? 21.637  -2.470  1.520   1.00 56.73 ? 40  A   B "C1'" 1 
ATOM   783  N N9    . A   B 2 15 ? 21.491  -1.037  1.293   1.00 56.15 ? 40  A   B N9    1 
ATOM   784  C C8    . A   B 2 15 ? 20.466  -0.363  0.678   1.00 55.70 ? 40  A   B C8    1 
ATOM   785  N N7    . A   B 2 15 ? 20.663  0.930   0.595   1.00 55.09 ? 40  A   B N7    1 
ATOM   786  C C5    . A   B 2 15 ? 21.899  1.120   1.201   1.00 55.91 ? 40  A   B C5    1 
ATOM   787  C C6    . A   B 2 15 ? 22.680  2.271   1.432   1.00 57.82 ? 40  A   B C6    1 
ATOM   788  N N6    . A   B 2 15 ? 22.329  3.501   1.036   1.00 58.26 ? 40  A   B N6    1 
ATOM   789  N N1    . A   B 2 15 ? 23.851  2.113   2.089   1.00 57.84 ? 40  A   B N1    1 
ATOM   790  C C2    . A   B 2 15 ? 24.212  0.878   2.473   1.00 56.70 ? 40  A   B C2    1 
ATOM   791  N N3    . A   B 2 15 ? 23.573  -0.275  2.303   1.00 55.96 ? 40  A   B N3    1 
ATOM   792  C C4    . A   B 2 15 ? 22.409  -0.081  1.653   1.00 55.81 ? 40  A   B C4    1 
ATOM   793  P P     . A   B 2 16 ? 17.885  -4.328  4.013   1.00 56.81 ? 41  A   B P     1 
ATOM   794  O OP1   . A   B 2 16 ? 17.192  -5.638  4.134   1.00 52.72 ? 41  A   B OP1   1 
ATOM   795  O OP2   . A   B 2 16 ? 17.138  -3.138  3.498   1.00 52.25 ? 41  A   B OP2   1 
ATOM   796  O "O5'" . A   B 2 16 ? 18.467  -3.895  5.436   1.00 52.87 ? 41  A   B "O5'" 1 
ATOM   797  C "C5'" . A   B 2 16 ? 19.473  -4.646  6.113   1.00 50.92 ? 41  A   B "C5'" 1 
ATOM   798  C "C4'" . A   B 2 16 ? 20.224  -3.731  7.057   1.00 50.08 ? 41  A   B "C4'" 1 
ATOM   799  O "O4'" . A   B 2 16 ? 21.016  -2.795  6.272   1.00 47.86 ? 41  A   B "O4'" 1 
ATOM   800  C "C3'" . A   B 2 16 ? 19.307  -2.839  7.879   1.00 49.52 ? 41  A   B "C3'" 1 
ATOM   801  O "O3'" . A   B 2 16 ? 18.848  -3.508  9.046   1.00 50.66 ? 41  A   B "O3'" 1 
ATOM   802  C "C2'" . A   B 2 16 ? 20.187  -1.629  8.180   1.00 48.36 ? 41  A   B "C2'" 1 
ATOM   803  O "O2'" . A   B 2 16 ? 21.065  -1.802  9.276   1.00 47.09 ? 41  A   B "O2'" 1 
ATOM   804  C "C1'" . A   B 2 16 ? 21.004  -1.518  6.892   1.00 46.27 ? 41  A   B "C1'" 1 
ATOM   805  N N9    . A   B 2 16 ? 20.479  -0.541  5.937   1.00 45.57 ? 41  A   B N9    1 
ATOM   806  C C8    . A   B 2 16 ? 19.255  -0.534  5.313   1.00 45.68 ? 41  A   B C8    1 
ATOM   807  N N7    . A   B 2 16 ? 19.076  0.489   4.514   1.00 45.28 ? 41  A   B N7    1 
ATOM   808  C C5    . A   B 2 16 ? 20.263  1.203   4.611   1.00 45.69 ? 41  A   B C5    1 
ATOM   809  C C6    . A   B 2 16 ? 20.713  2.394   3.999   1.00 46.22 ? 41  A   B C6    1 
ATOM   810  N N6    . A   B 2 16 ? 19.987  3.113   3.143   1.00 45.17 ? 41  A   B N6    1 
ATOM   811  N N1    . A   B 2 16 ? 21.956  2.828   4.307   1.00 46.21 ? 41  A   B N1    1 
ATOM   812  C C2    . A   B 2 16 ? 22.685  2.115   5.175   1.00 45.04 ? 41  A   B C2    1 
ATOM   813  N N3    . A   B 2 16 ? 22.373  0.989   5.815   1.00 45.24 ? 41  A   B N3    1 
ATOM   814  C C4    . A   B 2 16 ? 21.136  0.579   5.485   1.00 45.41 ? 41  A   B C4    1 
ATOM   815  P P     . G   B 2 17 ? 17.296  -3.920  9.161   1.00 53.51 ? 42  G   B P     1 
ATOM   816  O OP1   . G   B 2 17 ? 17.136  -5.309  8.641   1.00 50.04 ? 42  G   B OP1   1 
ATOM   817  O OP2   . G   B 2 17 ? 16.515  -2.808  8.555   1.00 49.93 ? 42  G   B OP2   1 
ATOM   818  O "O5'" . G   B 2 17 ? 16.990  -3.928  10.725  1.00 52.14 ? 42  G   B "O5'" 1 
ATOM   819  C "C5'" . G   B 2 17 ? 17.125  -2.740  11.500  1.00 50.66 ? 42  G   B "C5'" 1 
ATOM   820  C "C4'" . G   B 2 17 ? 15.837  -2.440  12.221  1.00 50.45 ? 42  G   B "C4'" 1 
ATOM   821  O "O4'" . G   B 2 17 ? 14.874  -1.864  11.298  1.00 47.78 ? 42  G   B "O4'" 1 
ATOM   822  C "C3'" . G   B 2 17 ? 15.114  -3.650  12.791  1.00 50.13 ? 42  G   B "C3'" 1 
ATOM   823  O "O3'" . G   B 2 17 ? 15.644  -4.094  14.033  1.00 50.71 ? 42  G   B "O3'" 1 
ATOM   824  C "C2'" . G   B 2 17 ? 13.703  -3.111  12.924  1.00 49.69 ? 42  G   B "C2'" 1 
ATOM   825  O "O2'" . G   B 2 17 ? 13.581  -2.212  14.001  1.00 52.25 ? 42  G   B "O2'" 1 
ATOM   826  C "C1'" . G   B 2 17 ? 13.571  -2.342  11.613  1.00 49.04 ? 42  G   B "C1'" 1 
ATOM   827  N N9    . G   B 2 17 ? 13.147  -3.236  10.540  1.00 48.96 ? 42  G   B N9    1 
ATOM   828  C C8    . G   B 2 17 ? 13.818  -3.482  9.366   1.00 49.93 ? 42  G   B C8    1 
ATOM   829  N N7    . G   B 2 17 ? 13.207  -4.339  8.594   1.00 49.69 ? 42  G   B N7    1 
ATOM   830  C C5    . G   B 2 17 ? 12.062  -4.686  9.300   1.00 48.00 ? 42  G   B C5    1 
ATOM   831  C C6    . G   B 2 17 ? 11.012  -5.587  8.966   1.00 46.30 ? 42  G   B C6    1 
ATOM   832  O O6    . G   B 2 17 ? 10.895  -6.293  7.956   1.00 44.52 ? 42  G   B O6    1 
ATOM   833  N N1    . G   B 2 17 ? 10.034  -5.625  9.959   1.00 45.98 ? 42  G   B N1    1 
ATOM   834  C C2    . G   B 2 17 ? 10.066  -4.902  11.127  1.00 47.21 ? 42  G   B C2    1 
ATOM   835  N N2    . G   B 2 17 ? 9.019   -5.068  11.952  1.00 46.48 ? 42  G   B N2    1 
ATOM   836  N N3    . G   B 2 17 ? 11.050  -4.072  11.459  1.00 48.27 ? 42  G   B N3    1 
ATOM   837  C C4    . G   B 2 17 ? 12.006  -4.011  10.504  1.00 47.94 ? 42  G   B C4    1 
ATOM   838  P P     . U   B 2 18 ? 15.627  -5.667  14.382  1.00 52.28 ? 43  U   B P     1 
ATOM   839  O OP1   . U   B 2 18 ? 16.240  -5.866  15.716  1.00 52.99 ? 43  U   B OP1   1 
ATOM   840  O OP2   . U   B 2 18 ? 16.165  -6.406  13.213  1.00 53.25 ? 43  U   B OP2   1 
ATOM   841  O "O5'" . U   B 2 18 ? 14.082  -6.015  14.516  1.00 50.76 ? 43  U   B "O5'" 1 
ATOM   842  C "C5'" . U   B 2 18 ? 13.285  -5.421  15.529  1.00 47.85 ? 43  U   B "C5'" 1 
ATOM   843  C "C4'" . U   B 2 18 ? 11.945  -6.105  15.595  1.00 48.17 ? 43  U   B "C4'" 1 
ATOM   844  O "O4'" . U   B 2 18 ? 11.257  -5.906  14.335  1.00 48.45 ? 43  U   B "O4'" 1 
ATOM   845  C "C3'" . U   B 2 18 ? 12.004  -7.616  15.742  1.00 49.09 ? 43  U   B "C3'" 1 
ATOM   846  O "O3'" . U   B 2 18 ? 12.162  -7.996  17.097  1.00 48.32 ? 43  U   B "O3'" 1 
ATOM   847  C "C2'" . U   B 2 18 ? 10.658  -8.045  15.173  1.00 49.15 ? 43  U   B "C2'" 1 
ATOM   848  O "O2'" . U   B 2 18 ? 9.581   -7.872  16.073  1.00 49.14 ? 43  U   B "O2'" 1 
ATOM   849  C "C1'" . U   B 2 18 ? 10.512  -7.071  14.006  1.00 48.78 ? 43  U   B "C1'" 1 
ATOM   850  N N1    . U   B 2 18 ? 11.043  -7.624  12.752  1.00 48.33 ? 43  U   B N1    1 
ATOM   851  C C2    . U   B 2 18 ? 10.234  -8.499  12.054  1.00 48.01 ? 43  U   B C2    1 
ATOM   852  O O2    . U   B 2 18 ? 9.132   -8.837  12.446  1.00 50.49 ? 43  U   B O2    1 
ATOM   853  N N3    . U   B 2 18 ? 10.764  -8.969  10.883  1.00 46.24 ? 43  U   B N3    1 
ATOM   854  C C4    . U   B 2 18 ? 11.993  -8.673  10.351  1.00 47.82 ? 43  U   B C4    1 
ATOM   855  O O4    . U   B 2 18 ? 12.313  -9.173  9.275   1.00 47.51 ? 43  U   B O4    1 
ATOM   856  C C5    . U   B 2 18 ? 12.787  -7.770  11.139  1.00 48.28 ? 43  U   B C5    1 
ATOM   857  C C6    . U   B 2 18 ? 12.293  -7.286  12.285  1.00 47.61 ? 43  U   B C6    1 
ATOM   858  P P     . C   B 2 19 ? 12.878  -9.390  17.454  1.00 50.85 ? 44  C   B P     1 
ATOM   859  O OP1   . C   B 2 19 ? 13.179  -9.352  18.907  1.00 49.50 ? 44  C   B OP1   1 
ATOM   860  O OP2   . C   B 2 19 ? 13.970  -9.662  16.485  1.00 48.36 ? 44  C   B OP2   1 
ATOM   861  O "O5'" . C   B 2 19 ? 11.728  -10.464 17.238  1.00 48.25 ? 44  C   B "O5'" 1 
ATOM   862  C "C5'" . C   B 2 19 ? 10.617  -10.509 18.116  1.00 46.91 ? 44  C   B "C5'" 1 
ATOM   863  C "C4'" . C   B 2 19 ? 9.624   -11.520 17.620  1.00 47.52 ? 44  C   B "C4'" 1 
ATOM   864  O "O4'" . C   B 2 19 ? 9.221   -11.125 16.281  1.00 46.69 ? 44  C   B "O4'" 1 
ATOM   865  C "C3'" . C   B 2 19 ? 10.170  -12.928 17.424  1.00 48.08 ? 44  C   B "C3'" 1 
ATOM   866  O "O3'" . C   B 2 19 ? 10.185  -13.679 18.630  1.00 48.32 ? 44  C   B "O3'" 1 
ATOM   867  C "C2'" . C   B 2 19 ? 9.182   -13.491 16.411  1.00 46.81 ? 44  C   B "C2'" 1 
ATOM   868  O "O2'" . C   B 2 19 ? 7.930   -13.821 16.994  1.00 47.14 ? 44  C   B "O2'" 1 
ATOM   869  C "C1'" . C   B 2 19 ? 9.011   -12.285 15.485  1.00 46.89 ? 44  C   B "C1'" 1 
ATOM   870  N N1    . C   B 2 19 ? 9.963   -12.268 14.348  1.00 45.39 ? 44  C   B N1    1 
ATOM   871  C C2    . C   B 2 19 ? 9.602   -12.941 13.174  1.00 43.75 ? 44  C   B C2    1 
ATOM   872  O O2    . C   B 2 19 ? 8.516   -13.520 13.132  1.00 42.78 ? 44  C   B O2    1 
ATOM   873  N N3    . C   B 2 19 ? 10.444  -12.937 12.114  1.00 43.95 ? 44  C   B N3    1 
ATOM   874  C C4    . C   B 2 19 ? 11.608  -12.288 12.191  1.00 42.84 ? 44  C   B C4    1 
ATOM   875  N N4    . C   B 2 19 ? 12.389  -12.302 11.114  1.00 37.10 ? 44  C   B N4    1 
ATOM   876  C C5    . C   B 2 19 ? 12.013  -11.596 13.380  1.00 42.59 ? 44  C   B C5    1 
ATOM   877  C C6    . C   B 2 19 ? 11.165  -11.614 14.426  1.00 43.35 ? 44  C   B C6    1 
ATOM   878  P P     . G   B 2 20 ? 11.217  -14.909 18.797  1.00 52.65 ? 45  G   B P     1 
ATOM   879  O OP1   . G   B 2 20 ? 10.700  -15.681 19.957  1.00 53.62 ? 45  G   B OP1   1 
ATOM   880  O OP2   . G   B 2 20 ? 12.623  -14.436 18.792  1.00 51.05 ? 45  G   B OP2   1 
ATOM   881  O "O5'" . G   B 2 20 ? 11.025  -15.819 17.496  1.00 52.50 ? 45  G   B "O5'" 1 
ATOM   882  C "C5'" . G   B 2 20 ? 9.974   -16.772 17.453  1.00 50.51 ? 45  G   B "C5'" 1 
ATOM   883  C "C4'" . G   B 2 20 ? 9.770   -17.325 16.053  1.00 49.92 ? 45  G   B "C4'" 1 
ATOM   884  O "O4'" . G   B 2 20 ? 9.973   -16.301 15.040  1.00 48.33 ? 45  G   B "O4'" 1 
ATOM   885  C "C3'" . G   B 2 20 ? 10.664  -18.435 15.527  1.00 48.59 ? 45  G   B "C3'" 1 
ATOM   886  O "O3'" . G   B 2 20 ? 10.354  -19.692 16.128  1.00 51.93 ? 45  G   B "O3'" 1 
ATOM   887  C "C2'" . G   B 2 20 ? 10.239  -18.443 14.062  1.00 46.95 ? 45  G   B "C2'" 1 
ATOM   888  O "O2'" . G   B 2 20 ? 8.969   -19.036 13.892  1.00 44.45 ? 45  G   B "O2'" 1 
ATOM   889  C "C1'" . G   B 2 20 ? 10.092  -16.946 13.781  1.00 46.38 ? 45  G   B "C1'" 1 
ATOM   890  N N9    . G   B 2 20 ? 11.237  -16.423 13.047  1.00 43.28 ? 45  G   B N9    1 
ATOM   891  C C8    . G   B 2 20 ? 12.221  -15.572 13.481  1.00 43.50 ? 45  G   B C8    1 
ATOM   892  N N7    . G   B 2 20 ? 13.111  -15.308 12.556  1.00 44.43 ? 45  G   B N7    1 
ATOM   893  C C5    . G   B 2 20 ? 12.680  -16.025 11.447  1.00 41.64 ? 45  G   B C5    1 
ATOM   894  C C6    . G   B 2 20 ? 13.227  -16.126 10.135  1.00 42.88 ? 45  G   B C6    1 
ATOM   895  O O6    . G   B 2 20 ? 14.231  -15.565 9.663   1.00 42.78 ? 45  G   B O6    1 
ATOM   896  N N1    . G   B 2 20 ? 12.473  -16.981 9.333   1.00 41.92 ? 45  G   B N1    1 
ATOM   897  C C2    . G   B 2 20 ? 11.343  -17.647 9.734   1.00 41.22 ? 45  G   B C2    1 
ATOM   898  N N2    . G   B 2 20 ? 10.768  -18.438 8.826   1.00 38.09 ? 45  G   B N2    1 
ATOM   899  N N3    . G   B 2 20 ? 10.815  -17.545 10.941  1.00 40.97 ? 45  G   B N3    1 
ATOM   900  C C4    . G   B 2 20 ? 11.531  -16.724 11.738  1.00 42.90 ? 45  G   B C4    1 
ATOM   901  P P     . C   B 2 21 ? 11.385  -20.928 15.996  1.00 52.01 ? 46  C   B P     1 
ATOM   902  O OP1   . C   B 2 21 ? 10.862  -22.004 16.870  1.00 52.77 ? 46  C   B OP1   1 
ATOM   903  O OP2   . C   B 2 21 ? 12.783  -20.452 16.167  1.00 50.73 ? 46  C   B OP2   1 
ATOM   904  O "O5'" . C   B 2 21 ? 11.222  -21.424 14.486  1.00 50.96 ? 46  C   B "O5'" 1 
ATOM   905  C "C5'" . C   B 2 21 ? 9.969   -21.907 14.006  1.00 46.97 ? 46  C   B "C5'" 1 
ATOM   906  C "C4'" . C   B 2 21 ? 10.117  -22.409 12.586  1.00 46.78 ? 46  C   B "C4'" 1 
ATOM   907  O "O4'" . C   B 2 21 ? 10.471  -21.306 11.716  1.00 46.59 ? 46  C   B "O4'" 1 
ATOM   908  C "C3'" . C   B 2 21 ? 11.232  -23.416 12.363  1.00 45.84 ? 46  C   B "C3'" 1 
ATOM   909  O "O3'" . C   B 2 21 ? 10.848  -24.734 12.774  1.00 44.96 ? 46  C   B "O3'" 1 
ATOM   910  C "C2'" . C   B 2 21 ? 11.508  -23.279 10.869  1.00 45.74 ? 46  C   B "C2'" 1 
ATOM   911  O "O2'" . C   B 2 21 ? 10.588  -24.009 10.081  1.00 44.51 ? 46  C   B "O2'" 1 
ATOM   912  C "C1'" . C   B 2 21 ? 11.276  -21.781 10.650  1.00 46.43 ? 46  C   B "C1'" 1 
ATOM   913  N N1    . C   B 2 21 ? 12.499  -20.969 10.596  1.00 43.71 ? 46  C   B N1    1 
ATOM   914  C C2    . C   B 2 21 ? 13.226  -20.926 9.405   1.00 44.60 ? 46  C   B C2    1 
ATOM   915  O O2    . C   B 2 21 ? 12.829  -21.588 8.432   1.00 42.28 ? 46  C   B O2    1 
ATOM   916  N N3    . C   B 2 21 ? 14.346  -20.167 9.339   1.00 45.18 ? 46  C   B N3    1 
ATOM   917  C C4    . C   B 2 21 ? 14.742  -19.472 10.405  1.00 46.05 ? 46  C   B C4    1 
ATOM   918  N N4    . C   B 2 21 ? 15.849  -18.726 10.289  1.00 48.03 ? 46  C   B N4    1 
ATOM   919  C C5    . C   B 2 21 ? 14.024  -19.503 11.636  1.00 44.84 ? 46  C   B C5    1 
ATOM   920  C C6    . C   B 2 21 ? 12.917  -20.257 11.685  1.00 46.06 ? 46  C   B C6    1 
HETATM 921  C C11   . SIS C 3 .  ? 12.057  -4.784  3.581   1.00 34.75 ? 101 SIS A C11   1 
HETATM 922  C C12   . SIS C 3 .  ? 13.913  -8.967  6.448   1.00 35.32 ? 101 SIS A C12   1 
HETATM 923  C C13   . SIS C 3 .  ? 10.933  -10.688 6.185   1.00 32.73 ? 101 SIS A C13   1 
HETATM 924  C C21   . SIS C 3 .  ? 12.479  -4.536  2.085   1.00 36.15 ? 101 SIS A C21   1 
HETATM 925  C C22   . SIS C 3 .  ? 14.482  -7.582  6.989   1.00 33.29 ? 101 SIS A C22   1 
HETATM 926  C C23   . SIS C 3 .  ? 11.188  -12.197 5.969   1.00 35.09 ? 101 SIS A C23   1 
HETATM 927  C C31   . SIS C 3 .  ? 13.679  -3.508  2.018   1.00 34.06 ? 101 SIS A C31   1 
HETATM 928  C C32   . SIS C 3 .  ? 14.503  -6.530  5.808   1.00 35.38 ? 101 SIS A C32   1 
HETATM 929  C C33   . SIS C 3 .  ? 11.082  -12.491 4.410   1.00 33.46 ? 101 SIS A C33   1 
HETATM 930  C C41   . SIS C 3 .  ? 13.501  -2.335  3.042   1.00 35.28 ? 101 SIS A C41   1 
HETATM 931  C C42   . SIS C 3 .  ? 13.060  -6.340  5.242   1.00 36.62 ? 101 SIS A C42   1 
HETATM 932  C C43   . SIS C 3 .  ? 9.604   -12.107 3.901   1.00 34.00 ? 101 SIS A C43   1 
HETATM 933  C C51   . SIS C 3 .  ? 12.584  -2.404  4.029   1.00 35.90 ? 101 SIS A C51   1 
HETATM 934  C C52   . SIS C 3 .  ? 12.485  -7.739  4.744   1.00 37.34 ? 101 SIS A C52   1 
HETATM 935  C C53   . SIS C 3 .  ? 9.341   -10.584 4.189   1.00 32.35 ? 101 SIS A C53   1 
HETATM 936  C C61   . SIS C 3 .  ? 12.380  -1.267  5.055   1.00 36.51 ? 101 SIS A C61   1 
HETATM 937  C C62   . SIS C 3 .  ? 12.468  -8.765  5.940   1.00 35.86 ? 101 SIS A C62   1 
HETATM 938  C C83   . SIS C 3 .  ? 9.328   -12.328 2.388   1.00 34.59 ? 101 SIS A C83   1 
HETATM 939  C C93   . SIS C 3 .  ? 12.733  -14.288 3.814   1.00 34.32 ? 101 SIS A C93   1 
HETATM 940  N N12   . SIS C 3 .  ? 13.883  -9.930  7.507   1.00 34.65 ? 101 SIS A N12   1 
HETATM 941  N N21   . SIS C 3 .  ? 12.848  -5.827  1.492   1.00 33.46 ? 101 SIS A N21   1 
HETATM 942  N N32   . SIS C 3 .  ? 15.011  -5.218  6.284   1.00 35.56 ? 101 SIS A N32   1 
HETATM 943  N N33   . SIS C 3 .  ? 11.340  -13.935 4.153   1.00 33.99 ? 101 SIS A N33   1 
HETATM 944  N N61   . SIS C 3 .  ? 12.544  -1.804  6.393   1.00 34.36 ? 101 SIS A N61   1 
HETATM 945  O O11   . SIS C 3 .  ? 13.162  -5.418  4.184   1.00 36.00 ? 101 SIS A O11   1 
HETATM 946  O O23   . SIS C 3 .  ? 12.467  -12.528 6.463   1.00 32.83 ? 101 SIS A O23   1 
HETATM 947  O O43   . SIS C 3 .  ? 8.623   -12.885 4.565   1.00 34.96 ? 101 SIS A O43   1 
HETATM 948  O O51   . SIS C 3 .  ? 11.715  -3.528  4.218   1.00 38.63 ? 101 SIS A O51   1 
HETATM 949  O O52   . SIS C 3 .  ? 11.147  -7.549  4.275   1.00 34.68 ? 101 SIS A O52   1 
HETATM 950  O O53   . SIS C 3 .  ? 9.597   -10.288 5.660   1.00 34.11 ? 101 SIS A O53   1 
HETATM 951  O O62   . SIS C 3 .  ? 11.974  -9.988  5.482   1.00 38.78 ? 101 SIS A O62   1 
HETATM 952  C C11   . SIS D 3 .  ? -13.157 5.668   -5.265  1.00 48.54 ? 101 SIS B C11   1 
HETATM 953  C C12   . SIS D 3 .  ? -14.440 10.875  -6.159  1.00 49.04 ? 101 SIS B C12   1 
HETATM 954  C C13   . SIS D 3 .  ? -11.106 11.866  -6.518  1.00 55.67 ? 101 SIS B C13   1 
HETATM 955  C C21   . SIS D 3 .  ? -13.245 4.447   -6.246  1.00 49.08 ? 101 SIS B C21   1 
HETATM 956  C C22   . SIS D 3 .  ? -15.439 10.164  -5.167  1.00 47.58 ? 101 SIS B C22   1 
HETATM 957  C C23   . SIS D 3 .  ? -11.104 12.957  -7.633  1.00 56.85 ? 101 SIS B C23   1 
HETATM 958  C C31   . SIS D 3 .  ? -14.661 3.782   -6.140  1.00 47.32 ? 101 SIS B C31   1 
HETATM 959  C C32   . SIS D 3 .  ? -15.496 8.615   -5.518  1.00 50.09 ? 101 SIS B C32   1 
HETATM 960  C C33   . SIS D 3 .  ? -10.751 12.225  -9.003  1.00 57.79 ? 101 SIS B C33   1 
HETATM 961  C C41   . SIS D 3 .  ? -15.063 3.567   -4.653  1.00 46.88 ? 101 SIS B C41   1 
HETATM 962  C C42   . SIS D 3 .  ? -14.037 7.987   -5.391  1.00 48.68 ? 101 SIS B C42   1 
HETATM 963  C C43   . SIS D 3 .  ? -9.272  11.554  -8.885  1.00 57.13 ? 101 SIS B C43   1 
HETATM 964  C C51   . SIS D 3 .  ? -14.467 4.258   -3.669  1.00 48.85 ? 101 SIS B C51   1 
HETATM 965  C C52   . SIS D 3 .  ? -13.054 8.743   -6.380  1.00 49.20 ? 101 SIS B C52   1 
HETATM 966  C C53   . SIS D 3 .  ? -9.260  10.533  -7.697  1.00 57.11 ? 101 SIS B C53   1 
HETATM 967  C C61   . SIS D 3 .  ? -14.850 4.056   -2.184  1.00 48.39 ? 101 SIS B C61   1 
HETATM 968  C C62   . SIS D 3 .  ? -13.011 10.272  -6.020  1.00 49.28 ? 101 SIS B C62   1 
HETATM 969  C C83   . SIS D 3 .  ? -8.780  10.799  -10.131 1.00 57.47 ? 101 SIS B C83   1 
HETATM 970  C C93   . SIS D 3 .  ? -11.914 13.129  -11.059 1.00 56.92 ? 101 SIS B C93   1 
HETATM 971  N N12   . SIS D 3 .  ? -14.394 12.271  -5.848  1.00 47.08 ? 101 SIS B N12   1 
HETATM 972  N N21   . SIS D 3 .  ? -12.984 4.891   -7.610  1.00 50.88 ? 101 SIS B N21   1 
HETATM 973  N N32   . SIS D 3 .  ? -16.431 7.936   -4.591  1.00 48.37 ? 101 SIS B N32   1 
HETATM 974  N N33   . SIS D 3 .  ? -10.760 13.202  -10.143 1.00 59.24 ? 101 SIS B N33   1 
HETATM 975  N N61   . SIS D 3 .  ? -15.541 5.241   -1.695  1.00 52.71 ? 101 SIS B N61   1 
HETATM 976  O O11   . SIS D 3 .  ? -14.116 6.628   -5.729  1.00 51.15 ? 101 SIS B O11   1 
HETATM 977  O O23   . SIS D 3 .  ? -12.386 13.557  -7.694  1.00 57.78 ? 101 SIS B O23   1 
HETATM 978  O O43   . SIS D 3 .  ? -8.268  12.518  -8.633  1.00 56.70 ? 101 SIS B O43   1 
HETATM 979  O O51   . SIS D 3 .  ? -13.430 5.227   -3.901  1.00 50.36 ? 101 SIS B O51   1 
HETATM 980  O O52   . SIS D 3 .  ? -11.732 8.203   -6.257  1.00 45.45 ? 101 SIS B O52   1 
HETATM 981  O O53   . SIS D 3 .  ? -9.750  11.212  -6.429  1.00 55.70 ? 101 SIS B O53   1 
HETATM 982  O O62   . SIS D 3 .  ? -12.135 10.908  -6.920  1.00 53.23 ? 101 SIS B O62   1 
HETATM 983  O O     . HOH E 4 .  ? -10.297 3.348   -7.938  1.00 40.98 ? 201 HOH A O     1 
HETATM 984  O O     . HOH E 4 .  ? 9.234   -0.621  11.933  1.00 49.63 ? 202 HOH A O     1 
HETATM 985  O O     . HOH E 4 .  ? 13.524  -5.276  -1.100  1.00 35.33 ? 203 HOH A O     1 
HETATM 986  O O     . HOH E 4 .  ? 1.083   5.465   -5.378  1.00 45.63 ? 204 HOH A O     1 
HETATM 987  O O     . HOH E 4 .  ? 10.613  3.256   -0.335  1.00 37.04 ? 205 HOH A O     1 
HETATM 988  O O     . HOH E 4 .  ? -6.540  2.970   -5.230  1.00 45.31 ? 206 HOH A O     1 
HETATM 989  O O     . HOH E 4 .  ? -21.240 3.963   -3.441  1.00 40.01 ? 207 HOH A O     1 
HETATM 990  O O     . HOH E 4 .  ? 6.433   -18.121 9.780   1.00 37.43 ? 208 HOH A O     1 
HETATM 991  O O     . HOH E 4 .  ? 15.482  -6.897  2.099   1.00 42.18 ? 209 HOH A O     1 
HETATM 992  O O     . HOH E 4 .  ? 12.739  -10.546 1.734   1.00 43.08 ? 210 HOH A O     1 
HETATM 993  O O     . HOH E 4 .  ? 5.315   -10.548 5.237   1.00 41.68 ? 211 HOH A O     1 
HETATM 994  O O     . HOH E 4 .  ? 5.074   -4.411  3.541   1.00 58.21 ? 212 HOH A O     1 
HETATM 995  O O     . HOH E 4 .  ? 10.274  5.985   -0.565  1.00 48.98 ? 213 HOH A O     1 
HETATM 996  O O     . HOH E 4 .  ? 1.848   0.697   2.583   1.00 46.22 ? 214 HOH A O     1 
HETATM 997  O O     . HOH E 4 .  ? 2.338   8.208   -1.958  1.00 50.38 ? 215 HOH A O     1 
HETATM 998  O O     . HOH E 4 .  ? 17.400  -15.257 2.543   1.00 55.79 ? 216 HOH A O     1 
HETATM 999  O O     . HOH E 4 .  ? 7.935   -6.369  4.038   1.00 57.02 ? 217 HOH A O     1 
HETATM 1000 O O     . HOH E 4 .  ? 6.482   -8.496  3.860   1.00 48.78 ? 218 HOH A O     1 
HETATM 1001 O O     . HOH E 4 .  ? 8.920   -9.094  0.288   1.00 54.44 ? 219 HOH A O     1 
HETATM 1002 O O     . HOH E 4 .  ? -2.670  1.747   -3.744  1.00 52.02 ? 220 HOH A O     1 
HETATM 1003 O O     . HOH E 4 .  ? -20.220 -0.734  -12.595 1.00 49.40 ? 221 HOH A O     1 
HETATM 1004 O O     . HOH E 4 .  ? 2.420   -11.597 12.373  1.00 45.36 ? 222 HOH A O     1 
HETATM 1005 O O     . HOH E 4 .  ? -1.645  -8.968  10.812  1.00 59.14 ? 223 HOH A O     1 
HETATM 1006 O O     . HOH E 4 .  ? -0.105  -2.309  4.965   1.00 58.40 ? 224 HOH A O     1 
HETATM 1007 O O     . HOH E 4 .  ? -7.527  23.872  -10.000 1.00 47.68 ? 225 HOH A O     1 
HETATM 1008 O O     . HOH E 4 .  ? -20.110 -1.209  -14.943 1.00 58.62 ? 226 HOH A O     1 
HETATM 1009 O O     . HOH E 4 .  ? -15.679 10.600  4.244   1.00 55.09 ? 227 HOH A O     1 
HETATM 1010 O O     . HOH E 4 .  ? -16.850 8.320   4.529   1.00 60.29 ? 228 HOH A O     1 
HETATM 1011 O O     . HOH E 4 .  ? -7.907  -5.889  -7.805  1.00 50.86 ? 229 HOH A O     1 
HETATM 1012 O O     . HOH E 4 .  ? -1.658  -5.361  -10.887 1.00 56.40 ? 230 HOH A O     1 
HETATM 1013 O O     . HOH E 4 .  ? -0.360  3.109   -4.572  1.00 46.26 ? 231 HOH A O     1 
HETATM 1014 O O     . HOH F 4 .  ? 11.176  -8.426  1.882   1.00 39.91 ? 201 HOH B O     1 
HETATM 1015 O O     . HOH F 4 .  ? 18.316  0.569   -1.540  1.00 43.95 ? 202 HOH B O     1 
HETATM 1016 O O     . HOH F 4 .  ? 15.372  -2.432  6.128   1.00 33.47 ? 203 HOH B O     1 
HETATM 1017 O O     . HOH F 4 .  ? 15.225  -13.775 12.585  1.00 39.58 ? 204 HOH B O     1 
HETATM 1018 O O     . HOH F 4 .  ? 10.259  -5.523  -0.527  1.00 41.13 ? 205 HOH B O     1 
HETATM 1019 O O     . HOH F 4 .  ? -17.174 13.064  -7.056  1.00 43.39 ? 206 HOH B O     1 
HETATM 1020 O O     . HOH F 4 .  ? 13.010  -14.075 16.338  1.00 41.11 ? 207 HOH B O     1 
HETATM 1021 O O     . HOH F 4 .  ? 14.574  -12.725 8.698   1.00 39.83 ? 208 HOH B O     1 
HETATM 1022 O O     . HOH F 4 .  ? 23.691  -1.544  -1.075  1.00 45.09 ? 209 HOH B O     1 
HETATM 1023 O O     . HOH F 4 .  ? -17.604 5.799   -3.420  1.00 44.86 ? 210 HOH B O     1 
HETATM 1024 O O     . HOH F 4 .  ? -15.405 3.571   0.654   1.00 53.66 ? 211 HOH B O     1 
HETATM 1025 O O     . HOH F 4 .  ? 14.786  -9.156  14.062  1.00 44.78 ? 212 HOH B O     1 
HETATM 1026 O O     . HOH F 4 .  ? 8.635   -6.160  -10.922 1.00 47.78 ? 213 HOH B O     1 
HETATM 1027 O O     . HOH F 4 .  ? 8.861   -5.476  1.782   1.00 47.14 ? 214 HOH B O     1 
HETATM 1028 O O     . HOH F 4 .  ? 14.711  -11.899 16.051  1.00 48.73 ? 215 HOH B O     1 
HETATM 1029 O O     . HOH F 4 .  ? 13.066  2.826   0.300   1.00 47.53 ? 216 HOH B O     1 
HETATM 1030 O O     . HOH F 4 .  ? 17.099  2.728   2.371   1.00 54.90 ? 217 HOH B O     1 
HETATM 1031 O O     . HOH F 4 .  ? -11.033 6.960   -8.378  1.00 46.30 ? 218 HOH B O     1 
HETATM 1032 O O     . HOH F 4 .  ? -5.828  9.507   -10.656 1.00 60.38 ? 219 HOH B O     1 
HETATM 1033 O O     . HOH F 4 .  ? -15.788 14.796  -8.904  1.00 46.51 ? 220 HOH B O     1 
HETATM 1034 O O     . HOH F 4 .  ? -1.279  15.774  -9.574  1.00 61.20 ? 221 HOH B O     1 
HETATM 1035 O O     . HOH F 4 .  ? 18.060  -7.699  4.661   1.00 47.19 ? 222 HOH B O     1 
HETATM 1036 O O     . HOH F 4 .  ? 5.075   -5.434  0.421   1.00 51.97 ? 223 HOH B O     1 
HETATM 1037 O O     . HOH F 4 .  ? -18.649 3.451   -0.207  1.00 53.83 ? 224 HOH B O     1 
HETATM 1038 O O     . HOH F 4 .  ? 5.144   -11.556 16.240  1.00 52.98 ? 225 HOH B O     1 
HETATM 1039 O O     . HOH F 4 .  ? -6.134  0.912   5.698   1.00 57.35 ? 226 HOH B O     1 
HETATM 1040 O O     . HOH F 4 .  ? -2.695  5.094   8.482   1.00 59.18 ? 227 HOH B O     1 
HETATM 1041 O O     . HOH F 4 .  ? -16.332 14.195  -11.378 1.00 52.55 ? 228 HOH B O     1 
HETATM 1042 O O     . HOH F 4 .  ? -12.835 -5.164  -1.892  1.00 51.52 ? 229 HOH B O     1 
HETATM 1043 O O     . HOH F 4 .  ? 15.453  -16.515 19.293  1.00 62.38 ? 230 HOH B O     1 
HETATM 1044 O O     . HOH F 4 .  ? 12.000  3.900   3.382   1.00 52.74 ? 231 HOH B O     1 
HETATM 1045 O O     . HOH F 4 .  ? 14.909  -20.540 14.424  1.00 68.87 ? 232 HOH B O     1 
# 
